data_1I2D
#
_entry.id   1I2D
#
_cell.length_a   135.670
_cell.length_b   162.090
_cell.length_c   273.000
_cell.angle_alpha   90.00
_cell.angle_beta   90.00
_cell.angle_gamma   90.00
#
_symmetry.space_group_name_H-M   'I 2 2 2'
#
loop_
_entity.id
_entity.type
_entity.pdbx_description
1 polymer 'ATP SULFURYLASE'
2 non-polymer "ADENOSINE-5'-PHOSPHOSULFATE"
3 water water
#
_entity_poly.entity_id   1
_entity_poly.type   'polypeptide(L)'
_entity_poly.pdbx_seq_one_letter_code
;MANAPHGGVLKDLLARDAPRQAELAAEAESLPAVTLTERQLCDLELIMNGGFSPLEGFMNQADYDRVCEDNRLADGNVFS
MPITLDASQEVIDEKKLQAGSRITLRDFRDDRNLAILTIDDIYRPDKTKEAKLVFGGDPEHPAIVYLNNTVKEFYIGGKI
EAVNKLNHYDYVALRYTPAELRVHFDKLGWSRVVAFQTRNPMHRAHRELTVRAARSRQANVLIHPVVGLTKPGDIDHFTR
VRAYQALLPRYPNGMAVLGLLGLAMRMGGPREAIWHAIIRKNHGATHFIVGRDHAGPGSNSKGEDFYGPYDAQHAVEKYK
DELGIEVVEFQMVTYLPDTDEYRPVDQVPAGVKTLNISGTELRRRLRSGAHIPEWFSYPEVVKILRESNPPRATQGFTIF
LTGYMNSGKDAIARALQVTLNQQGGRSVSLLLGDTVRHELSSELGFTREDRHTNIQRIAFVATELTRAGAAVIAAPIAPY
EESRKFARDAVSQAGSFFLVHVATPLEHCEQSDKRGIYAAARRGEIKGFTGVDDPYETPEKADLVVDFSKQSVRSIVHEI
ILVLESQGFLERQ
;
_entity_poly.pdbx_strand_id   A,B,C
#
loop_
_chem_comp.id
_chem_comp.type
_chem_comp.name
_chem_comp.formula
ADX RNA linking ADENOSINE-5'-PHOSPHOSULFATE 'C10 H14 N5 O10 P S'
#
# COMPACT_ATOMS: atom_id res chain seq x y z
N ALA A 2 6.92 -14.29 -43.29
CA ALA A 2 7.32 -15.73 -43.12
C ALA A 2 8.77 -16.04 -43.54
N ASN A 3 9.08 -17.32 -43.56
CA ASN A 3 10.41 -17.85 -43.78
C ASN A 3 10.27 -19.28 -44.41
N ALA A 4 11.31 -19.76 -45.10
CA ALA A 4 11.20 -21.10 -45.73
C ALA A 4 11.25 -22.24 -44.75
N PRO A 5 10.47 -23.31 -44.99
CA PRO A 5 10.39 -24.51 -44.16
C PRO A 5 11.78 -25.10 -44.00
N HIS A 6 11.97 -25.89 -42.98
CA HIS A 6 13.26 -26.55 -42.72
C HIS A 6 13.42 -27.65 -43.72
N GLY A 7 14.51 -27.64 -44.49
CA GLY A 7 14.69 -28.66 -45.50
C GLY A 7 14.20 -28.17 -46.88
N GLY A 8 13.50 -27.03 -46.91
CA GLY A 8 13.05 -26.45 -48.16
C GLY A 8 11.65 -26.82 -48.62
N VAL A 9 11.14 -27.95 -48.16
CA VAL A 9 9.80 -28.32 -48.51
C VAL A 9 8.90 -28.47 -47.27
N LEU A 10 7.79 -27.75 -47.20
CA LEU A 10 6.90 -27.90 -46.05
C LEU A 10 6.19 -29.21 -46.27
N LYS A 11 6.40 -30.18 -45.39
CA LYS A 11 5.76 -31.52 -45.50
C LYS A 11 4.30 -31.57 -45.07
N ASP A 12 3.43 -30.76 -45.65
CA ASP A 12 2.02 -30.71 -45.32
C ASP A 12 1.30 -31.95 -45.94
N LEU A 13 1.43 -33.07 -45.25
CA LEU A 13 0.83 -34.33 -45.68
C LEU A 13 -0.70 -34.18 -45.85
N LEU A 14 -1.33 -33.37 -45.04
CA LEU A 14 -2.76 -33.20 -45.23
C LEU A 14 -3.09 -32.47 -46.52
N ALA A 15 -2.30 -31.47 -46.91
CA ALA A 15 -2.59 -30.79 -48.19
C ALA A 15 -2.22 -31.72 -49.35
N ARG A 16 -1.13 -32.46 -49.20
CA ARG A 16 -0.68 -33.38 -50.25
C ARG A 16 -1.77 -34.40 -50.59
N ASP A 17 -2.24 -35.10 -49.58
CA ASP A 17 -3.21 -36.15 -49.80
C ASP A 17 -4.66 -35.74 -49.82
N ALA A 18 -4.94 -34.45 -49.91
CA ALA A 18 -6.33 -34.03 -49.88
C ALA A 18 -7.14 -34.55 -51.06
N PRO A 19 -6.54 -34.59 -52.23
CA PRO A 19 -7.27 -35.09 -53.40
C PRO A 19 -7.61 -36.59 -53.33
N ARG A 20 -6.87 -37.36 -52.54
CA ARG A 20 -7.09 -38.79 -52.40
C ARG A 20 -7.87 -39.15 -51.13
N GLN A 21 -8.44 -38.17 -50.46
CA GLN A 21 -9.10 -38.38 -49.17
C GLN A 21 -10.11 -39.54 -49.13
N ALA A 22 -11.12 -39.45 -49.98
CA ALA A 22 -12.12 -40.51 -50.06
C ALA A 22 -11.47 -41.93 -50.17
N GLU A 23 -10.54 -42.10 -51.10
CA GLU A 23 -9.87 -43.38 -51.32
C GLU A 23 -9.10 -43.80 -50.12
N LEU A 24 -8.33 -42.87 -49.57
CA LEU A 24 -7.51 -43.25 -48.43
C LEU A 24 -8.37 -43.67 -47.28
N ALA A 25 -9.47 -42.95 -47.12
CA ALA A 25 -10.44 -43.21 -46.05
C ALA A 25 -10.93 -44.66 -46.17
N ALA A 26 -11.49 -44.96 -47.35
CA ALA A 26 -11.94 -46.29 -47.70
C ALA A 26 -10.84 -47.32 -47.42
N GLU A 27 -9.64 -47.13 -47.96
CA GLU A 27 -8.60 -48.10 -47.70
C GLU A 27 -8.29 -48.24 -46.22
N ALA A 28 -8.52 -47.19 -45.46
CA ALA A 28 -8.18 -47.20 -44.04
C ALA A 28 -9.14 -48.04 -43.20
N GLU A 29 -10.35 -48.19 -43.71
CA GLU A 29 -11.37 -48.99 -43.04
C GLU A 29 -10.92 -50.46 -43.10
N SER A 30 -10.02 -50.78 -44.02
CA SER A 30 -9.60 -52.16 -44.22
C SER A 30 -8.35 -52.65 -43.57
N LEU A 31 -7.43 -51.78 -43.20
CA LEU A 31 -6.21 -52.31 -42.65
C LEU A 31 -6.27 -52.47 -41.16
N PRO A 32 -5.30 -53.18 -40.63
CA PRO A 32 -5.30 -53.34 -39.18
C PRO A 32 -4.96 -51.96 -38.61
N ALA A 33 -5.80 -51.47 -37.70
CA ALA A 33 -5.60 -50.18 -37.06
C ALA A 33 -4.84 -50.21 -35.73
N VAL A 34 -4.02 -49.19 -35.50
CA VAL A 34 -3.32 -49.06 -34.23
C VAL A 34 -3.85 -47.74 -33.61
N THR A 35 -4.29 -47.82 -32.35
CA THR A 35 -4.80 -46.64 -31.65
C THR A 35 -3.70 -45.87 -30.89
N LEU A 36 -3.60 -44.59 -31.19
CA LEU A 36 -2.58 -43.77 -30.62
C LEU A 36 -2.80 -43.26 -29.20
N THR A 37 -1.68 -43.12 -28.51
CA THR A 37 -1.64 -42.56 -27.16
C THR A 37 -1.71 -41.04 -27.36
N GLU A 38 -1.98 -40.28 -26.29
CA GLU A 38 -2.02 -38.83 -26.44
C GLU A 38 -0.71 -38.24 -27.00
N ARG A 39 0.45 -38.66 -26.47
CA ARG A 39 1.70 -38.12 -27.01
C ARG A 39 1.97 -38.46 -28.49
N GLN A 40 1.52 -39.64 -28.94
CA GLN A 40 1.72 -40.03 -30.34
C GLN A 40 0.75 -39.22 -31.20
N LEU A 41 -0.39 -38.87 -30.64
CA LEU A 41 -1.33 -38.03 -31.35
C LEU A 41 -0.77 -36.59 -31.52
N CYS A 42 0.06 -36.10 -30.59
CA CYS A 42 0.61 -34.76 -30.74
C CYS A 42 1.63 -34.88 -31.85
N ASP A 43 2.44 -35.93 -31.78
CA ASP A 43 3.42 -36.08 -32.78
C ASP A 43 2.80 -36.25 -34.16
N LEU A 44 1.75 -37.06 -34.26
CA LEU A 44 1.14 -37.27 -35.57
C LEU A 44 0.57 -35.96 -36.12
N GLU A 45 0.03 -35.12 -35.25
CA GLU A 45 -0.57 -33.91 -35.76
C GLU A 45 0.48 -33.00 -36.40
N LEU A 46 1.63 -32.89 -35.72
CA LEU A 46 2.71 -32.05 -36.21
C LEU A 46 3.41 -32.67 -37.40
N ILE A 47 3.35 -34.00 -37.53
CA ILE A 47 3.97 -34.62 -38.68
C ILE A 47 3.05 -34.26 -39.83
N MET A 48 1.80 -34.70 -39.76
CA MET A 48 0.89 -34.47 -40.87
C MET A 48 0.73 -33.05 -41.34
N ASN A 49 0.94 -32.06 -40.46
CA ASN A 49 0.72 -30.68 -40.94
C ASN A 49 2.00 -29.91 -41.35
N GLY A 50 3.14 -30.61 -41.34
CA GLY A 50 4.39 -29.99 -41.75
C GLY A 50 5.25 -29.41 -40.64
N GLY A 51 4.70 -29.37 -39.43
CA GLY A 51 5.43 -28.83 -38.29
C GLY A 51 6.80 -29.45 -38.04
N PHE A 52 6.96 -30.72 -38.36
CA PHE A 52 8.21 -31.39 -38.17
C PHE A 52 9.01 -31.51 -39.50
N SER A 53 8.64 -30.72 -40.51
CA SER A 53 9.35 -30.81 -41.78
C SER A 53 10.85 -30.78 -41.48
N PRO A 54 11.67 -31.53 -42.23
CA PRO A 54 11.40 -32.43 -43.34
C PRO A 54 10.80 -33.79 -42.99
N LEU A 55 10.80 -34.14 -41.72
CA LEU A 55 10.22 -35.43 -41.29
C LEU A 55 8.81 -35.63 -41.88
N GLU A 56 8.46 -36.84 -42.30
CA GLU A 56 7.10 -37.05 -42.83
C GLU A 56 6.52 -38.42 -42.50
N GLY A 57 6.72 -38.80 -41.25
CA GLY A 57 6.23 -40.05 -40.72
C GLY A 57 7.00 -40.26 -39.42
N PHE A 58 6.69 -41.34 -38.70
CA PHE A 58 7.38 -41.69 -37.48
C PHE A 58 8.75 -42.24 -37.86
N MET A 59 9.81 -41.77 -37.18
CA MET A 59 11.18 -42.17 -37.51
C MET A 59 11.51 -43.65 -37.64
N ASN A 60 12.19 -44.01 -38.71
CA ASN A 60 12.67 -45.37 -38.90
C ASN A 60 14.06 -45.32 -38.31
N GLN A 61 14.64 -46.50 -38.12
CA GLN A 61 15.93 -46.56 -37.46
C GLN A 61 17.06 -45.76 -38.08
N ALA A 62 17.08 -45.66 -39.39
CA ALA A 62 18.16 -44.95 -40.01
C ALA A 62 18.13 -43.51 -39.55
N ASP A 63 16.92 -42.93 -39.58
CA ASP A 63 16.66 -41.55 -39.17
C ASP A 63 16.87 -41.47 -37.68
N TYR A 64 16.20 -42.38 -36.97
CA TYR A 64 16.28 -42.44 -35.51
C TYR A 64 17.72 -42.38 -34.98
N ASP A 65 18.54 -43.36 -35.38
CA ASP A 65 19.91 -43.45 -34.93
C ASP A 65 20.69 -42.18 -35.21
N ARG A 66 20.55 -41.61 -36.39
CA ARG A 66 21.30 -40.39 -36.65
C ARG A 66 20.86 -39.21 -35.71
N VAL A 67 19.70 -39.33 -35.08
CA VAL A 67 19.30 -38.30 -34.15
C VAL A 67 19.80 -38.77 -32.76
N CYS A 68 19.39 -40.00 -32.31
CA CYS A 68 19.81 -40.58 -30.99
C CYS A 68 21.25 -40.16 -30.75
N GLU A 69 22.03 -39.89 -31.81
CA GLU A 69 23.43 -39.52 -31.59
C GLU A 69 24.07 -38.44 -32.39
N ASP A 70 23.51 -38.05 -33.52
CA ASP A 70 24.17 -36.96 -34.24
C ASP A 70 23.30 -35.69 -34.44
N ASN A 71 22.08 -35.67 -33.88
CA ASN A 71 21.19 -34.49 -34.05
C ASN A 71 20.90 -34.17 -35.54
N ARG A 72 20.86 -35.22 -36.34
CA ARG A 72 20.63 -35.10 -37.77
C ARG A 72 19.79 -36.27 -38.24
N LEU A 73 19.07 -36.03 -39.33
CA LEU A 73 18.26 -37.06 -39.96
C LEU A 73 19.20 -37.67 -41.03
N ALA A 74 18.93 -38.92 -41.41
CA ALA A 74 19.78 -39.55 -42.40
C ALA A 74 20.06 -38.59 -43.59
N ASP A 75 19.10 -37.78 -44.01
CA ASP A 75 19.31 -36.86 -45.11
C ASP A 75 20.25 -35.71 -44.77
N GLY A 76 20.77 -35.73 -43.56
CA GLY A 76 21.70 -34.67 -43.19
C GLY A 76 21.15 -33.49 -42.44
N ASN A 77 19.88 -33.17 -42.64
CA ASN A 77 19.21 -32.05 -41.94
C ASN A 77 19.26 -32.16 -40.43
N VAL A 78 19.41 -31.01 -39.75
CA VAL A 78 19.43 -31.03 -38.29
C VAL A 78 18.04 -31.36 -37.73
N PHE A 79 18.02 -32.19 -36.70
CA PHE A 79 16.78 -32.56 -36.04
C PHE A 79 17.21 -33.25 -34.72
N SER A 80 17.04 -32.55 -33.59
CA SER A 80 17.46 -33.04 -32.30
C SER A 80 16.56 -33.91 -31.45
N MET A 81 15.36 -34.24 -31.92
CA MET A 81 14.44 -35.00 -31.08
C MET A 81 13.83 -36.28 -31.68
N PRO A 82 14.06 -37.41 -31.05
CA PRO A 82 13.48 -38.65 -31.60
C PRO A 82 11.93 -38.63 -31.62
N ILE A 83 11.34 -38.89 -32.79
CA ILE A 83 9.90 -38.90 -32.90
C ILE A 83 9.51 -40.27 -33.40
N THR A 84 9.08 -41.15 -32.51
CA THR A 84 8.77 -42.52 -32.91
C THR A 84 7.45 -43.06 -32.45
N LEU A 85 7.00 -44.13 -33.10
CA LEU A 85 5.72 -44.75 -32.76
C LEU A 85 6.01 -46.11 -32.15
N ASP A 86 5.85 -46.23 -30.83
CA ASP A 86 6.15 -47.48 -30.12
C ASP A 86 4.98 -48.43 -29.96
N ALA A 87 5.33 -49.72 -29.97
CA ALA A 87 4.35 -50.78 -29.82
C ALA A 87 4.98 -51.96 -29.10
N SER A 88 4.09 -52.75 -28.52
CA SER A 88 4.46 -53.96 -27.78
C SER A 88 4.45 -55.18 -28.69
N GLN A 89 5.26 -56.17 -28.30
CA GLN A 89 5.31 -57.41 -29.04
C GLN A 89 3.92 -58.00 -29.30
N GLU A 90 3.02 -57.94 -28.33
CA GLU A 90 1.67 -58.49 -28.48
C GLU A 90 0.86 -57.85 -29.59
N VAL A 91 1.03 -56.54 -29.79
CA VAL A 91 0.31 -55.84 -30.84
C VAL A 91 0.96 -56.16 -32.18
N ILE A 92 2.30 -56.13 -32.21
CA ILE A 92 3.03 -56.44 -33.42
C ILE A 92 2.60 -57.81 -33.96
N ASP A 93 2.37 -58.77 -33.06
CA ASP A 93 1.98 -60.13 -33.46
C ASP A 93 0.50 -60.19 -33.78
N GLU A 94 -0.32 -59.80 -32.82
CA GLU A 94 -1.77 -59.83 -32.99
C GLU A 94 -2.25 -59.16 -34.30
N LYS A 95 -1.55 -58.11 -34.73
CA LYS A 95 -1.90 -57.36 -35.93
C LYS A 95 -1.11 -57.86 -37.16
N LYS A 96 -0.05 -58.61 -36.88
CA LYS A 96 0.80 -59.18 -37.91
C LYS A 96 1.55 -58.07 -38.63
N LEU A 97 2.15 -57.19 -37.84
CA LEU A 97 2.87 -56.10 -38.43
C LEU A 97 4.25 -56.55 -38.81
N GLN A 98 4.66 -56.14 -40.00
CA GLN A 98 5.98 -56.46 -40.53
C GLN A 98 6.29 -55.43 -41.61
N ALA A 99 7.56 -55.31 -41.98
CA ALA A 99 7.94 -54.39 -43.03
C ALA A 99 6.96 -54.41 -44.23
N GLY A 100 6.75 -53.23 -44.82
CA GLY A 100 5.84 -53.12 -45.93
C GLY A 100 4.37 -53.17 -45.58
N SER A 101 4.04 -53.40 -44.33
CA SER A 101 2.64 -53.43 -43.91
C SER A 101 2.02 -52.01 -43.85
N ARG A 102 0.71 -51.94 -44.06
CA ARG A 102 0.03 -50.67 -43.98
C ARG A 102 -0.98 -50.64 -42.82
N ILE A 103 -0.64 -49.91 -41.76
CA ILE A 103 -1.53 -49.81 -40.63
C ILE A 103 -2.29 -48.50 -40.66
N THR A 104 -3.45 -48.46 -40.02
CA THR A 104 -4.24 -47.26 -39.92
C THR A 104 -3.96 -46.68 -38.51
N LEU A 105 -3.74 -45.37 -38.36
CA LEU A 105 -3.56 -44.74 -37.02
C LEU A 105 -4.87 -44.09 -36.63
N ARG A 106 -5.41 -44.54 -35.49
CA ARG A 106 -6.72 -44.06 -35.01
C ARG A 106 -6.69 -43.16 -33.76
N ASP A 107 -7.60 -42.18 -33.77
CA ASP A 107 -7.79 -41.20 -32.67
C ASP A 107 -8.59 -41.85 -31.52
N PHE A 108 -7.96 -42.10 -30.38
CA PHE A 108 -8.68 -42.70 -29.24
C PHE A 108 -9.79 -41.79 -28.71
N ARG A 109 -9.78 -40.53 -29.09
CA ARG A 109 -10.80 -39.67 -28.56
C ARG A 109 -12.13 -39.88 -29.28
N ASP A 110 -12.15 -39.80 -30.62
CA ASP A 110 -13.42 -39.98 -31.34
C ASP A 110 -13.42 -41.16 -32.29
N ASP A 111 -12.43 -42.03 -32.15
CA ASP A 111 -12.31 -43.21 -32.99
C ASP A 111 -12.01 -42.99 -34.47
N ARG A 112 -11.83 -41.75 -34.89
CA ARG A 112 -11.56 -41.45 -36.30
C ARG A 112 -10.23 -42.02 -36.85
N ASN A 113 -10.27 -42.36 -38.14
CA ASN A 113 -9.06 -42.88 -38.81
C ASN A 113 -8.28 -41.65 -39.28
N LEU A 114 -7.08 -41.46 -38.73
CA LEU A 114 -6.32 -40.26 -39.09
C LEU A 114 -5.33 -40.34 -40.25
N ALA A 115 -4.50 -41.37 -40.20
CA ALA A 115 -3.45 -41.58 -41.17
C ALA A 115 -3.17 -43.03 -41.44
N ILE A 116 -2.48 -43.31 -42.56
CA ILE A 116 -2.09 -44.69 -42.90
C ILE A 116 -0.57 -44.64 -42.92
N LEU A 117 0.05 -45.47 -42.10
CA LEU A 117 1.52 -45.51 -42.02
C LEU A 117 1.97 -46.76 -42.76
N THR A 118 3.10 -46.69 -43.45
CA THR A 118 3.65 -47.81 -44.22
C THR A 118 4.97 -48.19 -43.58
N ILE A 119 4.97 -49.32 -42.90
CA ILE A 119 6.14 -49.73 -42.15
C ILE A 119 7.43 -49.92 -42.90
N ASP A 120 8.46 -49.21 -42.46
CA ASP A 120 9.77 -49.38 -43.06
C ASP A 120 10.38 -50.51 -42.27
N ASP A 121 10.51 -50.29 -40.97
CA ASP A 121 11.10 -51.27 -40.09
C ASP A 121 10.29 -51.38 -38.82
N ILE A 122 10.76 -52.26 -37.94
CA ILE A 122 10.15 -52.49 -36.63
C ILE A 122 11.34 -52.84 -35.76
N TYR A 123 12.03 -51.86 -35.18
CA TYR A 123 13.19 -52.14 -34.33
C TYR A 123 12.98 -51.98 -32.79
N ARG A 124 13.87 -52.60 -32.03
CA ARG A 124 13.83 -52.55 -30.56
C ARG A 124 14.98 -51.64 -30.17
N PRO A 125 14.68 -50.40 -29.74
CA PRO A 125 15.69 -49.40 -29.32
C PRO A 125 16.32 -49.61 -27.93
N ASP A 126 17.54 -49.10 -27.77
CA ASP A 126 18.29 -49.17 -26.51
C ASP A 126 17.81 -48.03 -25.62
N LYS A 127 16.72 -48.24 -24.90
CA LYS A 127 16.20 -47.18 -24.08
C LYS A 127 17.22 -46.49 -23.19
N THR A 128 18.34 -47.14 -22.91
CA THR A 128 19.32 -46.51 -22.05
C THR A 128 20.14 -45.46 -22.80
N LYS A 129 20.48 -45.75 -24.04
CA LYS A 129 21.28 -44.80 -24.85
C LYS A 129 20.44 -43.58 -25.22
N GLU A 130 19.12 -43.78 -25.37
CA GLU A 130 18.20 -42.68 -25.71
C GLU A 130 18.20 -41.81 -24.48
N ALA A 131 17.81 -42.43 -23.36
CA ALA A 131 17.76 -41.77 -22.07
C ALA A 131 18.96 -40.87 -21.90
N LYS A 132 20.14 -41.45 -22.09
CA LYS A 132 21.39 -40.76 -21.93
C LYS A 132 21.83 -39.81 -23.05
N LEU A 133 21.68 -40.21 -24.30
CA LEU A 133 22.13 -39.33 -25.35
C LEU A 133 21.19 -38.14 -25.69
N VAL A 134 19.89 -38.37 -25.56
CA VAL A 134 18.93 -37.32 -25.84
C VAL A 134 18.50 -36.47 -24.64
N PHE A 135 18.04 -37.11 -23.56
CA PHE A 135 17.60 -36.36 -22.38
C PHE A 135 18.58 -36.36 -21.20
N GLY A 136 19.88 -36.11 -21.43
CA GLY A 136 20.86 -36.19 -20.34
C GLY A 136 20.75 -37.65 -19.86
N GLY A 137 20.90 -37.97 -18.58
CA GLY A 137 20.72 -39.36 -18.22
C GLY A 137 19.89 -39.60 -16.97
N ASP A 138 19.55 -38.53 -16.27
CA ASP A 138 18.81 -38.63 -15.01
C ASP A 138 17.47 -39.34 -15.06
N PRO A 139 17.34 -40.42 -14.31
CA PRO A 139 16.14 -41.25 -14.21
C PRO A 139 14.94 -40.52 -13.67
N GLU A 140 15.17 -39.33 -13.16
CA GLU A 140 14.08 -38.53 -12.59
C GLU A 140 13.53 -37.60 -13.67
N HIS A 141 14.31 -37.42 -14.74
CA HIS A 141 13.89 -36.60 -15.88
C HIS A 141 12.53 -37.13 -16.38
N PRO A 142 11.57 -36.23 -16.63
CA PRO A 142 10.22 -36.60 -17.10
C PRO A 142 10.16 -37.47 -18.38
N ALA A 143 10.99 -37.10 -19.36
CA ALA A 143 11.08 -37.81 -20.64
C ALA A 143 11.56 -39.24 -20.41
N ILE A 144 12.59 -39.36 -19.58
CA ILE A 144 13.15 -40.65 -19.30
C ILE A 144 12.16 -41.51 -18.53
N VAL A 145 11.50 -40.92 -17.55
CA VAL A 145 10.50 -41.67 -16.81
C VAL A 145 9.45 -42.17 -17.80
N TYR A 146 9.10 -41.35 -18.80
CA TYR A 146 8.08 -41.75 -19.79
C TYR A 146 8.63 -42.89 -20.65
N LEU A 147 9.86 -42.69 -21.10
CA LEU A 147 10.57 -43.61 -21.92
C LEU A 147 10.50 -45.01 -21.36
N ASN A 148 10.63 -45.13 -20.03
CA ASN A 148 10.62 -46.43 -19.37
C ASN A 148 9.28 -46.96 -18.90
N ASN A 149 8.41 -46.09 -18.45
CA ASN A 149 7.13 -46.54 -17.92
C ASN A 149 5.96 -46.50 -18.90
N THR A 150 6.05 -45.67 -19.93
CA THR A 150 4.93 -45.58 -20.86
C THR A 150 5.25 -46.06 -22.26
N VAL A 151 6.44 -45.70 -22.74
CA VAL A 151 6.90 -46.10 -24.08
C VAL A 151 7.00 -47.61 -24.11
N LYS A 152 6.39 -48.26 -25.10
CA LYS A 152 6.47 -49.72 -25.22
C LYS A 152 7.86 -50.17 -25.61
N GLU A 153 7.96 -51.42 -26.04
CA GLU A 153 9.28 -51.99 -26.34
C GLU A 153 9.92 -51.76 -27.71
N PHE A 154 9.07 -51.72 -28.74
CA PHE A 154 9.49 -51.50 -30.12
C PHE A 154 9.02 -50.21 -30.78
N TYR A 155 9.88 -49.70 -31.66
CA TYR A 155 9.59 -48.49 -32.43
C TYR A 155 9.23 -48.93 -33.87
N ILE A 156 8.10 -48.48 -34.41
CA ILE A 156 7.68 -48.84 -35.76
C ILE A 156 7.89 -47.67 -36.71
N GLY A 157 8.99 -47.64 -37.48
CA GLY A 157 9.27 -46.54 -38.42
C GLY A 157 8.45 -46.53 -39.73
N GLY A 158 8.24 -45.37 -40.34
CA GLY A 158 7.46 -45.37 -41.57
C GLY A 158 6.86 -44.06 -42.05
N LYS A 159 6.79 -43.88 -43.37
CA LYS A 159 6.19 -42.67 -43.88
C LYS A 159 4.67 -42.70 -43.72
N ILE A 160 4.06 -41.50 -43.66
CA ILE A 160 2.64 -41.33 -43.41
C ILE A 160 1.85 -40.76 -44.57
N GLU A 161 0.60 -41.19 -44.73
CA GLU A 161 -0.28 -40.62 -45.75
C GLU A 161 -1.48 -40.11 -44.92
N ALA A 162 -2.01 -38.95 -45.25
CA ALA A 162 -3.06 -38.42 -44.41
C ALA A 162 -4.50 -38.70 -44.78
N VAL A 163 -5.25 -39.15 -43.78
CA VAL A 163 -6.68 -39.45 -43.94
C VAL A 163 -7.59 -38.36 -43.39
N ASN A 164 -7.31 -37.92 -42.18
CA ASN A 164 -8.10 -36.85 -41.60
C ASN A 164 -7.27 -36.01 -40.66
N LYS A 165 -7.58 -34.72 -40.55
CA LYS A 165 -6.86 -33.89 -39.59
C LYS A 165 -7.52 -34.12 -38.22
N LEU A 166 -6.74 -34.24 -37.13
CA LEU A 166 -7.33 -34.37 -35.80
C LEU A 166 -8.48 -33.38 -35.53
N ASN A 167 -9.46 -33.82 -34.76
CA ASN A 167 -10.52 -32.89 -34.38
C ASN A 167 -10.18 -32.30 -32.98
N HIS A 168 -10.49 -31.02 -32.78
CA HIS A 168 -10.24 -30.40 -31.48
C HIS A 168 -11.44 -29.59 -31.16
N TYR A 169 -11.91 -29.65 -29.92
CA TYR A 169 -13.07 -28.82 -29.68
C TYR A 169 -12.77 -27.57 -28.89
N ASP A 170 -11.52 -27.44 -28.47
CA ASP A 170 -11.12 -26.26 -27.71
C ASP A 170 -10.30 -25.29 -28.49
N TYR A 171 -10.75 -24.05 -28.51
CA TYR A 171 -10.00 -22.96 -29.21
C TYR A 171 -9.70 -23.20 -30.69
N VAL A 172 -10.66 -23.66 -31.49
CA VAL A 172 -10.33 -23.92 -32.88
C VAL A 172 -9.88 -22.66 -33.62
N ALA A 173 -10.38 -21.49 -33.26
CA ALA A 173 -9.94 -20.29 -33.98
C ALA A 173 -8.52 -19.86 -33.61
N LEU A 174 -7.98 -20.39 -32.51
CA LEU A 174 -6.66 -20.00 -32.12
C LEU A 174 -5.63 -21.06 -32.49
N ARG A 175 -6.09 -22.17 -33.05
CA ARG A 175 -5.15 -23.23 -33.44
C ARG A 175 -4.75 -22.98 -34.89
N TYR A 176 -3.49 -23.20 -35.23
CA TYR A 176 -3.05 -22.96 -36.60
C TYR A 176 -2.11 -24.06 -37.12
N THR A 177 -2.20 -24.33 -38.41
CA THR A 177 -1.27 -25.25 -39.03
C THR A 177 -0.22 -24.35 -39.62
N PRO A 178 0.96 -24.89 -39.90
CA PRO A 178 2.02 -24.08 -40.50
C PRO A 178 1.41 -23.35 -41.73
N ALA A 179 0.68 -24.08 -42.56
CA ALA A 179 0.06 -23.41 -43.69
C ALA A 179 -0.88 -22.28 -43.31
N GLU A 180 -1.76 -22.52 -42.34
CA GLU A 180 -2.69 -21.46 -41.98
C GLU A 180 -1.99 -20.24 -41.38
N LEU A 181 -0.99 -20.48 -40.53
CA LEU A 181 -0.30 -19.38 -39.85
C LEU A 181 0.39 -18.53 -40.95
N ARG A 182 1.06 -19.22 -41.87
CA ARG A 182 1.69 -18.52 -42.96
C ARG A 182 0.70 -17.66 -43.73
N VAL A 183 -0.46 -18.19 -44.01
CA VAL A 183 -1.42 -17.40 -44.74
C VAL A 183 -1.86 -16.24 -43.92
N HIS A 184 -1.86 -16.44 -42.61
CA HIS A 184 -2.27 -15.38 -41.73
C HIS A 184 -1.20 -14.25 -41.69
N PHE A 185 0.08 -14.61 -41.50
CA PHE A 185 1.15 -13.61 -41.48
C PHE A 185 1.03 -12.77 -42.76
N ASP A 186 0.65 -13.46 -43.82
CA ASP A 186 0.43 -12.76 -45.05
C ASP A 186 -0.73 -11.80 -44.96
N LYS A 187 -1.91 -12.30 -44.59
CA LYS A 187 -3.08 -11.48 -44.48
C LYS A 187 -2.75 -10.25 -43.65
N LEU A 188 -2.00 -10.42 -42.56
CA LEU A 188 -1.65 -9.31 -41.70
C LEU A 188 -0.58 -8.41 -42.33
N GLY A 189 0.07 -8.90 -43.38
CA GLY A 189 1.10 -8.14 -44.03
C GLY A 189 2.43 -8.11 -43.28
N TRP A 190 2.68 -9.13 -42.47
CA TRP A 190 3.88 -9.20 -41.67
C TRP A 190 4.99 -9.80 -42.46
N SER A 191 6.23 -9.53 -42.06
CA SER A 191 7.40 -10.13 -42.74
C SER A 191 8.45 -10.60 -41.81
N ARG A 192 8.50 -10.05 -40.62
CA ARG A 192 9.50 -10.51 -39.69
C ARG A 192 8.65 -10.86 -38.48
N VAL A 193 8.84 -12.07 -37.96
CA VAL A 193 8.01 -12.50 -36.82
C VAL A 193 8.83 -13.24 -35.77
N VAL A 194 8.90 -12.72 -34.56
CA VAL A 194 9.61 -13.38 -33.43
C VAL A 194 8.57 -14.27 -32.78
N ALA A 195 8.88 -15.54 -32.57
CA ALA A 195 7.95 -16.44 -31.94
C ALA A 195 8.41 -16.65 -30.54
N PHE A 196 7.47 -16.75 -29.60
CA PHE A 196 7.76 -16.94 -28.17
C PHE A 196 7.19 -18.27 -27.72
N GLN A 197 8.05 -19.17 -27.25
CA GLN A 197 7.62 -20.49 -26.79
C GLN A 197 7.21 -20.38 -25.34
N THR A 198 6.25 -21.20 -24.87
CA THR A 198 5.90 -21.16 -23.46
C THR A 198 4.92 -22.20 -22.98
N ARG A 199 5.07 -22.61 -21.72
CA ARG A 199 4.17 -23.60 -21.15
C ARG A 199 3.67 -23.12 -19.78
N ASN A 200 3.77 -21.80 -19.58
CA ASN A 200 3.31 -21.16 -18.36
C ASN A 200 2.56 -19.92 -18.57
N PRO A 201 1.90 -19.46 -17.53
CA PRO A 201 1.19 -18.20 -17.74
C PRO A 201 2.27 -17.13 -17.98
N MET A 202 1.93 -16.09 -18.70
CA MET A 202 2.90 -15.07 -18.99
C MET A 202 2.77 -13.94 -18.00
N HIS A 203 3.88 -13.59 -17.36
CA HIS A 203 3.85 -12.47 -16.42
C HIS A 203 4.55 -11.27 -17.02
N ARG A 204 4.63 -10.21 -16.24
CA ARG A 204 5.22 -8.99 -16.69
C ARG A 204 6.55 -9.13 -17.38
N ALA A 205 7.42 -9.95 -16.81
CA ALA A 205 8.73 -10.15 -17.36
C ALA A 205 8.65 -10.66 -18.78
N HIS A 206 7.76 -11.61 -19.07
CA HIS A 206 7.66 -12.16 -20.43
C HIS A 206 7.07 -11.16 -21.42
N ARG A 207 6.16 -10.31 -20.95
CA ARG A 207 5.59 -9.35 -21.88
C ARG A 207 6.78 -8.49 -22.30
N GLU A 208 7.69 -8.17 -21.37
CA GLU A 208 8.86 -7.36 -21.70
C GLU A 208 9.84 -8.01 -22.68
N LEU A 209 10.16 -9.31 -22.52
CA LEU A 209 11.05 -10.00 -23.45
C LEU A 209 10.47 -9.81 -24.83
N THR A 210 9.21 -10.19 -24.97
CA THR A 210 8.62 -10.10 -26.28
C THR A 210 8.63 -8.71 -26.89
N VAL A 211 8.39 -7.67 -26.10
CA VAL A 211 8.38 -6.35 -26.72
C VAL A 211 9.81 -5.92 -27.01
N ARG A 212 10.74 -6.42 -26.23
CA ARG A 212 12.12 -6.10 -26.47
C ARG A 212 12.57 -6.73 -27.73
N ALA A 213 12.24 -8.00 -27.92
CA ALA A 213 12.66 -8.69 -29.14
C ALA A 213 11.99 -8.04 -30.34
N ALA A 214 10.76 -7.60 -30.16
CA ALA A 214 10.04 -7.00 -31.27
C ALA A 214 10.71 -5.70 -31.70
N ARG A 215 11.09 -4.91 -30.71
CA ARG A 215 11.73 -3.62 -30.93
C ARG A 215 13.12 -3.81 -31.55
N SER A 216 13.92 -4.68 -30.97
CA SER A 216 15.26 -4.94 -31.48
C SER A 216 15.24 -5.64 -32.84
N ARG A 217 14.52 -6.74 -33.04
CA ARG A 217 14.58 -7.28 -34.39
C ARG A 217 13.57 -6.57 -35.34
N GLN A 218 12.95 -5.48 -34.92
CA GLN A 218 11.96 -4.84 -35.81
C GLN A 218 10.95 -5.90 -36.32
N ALA A 219 10.35 -6.63 -35.40
CA ALA A 219 9.47 -7.72 -35.73
C ALA A 219 8.11 -7.69 -35.05
N ASN A 220 7.16 -8.45 -35.58
CA ASN A 220 5.86 -8.58 -34.99
C ASN A 220 5.96 -9.77 -34.04
N VAL A 221 5.03 -9.87 -33.09
CA VAL A 221 5.10 -10.94 -32.09
C VAL A 221 4.09 -12.05 -32.27
N LEU A 222 4.58 -13.28 -32.16
CA LEU A 222 3.71 -14.45 -32.26
C LEU A 222 3.84 -15.11 -30.90
N ILE A 223 2.79 -15.02 -30.05
CA ILE A 223 2.83 -15.70 -28.75
C ILE A 223 2.36 -17.10 -29.16
N HIS A 224 3.26 -18.07 -29.06
CA HIS A 224 3.02 -19.43 -29.56
C HIS A 224 3.13 -20.47 -28.45
N PRO A 225 2.16 -20.51 -27.53
CA PRO A 225 2.19 -21.48 -26.41
C PRO A 225 1.89 -22.95 -26.70
N VAL A 226 2.44 -23.84 -25.89
CA VAL A 226 2.16 -25.24 -26.11
C VAL A 226 0.84 -25.64 -25.45
N VAL A 227 0.05 -26.41 -26.16
CA VAL A 227 -1.26 -26.76 -25.68
C VAL A 227 -1.48 -28.27 -25.74
N GLY A 228 -0.41 -28.99 -26.11
CA GLY A 228 -0.46 -30.43 -26.22
C GLY A 228 -0.17 -31.17 -24.93
N LEU A 229 1.12 -31.32 -24.62
CA LEU A 229 1.59 -31.96 -23.39
C LEU A 229 2.75 -31.10 -22.97
N THR A 230 2.82 -30.85 -21.67
CA THR A 230 3.82 -29.99 -21.07
C THR A 230 4.51 -30.74 -19.91
N LYS A 231 5.19 -30.03 -19.01
CA LYS A 231 5.80 -30.66 -17.82
C LYS A 231 4.70 -31.28 -16.90
N PRO A 232 5.01 -32.40 -16.24
CA PRO A 232 4.00 -33.01 -15.38
C PRO A 232 3.03 -32.18 -14.55
N GLY A 233 3.44 -31.23 -13.74
CA GLY A 233 2.34 -30.55 -13.05
C GLY A 233 2.03 -29.08 -13.40
N ASP A 234 2.08 -28.64 -14.67
CA ASP A 234 1.83 -27.23 -14.87
C ASP A 234 0.39 -26.92 -14.95
N ILE A 235 0.12 -25.61 -14.93
CA ILE A 235 -1.22 -25.10 -15.03
C ILE A 235 -1.83 -25.57 -16.32
N ASP A 236 -3.07 -26.06 -16.24
CA ASP A 236 -3.79 -26.61 -17.40
C ASP A 236 -3.84 -25.63 -18.57
N HIS A 237 -3.93 -26.13 -19.81
CA HIS A 237 -3.86 -25.21 -20.92
C HIS A 237 -5.05 -24.30 -21.07
N PHE A 238 -6.23 -24.72 -20.64
CA PHE A 238 -7.37 -23.82 -20.74
C PHE A 238 -7.12 -22.57 -19.83
N THR A 239 -6.55 -22.77 -18.64
CA THR A 239 -6.24 -21.62 -17.76
C THR A 239 -5.16 -20.74 -18.40
N ARG A 240 -4.13 -21.38 -18.92
CA ARG A 240 -3.09 -20.61 -19.57
C ARG A 240 -3.59 -19.82 -20.78
N VAL A 241 -4.40 -20.45 -21.63
CA VAL A 241 -4.86 -19.73 -22.81
C VAL A 241 -5.68 -18.52 -22.36
N ARG A 242 -6.50 -18.72 -21.37
CA ARG A 242 -7.33 -17.67 -20.85
C ARG A 242 -6.33 -16.57 -20.35
N ALA A 243 -5.24 -16.97 -19.71
CA ALA A 243 -4.27 -16.01 -19.22
C ALA A 243 -3.57 -15.29 -20.43
N TYR A 244 -3.11 -16.03 -21.45
CA TYR A 244 -2.51 -15.34 -22.61
C TYR A 244 -3.53 -14.36 -23.18
N GLN A 245 -4.78 -14.76 -23.29
CA GLN A 245 -5.75 -13.82 -23.83
C GLN A 245 -5.93 -12.55 -22.97
N ALA A 246 -5.75 -12.65 -21.66
CA ALA A 246 -5.93 -11.48 -20.79
C ALA A 246 -4.80 -10.48 -20.98
N LEU A 247 -3.68 -10.98 -21.49
CA LEU A 247 -2.46 -10.23 -21.68
C LEU A 247 -2.42 -9.46 -22.99
N LEU A 248 -2.97 -10.04 -24.05
CA LEU A 248 -2.95 -9.36 -25.34
C LEU A 248 -3.15 -7.84 -25.33
N PRO A 249 -4.21 -7.36 -24.66
CA PRO A 249 -4.45 -5.90 -24.62
C PRO A 249 -3.29 -5.06 -24.08
N ARG A 250 -2.24 -5.71 -23.54
CA ARG A 250 -1.10 -4.98 -23.02
C ARG A 250 -0.07 -4.66 -24.14
N TYR A 251 -0.30 -5.13 -25.36
CA TYR A 251 0.63 -4.84 -26.45
C TYR A 251 -0.06 -3.78 -27.27
N PRO A 252 0.72 -2.99 -28.02
CA PRO A 252 0.06 -1.97 -28.83
C PRO A 252 -0.83 -2.66 -29.86
N ASN A 253 -1.95 -2.04 -30.19
CA ASN A 253 -2.87 -2.58 -31.18
C ASN A 253 -2.24 -3.26 -32.42
N GLY A 254 -2.61 -4.50 -32.69
CA GLY A 254 -2.07 -5.22 -33.85
C GLY A 254 -0.57 -5.56 -33.88
N MET A 255 0.03 -5.81 -32.73
CA MET A 255 1.43 -6.06 -32.72
C MET A 255 1.72 -7.54 -32.45
N ALA A 256 0.85 -8.19 -31.68
CA ALA A 256 1.05 -9.58 -31.34
C ALA A 256 -0.13 -10.38 -31.77
N VAL A 257 0.12 -11.65 -32.03
CA VAL A 257 -0.91 -12.58 -32.46
C VAL A 257 -0.69 -13.80 -31.58
N LEU A 258 -1.80 -14.37 -31.09
CA LEU A 258 -1.73 -15.57 -30.24
C LEU A 258 -2.12 -16.79 -31.10
N GLY A 259 -1.28 -17.81 -31.14
CA GLY A 259 -1.57 -18.99 -31.90
C GLY A 259 -1.12 -20.19 -31.08
N LEU A 260 -1.96 -21.21 -30.98
CA LEU A 260 -1.64 -22.38 -30.20
C LEU A 260 -0.93 -23.51 -30.97
N LEU A 261 0.02 -24.18 -30.28
CA LEU A 261 0.83 -25.22 -30.85
C LEU A 261 0.57 -26.53 -30.15
N GLY A 262 0.10 -27.50 -30.92
CA GLY A 262 -0.23 -28.79 -30.35
C GLY A 262 0.95 -29.71 -30.08
N LEU A 263 2.06 -29.14 -29.66
CA LEU A 263 3.25 -29.93 -29.36
C LEU A 263 3.23 -30.78 -28.08
N ALA A 264 3.92 -31.90 -28.11
CA ALA A 264 3.99 -32.67 -26.87
C ALA A 264 5.46 -32.48 -26.43
N MET A 265 5.70 -31.52 -25.53
CA MET A 265 7.05 -31.25 -25.07
C MET A 265 7.69 -32.48 -24.41
N ARG A 266 9.02 -32.50 -24.35
CA ARG A 266 9.70 -33.62 -23.71
C ARG A 266 10.44 -33.06 -22.50
N MET A 267 10.69 -31.76 -22.56
CA MET A 267 11.45 -30.99 -21.56
C MET A 267 12.89 -31.42 -21.75
N GLY A 268 13.32 -31.43 -23.00
CA GLY A 268 14.67 -31.84 -23.32
C GLY A 268 15.67 -30.71 -23.38
N GLY A 269 15.39 -29.65 -22.65
CA GLY A 269 16.31 -28.57 -22.64
C GLY A 269 16.94 -28.27 -23.97
N PRO A 270 18.27 -28.20 -24.01
CA PRO A 270 19.01 -27.90 -25.25
C PRO A 270 18.49 -28.57 -26.53
N ARG A 271 18.29 -29.89 -26.52
CA ARG A 271 17.80 -30.52 -27.73
C ARG A 271 16.41 -29.97 -28.09
N GLU A 272 15.52 -29.94 -27.09
CA GLU A 272 14.19 -29.44 -27.32
C GLU A 272 14.26 -28.03 -27.89
N ALA A 273 15.29 -27.28 -27.53
CA ALA A 273 15.38 -25.94 -28.05
C ALA A 273 15.69 -25.90 -29.55
N ILE A 274 16.58 -26.78 -30.01
CA ILE A 274 16.92 -26.84 -31.44
C ILE A 274 15.60 -27.19 -32.15
N TRP A 275 14.98 -28.28 -31.65
CA TRP A 275 13.70 -28.77 -32.10
C TRP A 275 12.64 -27.63 -32.25
N HIS A 276 12.49 -26.83 -31.18
CA HIS A 276 11.55 -25.71 -31.20
C HIS A 276 11.84 -24.70 -32.33
N ALA A 277 13.13 -24.42 -32.54
CA ALA A 277 13.52 -23.49 -33.60
C ALA A 277 13.06 -24.03 -34.97
N ILE A 278 13.20 -25.33 -35.14
CA ILE A 278 12.82 -25.98 -36.38
C ILE A 278 11.33 -25.85 -36.56
N ILE A 279 10.60 -26.15 -35.51
CA ILE A 279 9.16 -26.08 -35.55
C ILE A 279 8.68 -24.68 -35.85
N ARG A 280 9.25 -23.70 -35.18
CA ARG A 280 8.77 -22.33 -35.42
C ARG A 280 9.10 -21.88 -36.84
N LYS A 281 10.21 -22.38 -37.34
CA LYS A 281 10.61 -22.04 -38.70
C LYS A 281 9.54 -22.67 -39.66
N ASN A 282 9.19 -23.93 -39.42
CA ASN A 282 8.18 -24.52 -40.26
C ASN A 282 6.88 -23.73 -40.18
N HIS A 283 6.60 -23.16 -39.00
CA HIS A 283 5.39 -22.37 -38.89
C HIS A 283 5.55 -20.99 -39.48
N GLY A 284 6.75 -20.68 -39.98
CA GLY A 284 6.92 -19.39 -40.62
C GLY A 284 7.47 -18.22 -39.84
N ALA A 285 7.96 -18.47 -38.64
CA ALA A 285 8.51 -17.36 -37.83
C ALA A 285 9.96 -17.11 -38.33
N THR A 286 10.35 -15.83 -38.38
CA THR A 286 11.68 -15.43 -38.83
C THR A 286 12.66 -15.37 -37.67
N HIS A 287 12.18 -15.26 -36.46
CA HIS A 287 13.02 -15.26 -35.28
C HIS A 287 12.36 -16.05 -34.15
N PHE A 288 13.17 -16.57 -33.23
CA PHE A 288 12.69 -17.37 -32.13
C PHE A 288 13.47 -17.11 -30.84
N ILE A 289 12.74 -16.78 -29.76
CA ILE A 289 13.36 -16.49 -28.49
C ILE A 289 13.82 -17.69 -27.68
N VAL A 290 15.03 -17.63 -27.16
CA VAL A 290 15.48 -18.68 -26.26
C VAL A 290 16.01 -17.87 -25.11
N GLY A 291 15.49 -18.18 -23.91
CA GLY A 291 15.89 -17.46 -22.71
C GLY A 291 16.53 -18.39 -21.71
N ARG A 292 16.40 -18.06 -20.43
CA ARG A 292 17.01 -18.88 -19.39
C ARG A 292 16.28 -20.17 -19.22
N ASP A 293 17.02 -21.26 -19.15
CA ASP A 293 16.40 -22.55 -18.92
C ASP A 293 15.32 -23.02 -19.87
N HIS A 294 15.42 -22.60 -21.13
CA HIS A 294 14.44 -22.96 -22.16
C HIS A 294 14.18 -24.47 -22.14
N ALA A 295 12.92 -24.85 -22.15
CA ALA A 295 12.53 -26.22 -22.14
C ALA A 295 13.16 -27.10 -21.05
N GLY A 296 13.66 -26.49 -19.99
CA GLY A 296 14.28 -27.26 -18.90
C GLY A 296 13.31 -27.70 -17.82
N PRO A 297 13.43 -28.91 -17.26
CA PRO A 297 12.43 -29.28 -16.24
C PRO A 297 12.91 -29.10 -14.83
N GLY A 298 13.71 -28.07 -14.61
CA GLY A 298 14.21 -27.77 -13.29
C GLY A 298 15.36 -28.58 -12.73
N SER A 299 15.15 -29.12 -11.54
CA SER A 299 16.19 -29.91 -10.88
C SER A 299 15.64 -31.26 -10.39
N ASN A 300 16.54 -32.20 -10.17
CA ASN A 300 16.11 -33.51 -9.67
C ASN A 300 15.93 -33.45 -8.15
N SER A 301 15.71 -34.63 -7.57
CA SER A 301 15.48 -34.77 -6.14
C SER A 301 16.71 -34.42 -5.31
N LYS A 302 17.89 -34.88 -5.72
CA LYS A 302 19.12 -34.55 -5.01
C LYS A 302 19.44 -33.03 -5.27
N GLY A 303 18.42 -32.29 -5.72
CA GLY A 303 18.59 -30.87 -5.98
C GLY A 303 19.48 -30.44 -7.13
N GLU A 304 20.01 -31.40 -7.89
CA GLU A 304 20.88 -31.05 -9.03
C GLU A 304 19.98 -30.73 -10.22
N ASP A 305 20.22 -29.63 -10.92
CA ASP A 305 19.33 -29.36 -12.05
C ASP A 305 19.80 -29.93 -13.40
N PHE A 306 18.88 -30.63 -14.07
CA PHE A 306 19.15 -31.33 -15.34
C PHE A 306 19.98 -30.63 -16.42
N TYR A 307 19.75 -29.35 -16.65
CA TYR A 307 20.56 -28.67 -17.64
C TYR A 307 20.95 -27.36 -16.96
N GLY A 308 21.98 -26.68 -17.45
CA GLY A 308 22.36 -25.41 -16.85
C GLY A 308 21.57 -24.30 -17.49
N PRO A 309 21.51 -23.13 -16.86
CA PRO A 309 20.75 -22.06 -17.52
C PRO A 309 21.53 -21.78 -18.79
N TYR A 310 20.94 -21.09 -19.74
CA TYR A 310 21.69 -20.80 -20.96
C TYR A 310 22.39 -21.93 -21.77
N ASP A 311 22.34 -23.20 -21.35
CA ASP A 311 22.93 -24.28 -22.16
C ASP A 311 22.20 -24.38 -23.49
N ALA A 312 20.86 -24.33 -23.42
CA ALA A 312 20.04 -24.37 -24.61
C ALA A 312 20.42 -23.23 -25.56
N GLN A 313 20.86 -22.08 -25.07
CA GLN A 313 21.23 -21.01 -25.99
C GLN A 313 22.52 -21.41 -26.71
N HIS A 314 23.36 -22.18 -26.06
CA HIS A 314 24.64 -22.60 -26.65
C HIS A 314 24.33 -23.62 -27.72
N ALA A 315 23.56 -24.63 -27.36
CA ALA A 315 23.16 -25.67 -28.32
C ALA A 315 22.54 -25.07 -29.60
N VAL A 316 21.55 -24.23 -29.45
CA VAL A 316 20.94 -23.65 -30.63
C VAL A 316 22.00 -22.85 -31.36
N GLU A 317 23.04 -22.41 -30.66
CA GLU A 317 24.12 -21.63 -31.28
C GLU A 317 25.03 -22.54 -32.15
N LYS A 318 25.34 -23.74 -31.63
CA LYS A 318 26.17 -24.72 -32.33
C LYS A 318 25.67 -24.83 -33.76
N TYR A 319 24.36 -24.69 -34.01
CA TYR A 319 23.90 -24.78 -35.38
C TYR A 319 23.42 -23.49 -36.01
N LYS A 320 23.87 -22.36 -35.51
CA LYS A 320 23.49 -21.06 -36.06
C LYS A 320 23.41 -21.08 -37.58
N ASP A 321 24.39 -21.70 -38.21
CA ASP A 321 24.49 -21.76 -39.66
C ASP A 321 23.52 -22.73 -40.39
N GLU A 322 23.00 -23.72 -39.68
CA GLU A 322 22.09 -24.69 -40.28
C GLU A 322 20.58 -24.49 -39.93
N LEU A 323 20.27 -23.80 -38.84
CA LEU A 323 18.88 -23.56 -38.47
C LEU A 323 18.57 -22.29 -39.21
N GLY A 324 17.64 -22.34 -40.14
CA GLY A 324 17.33 -21.13 -40.88
C GLY A 324 16.34 -20.18 -40.22
N ILE A 325 16.63 -19.81 -38.96
CA ILE A 325 15.78 -18.94 -38.19
C ILE A 325 16.66 -18.26 -37.14
N GLU A 326 16.52 -16.96 -37.00
CA GLU A 326 17.35 -16.20 -36.10
C GLU A 326 16.93 -16.30 -34.61
N VAL A 327 17.81 -16.85 -33.76
CA VAL A 327 17.52 -16.95 -32.32
C VAL A 327 17.78 -15.59 -31.64
N VAL A 328 16.88 -15.20 -30.77
CA VAL A 328 16.99 -13.95 -30.04
C VAL A 328 17.17 -14.43 -28.60
N GLU A 329 18.35 -14.17 -28.04
CA GLU A 329 18.71 -14.63 -26.70
C GLU A 329 18.37 -13.65 -25.62
N PHE A 330 18.09 -14.19 -24.44
CA PHE A 330 17.81 -13.32 -23.30
C PHE A 330 18.40 -13.96 -22.07
N GLN A 331 18.86 -13.13 -21.15
CA GLN A 331 19.37 -13.62 -19.88
C GLN A 331 18.19 -13.33 -18.98
N MET A 332 18.18 -14.00 -17.84
CA MET A 332 17.14 -13.81 -16.86
C MET A 332 16.66 -12.38 -16.86
N VAL A 333 15.37 -12.14 -17.00
CA VAL A 333 14.92 -10.76 -16.94
C VAL A 333 14.36 -10.48 -15.55
N THR A 334 14.68 -9.31 -14.96
CA THR A 334 14.15 -9.00 -13.61
C THR A 334 13.60 -7.62 -13.47
N TYR A 335 13.04 -7.40 -12.29
CA TYR A 335 12.41 -6.14 -11.97
C TYR A 335 13.30 -5.23 -11.12
N LEU A 336 13.49 -4.00 -11.59
CA LEU A 336 14.28 -2.99 -10.88
C LEU A 336 13.25 -2.04 -10.23
N PRO A 337 12.98 -2.23 -8.93
CA PRO A 337 12.03 -1.44 -8.16
C PRO A 337 12.25 0.04 -8.19
N ASP A 338 13.50 0.45 -7.91
CA ASP A 338 13.87 1.89 -7.86
C ASP A 338 13.60 2.64 -9.15
N THR A 339 13.81 1.96 -10.28
CA THR A 339 13.55 2.55 -11.59
C THR A 339 12.20 2.14 -12.17
N ASP A 340 11.65 1.05 -11.64
CA ASP A 340 10.39 0.47 -12.11
C ASP A 340 10.57 0.16 -13.55
N GLU A 341 11.36 -0.88 -13.79
CA GLU A 341 11.65 -1.33 -15.15
C GLU A 341 12.20 -2.76 -15.09
N TYR A 342 12.29 -3.39 -16.27
CA TYR A 342 12.79 -4.75 -16.32
C TYR A 342 13.90 -4.76 -17.29
N ARG A 343 14.90 -5.58 -17.00
CA ARG A 343 15.99 -5.74 -17.90
C ARG A 343 16.72 -7.03 -17.54
N PRO A 344 17.54 -7.56 -18.48
CA PRO A 344 18.28 -8.79 -18.28
C PRO A 344 19.27 -8.48 -17.17
N VAL A 345 19.62 -9.48 -16.37
CA VAL A 345 20.54 -9.27 -15.29
C VAL A 345 21.84 -8.66 -15.76
N ASP A 346 22.32 -9.08 -16.93
CA ASP A 346 23.56 -8.51 -17.44
C ASP A 346 23.35 -7.03 -17.76
N GLN A 347 22.74 -6.28 -16.85
CA GLN A 347 22.49 -4.84 -17.07
C GLN A 347 22.07 -4.16 -15.80
N VAL A 348 22.29 -4.86 -14.70
CA VAL A 348 21.97 -4.33 -13.40
C VAL A 348 23.30 -4.33 -12.66
N PRO A 349 23.83 -3.13 -12.41
CA PRO A 349 25.05 -2.69 -11.76
C PRO A 349 25.53 -3.33 -10.46
N ALA A 350 25.33 -4.63 -10.30
CA ALA A 350 25.76 -5.33 -9.07
C ALA A 350 25.44 -4.62 -7.73
N GLY A 351 25.01 -3.36 -7.80
CA GLY A 351 24.68 -2.61 -6.61
C GLY A 351 23.18 -2.32 -6.60
N VAL A 352 22.54 -2.40 -7.77
CA VAL A 352 21.13 -2.10 -7.85
C VAL A 352 20.22 -3.18 -7.28
N LYS A 353 19.06 -2.73 -6.81
CA LYS A 353 18.05 -3.58 -6.20
C LYS A 353 17.14 -4.25 -7.24
N THR A 354 17.00 -5.57 -7.13
CA THR A 354 16.16 -6.35 -8.02
C THR A 354 15.21 -7.23 -7.24
N LEU A 355 13.98 -7.32 -7.74
CA LEU A 355 12.89 -8.10 -7.17
C LEU A 355 12.47 -9.25 -8.06
N ASN A 356 12.07 -10.32 -7.41
CA ASN A 356 11.64 -11.48 -8.13
C ASN A 356 10.76 -12.41 -7.30
N ILE A 357 9.64 -12.86 -7.89
CA ILE A 357 8.77 -13.82 -7.20
C ILE A 357 8.98 -15.19 -7.86
N SER A 358 9.46 -16.16 -7.10
CA SER A 358 9.70 -17.50 -7.60
C SER A 358 8.44 -18.31 -7.78
N GLY A 359 8.58 -19.49 -8.38
CA GLY A 359 7.44 -20.37 -8.58
C GLY A 359 6.79 -20.68 -7.23
N THR A 360 7.64 -21.03 -6.26
CA THR A 360 7.21 -21.36 -4.90
C THR A 360 6.52 -20.22 -4.18
N GLU A 361 7.08 -19.03 -4.29
CA GLU A 361 6.45 -17.91 -3.64
C GLU A 361 5.06 -17.67 -4.24
N LEU A 362 4.93 -17.86 -5.55
CA LEU A 362 3.66 -17.61 -6.21
C LEU A 362 2.63 -18.61 -5.73
N ARG A 363 2.99 -19.90 -5.74
CA ARG A 363 2.08 -20.94 -5.24
C ARG A 363 1.73 -20.69 -3.77
N ARG A 364 2.65 -20.11 -3.03
CA ARG A 364 2.43 -19.86 -1.63
C ARG A 364 1.36 -18.82 -1.51
N ARG A 365 1.48 -17.77 -2.29
CA ARG A 365 0.50 -16.70 -2.23
C ARG A 365 -0.84 -17.13 -2.80
N LEU A 366 -0.81 -17.96 -3.84
CA LEU A 366 -2.04 -18.39 -4.45
C LEU A 366 -2.81 -19.21 -3.46
N ARG A 367 -2.07 -20.06 -2.76
CA ARG A 367 -2.65 -20.96 -1.75
C ARG A 367 -3.18 -20.24 -0.53
N SER A 368 -2.55 -19.14 -0.18
CA SER A 368 -2.94 -18.37 0.98
C SER A 368 -3.84 -17.17 0.68
N GLY A 369 -4.03 -16.81 -0.57
CA GLY A 369 -4.87 -15.67 -0.88
C GLY A 369 -4.12 -14.33 -0.85
N ALA A 370 -2.84 -14.41 -0.47
CA ALA A 370 -2.00 -13.21 -0.40
C ALA A 370 -1.88 -12.43 -1.72
N HIS A 371 -1.70 -11.13 -1.58
CA HIS A 371 -1.50 -10.24 -2.73
C HIS A 371 -0.26 -10.60 -3.57
N ILE A 372 -0.42 -10.40 -4.88
CA ILE A 372 0.61 -10.64 -5.87
C ILE A 372 0.80 -9.33 -6.62
N PRO A 373 1.93 -8.66 -6.36
CA PRO A 373 2.37 -7.37 -6.91
C PRO A 373 2.14 -7.16 -8.40
N GLU A 374 1.66 -5.98 -8.73
CA GLU A 374 1.49 -5.70 -10.14
C GLU A 374 2.80 -5.58 -10.91
N TRP A 375 3.93 -5.33 -10.24
CA TRP A 375 5.16 -5.22 -11.03
C TRP A 375 5.50 -6.64 -11.49
N PHE A 376 4.93 -7.60 -10.82
CA PHE A 376 5.19 -8.99 -11.17
C PHE A 376 4.35 -9.59 -12.30
N SER A 377 3.04 -9.35 -12.27
CA SER A 377 2.09 -9.93 -13.20
C SER A 377 0.86 -9.01 -13.33
N TYR A 378 0.33 -8.84 -14.52
CA TYR A 378 -0.84 -7.96 -14.66
C TYR A 378 -2.02 -8.49 -13.88
N PRO A 379 -2.84 -7.59 -13.38
CA PRO A 379 -4.06 -7.83 -12.60
C PRO A 379 -5.00 -8.88 -13.23
N GLU A 380 -5.38 -8.70 -14.50
CA GLU A 380 -6.27 -9.67 -15.14
C GLU A 380 -5.68 -11.07 -15.19
N VAL A 381 -4.36 -11.18 -15.28
CA VAL A 381 -3.73 -12.48 -15.32
C VAL A 381 -3.80 -13.13 -13.98
N VAL A 382 -3.49 -12.36 -12.96
CA VAL A 382 -3.51 -12.91 -11.61
C VAL A 382 -4.91 -13.38 -11.24
N LYS A 383 -5.91 -12.62 -11.67
CA LYS A 383 -7.25 -13.01 -11.38
C LYS A 383 -7.51 -14.39 -11.93
N ILE A 384 -7.15 -14.62 -13.19
CA ILE A 384 -7.36 -15.91 -13.81
C ILE A 384 -6.63 -17.00 -13.07
N LEU A 385 -5.39 -16.74 -12.63
CA LEU A 385 -4.65 -17.77 -11.95
C LEU A 385 -5.34 -18.13 -10.65
N ARG A 386 -5.94 -17.16 -9.98
CA ARG A 386 -6.59 -17.45 -8.71
C ARG A 386 -7.85 -18.29 -8.91
N GLU A 387 -8.54 -18.07 -10.01
CA GLU A 387 -9.73 -18.82 -10.27
C GLU A 387 -9.35 -20.27 -10.43
N SER A 388 -8.13 -20.56 -10.88
CA SER A 388 -7.76 -21.96 -11.09
C SER A 388 -7.03 -22.67 -9.98
N ASN A 389 -6.36 -21.90 -9.15
CA ASN A 389 -5.60 -22.43 -8.02
C ASN A 389 -6.05 -21.54 -6.90
N PRO A 390 -7.21 -21.88 -6.32
CA PRO A 390 -7.85 -21.17 -5.24
C PRO A 390 -7.13 -21.37 -3.93
N PRO A 391 -7.40 -20.49 -2.99
CA PRO A 391 -6.74 -20.65 -1.68
C PRO A 391 -7.28 -21.90 -0.92
N ARG A 392 -6.53 -22.36 0.09
CA ARG A 392 -6.99 -23.49 0.85
C ARG A 392 -8.41 -23.20 1.36
N ALA A 393 -8.71 -21.91 1.60
CA ALA A 393 -10.05 -21.57 2.06
C ALA A 393 -11.17 -22.12 1.20
N THR A 394 -10.94 -22.34 -0.09
CA THR A 394 -12.04 -22.87 -0.86
C THR A 394 -11.71 -24.16 -1.58
N GLN A 395 -10.56 -24.76 -1.28
CA GLN A 395 -10.20 -26.01 -1.95
C GLN A 395 -11.00 -27.17 -1.39
N GLY A 396 -11.28 -28.18 -2.19
CA GLY A 396 -11.98 -29.31 -1.60
C GLY A 396 -10.92 -30.15 -0.89
N PHE A 397 -11.35 -31.15 -0.13
CA PHE A 397 -10.43 -32.06 0.54
C PHE A 397 -11.19 -33.34 0.88
N THR A 398 -10.48 -34.42 1.15
CA THR A 398 -11.12 -35.68 1.53
C THR A 398 -10.62 -36.12 2.93
N ILE A 399 -11.52 -36.50 3.82
CA ILE A 399 -11.12 -37.00 5.12
C ILE A 399 -11.43 -38.47 4.96
N PHE A 400 -10.41 -39.31 4.99
CA PHE A 400 -10.58 -40.77 4.82
C PHE A 400 -10.45 -41.44 6.18
N LEU A 401 -11.50 -42.16 6.60
CA LEU A 401 -11.45 -42.84 7.90
C LEU A 401 -11.32 -44.34 7.72
N THR A 402 -10.41 -44.95 8.48
CA THR A 402 -10.26 -46.40 8.42
C THR A 402 -10.17 -46.96 9.84
N GLY A 403 -10.79 -48.12 10.05
CA GLY A 403 -10.79 -48.76 11.37
C GLY A 403 -11.67 -50.01 11.37
N TYR A 404 -11.76 -50.75 12.48
CA TYR A 404 -12.59 -51.95 12.43
C TYR A 404 -14.05 -51.59 12.34
N MET A 405 -14.85 -52.56 11.88
CA MET A 405 -16.26 -52.40 11.79
C MET A 405 -16.65 -52.10 13.24
N ASN A 406 -17.54 -51.15 13.42
CA ASN A 406 -17.98 -50.67 14.70
C ASN A 406 -16.93 -50.05 15.63
N SER A 407 -15.90 -49.41 15.07
CA SER A 407 -14.86 -48.73 15.85
C SER A 407 -15.22 -47.31 16.20
N GLY A 408 -16.38 -46.84 15.72
CA GLY A 408 -16.80 -45.48 15.98
C GLY A 408 -16.57 -44.57 14.80
N LYS A 409 -15.95 -45.14 13.77
CA LYS A 409 -15.66 -44.39 12.57
C LYS A 409 -16.92 -43.84 11.90
N ASP A 410 -18.01 -44.61 11.87
CA ASP A 410 -19.26 -44.10 11.29
C ASP A 410 -19.94 -42.94 12.07
N ALA A 411 -19.81 -42.93 13.40
CA ALA A 411 -20.38 -41.87 14.21
C ALA A 411 -19.48 -40.66 14.10
N ILE A 412 -18.17 -40.90 14.10
CA ILE A 412 -17.25 -39.79 13.92
C ILE A 412 -17.56 -39.11 12.55
N ALA A 413 -17.68 -39.88 11.49
CA ALA A 413 -18.00 -39.34 10.16
C ALA A 413 -19.26 -38.46 10.15
N ARG A 414 -20.41 -38.96 10.63
CA ARG A 414 -21.62 -38.11 10.67
C ARG A 414 -21.46 -36.84 11.50
N ALA A 415 -20.68 -36.90 12.59
CA ALA A 415 -20.52 -35.70 13.43
C ALA A 415 -19.61 -34.69 12.72
N LEU A 416 -18.58 -35.19 12.05
CA LEU A 416 -17.69 -34.31 11.30
C LEU A 416 -18.54 -33.64 10.18
N GLN A 417 -19.43 -34.43 9.54
CA GLN A 417 -20.27 -33.82 8.54
C GLN A 417 -21.12 -32.67 9.10
N VAL A 418 -21.81 -32.93 10.20
CA VAL A 418 -22.63 -31.89 10.79
C VAL A 418 -21.75 -30.71 11.15
N THR A 419 -20.56 -31.00 11.72
CA THR A 419 -19.66 -29.93 12.13
C THR A 419 -19.18 -29.04 10.99
N LEU A 420 -18.81 -29.64 9.87
CA LEU A 420 -18.37 -28.86 8.76
C LEU A 420 -19.59 -28.13 8.17
N ASN A 421 -20.81 -28.72 8.23
CA ASN A 421 -21.97 -27.96 7.69
C ASN A 421 -22.21 -26.75 8.54
N GLN A 422 -21.85 -26.84 9.83
CA GLN A 422 -21.99 -25.70 10.71
C GLN A 422 -20.95 -24.66 10.31
N GLN A 423 -19.72 -25.14 10.12
CA GLN A 423 -18.58 -24.35 9.73
C GLN A 423 -18.89 -23.55 8.47
N GLY A 424 -19.58 -24.16 7.51
CA GLY A 424 -20.00 -23.42 6.33
C GLY A 424 -19.31 -23.26 4.98
N GLY A 425 -18.00 -23.37 4.91
CA GLY A 425 -17.45 -23.11 3.59
C GLY A 425 -17.90 -23.84 2.31
N ARG A 426 -18.11 -25.15 2.39
CA ARG A 426 -18.46 -25.92 1.21
C ARG A 426 -19.56 -26.99 1.28
N SER A 427 -19.89 -27.61 0.12
CA SER A 427 -20.83 -28.71 0.09
C SER A 427 -20.14 -29.96 0.73
N VAL A 428 -20.81 -30.66 1.63
CA VAL A 428 -20.21 -31.82 2.30
C VAL A 428 -20.84 -33.12 1.83
N SER A 429 -20.04 -34.03 1.29
CA SER A 429 -20.54 -35.32 0.84
C SER A 429 -20.09 -36.41 1.83
N LEU A 430 -21.06 -37.16 2.35
CA LEU A 430 -20.75 -38.18 3.34
C LEU A 430 -20.90 -39.53 2.74
N LEU A 431 -19.78 -40.26 2.78
CA LEU A 431 -19.72 -41.62 2.25
C LEU A 431 -19.36 -42.60 3.38
N LEU A 432 -20.39 -43.04 4.10
CA LEU A 432 -20.23 -44.00 5.18
C LEU A 432 -20.01 -45.36 4.54
N GLY A 433 -19.22 -46.21 5.19
CA GLY A 433 -18.97 -47.50 4.61
C GLY A 433 -20.21 -48.19 4.07
N ASP A 434 -21.24 -48.25 4.88
CA ASP A 434 -22.43 -48.95 4.45
C ASP A 434 -23.11 -48.27 3.32
N THR A 435 -23.08 -46.93 3.29
CA THR A 435 -23.74 -46.22 2.19
C THR A 435 -23.01 -46.52 0.88
N VAL A 436 -21.69 -46.45 0.91
CA VAL A 436 -20.89 -46.75 -0.24
C VAL A 436 -21.25 -48.14 -0.69
N ARG A 437 -21.31 -49.08 0.25
CA ARG A 437 -21.62 -50.47 -0.10
C ARG A 437 -22.98 -50.59 -0.72
N HIS A 438 -23.95 -49.88 -0.19
CA HIS A 438 -25.25 -49.97 -0.80
C HIS A 438 -25.32 -49.21 -2.14
N GLU A 439 -24.88 -47.95 -2.15
CA GLU A 439 -24.96 -47.10 -3.34
C GLU A 439 -23.97 -47.33 -4.47
N LEU A 440 -22.76 -47.76 -4.16
CA LEU A 440 -21.77 -47.91 -5.20
C LEU A 440 -21.26 -49.34 -5.41
N SER A 441 -21.17 -50.11 -4.32
CA SER A 441 -20.65 -51.47 -4.39
C SER A 441 -21.65 -52.53 -3.96
N SER A 442 -22.91 -52.39 -4.33
CA SER A 442 -23.91 -53.35 -3.88
C SER A 442 -23.63 -54.82 -4.23
N GLU A 443 -22.81 -55.03 -5.25
CA GLU A 443 -22.52 -56.37 -5.71
C GLU A 443 -21.13 -56.89 -5.43
N LEU A 444 -20.27 -56.13 -4.79
CA LEU A 444 -18.95 -56.66 -4.54
C LEU A 444 -19.01 -57.57 -3.33
N GLY A 445 -17.95 -58.35 -3.13
CA GLY A 445 -17.91 -59.26 -1.99
C GLY A 445 -16.85 -58.81 -1.01
N PHE A 446 -16.22 -59.74 -0.29
CA PHE A 446 -15.21 -59.30 0.67
C PHE A 446 -13.83 -59.92 0.54
N THR A 447 -13.58 -60.38 -0.67
CA THR A 447 -12.32 -60.96 -1.05
C THR A 447 -11.31 -59.78 -1.13
N ARG A 448 -10.04 -60.01 -0.88
CA ARG A 448 -9.03 -58.95 -0.97
C ARG A 448 -9.23 -58.13 -2.25
N GLU A 449 -9.49 -58.78 -3.38
CA GLU A 449 -9.67 -58.07 -4.65
C GLU A 449 -10.94 -57.23 -4.65
N ASP A 450 -12.02 -57.80 -4.15
CA ASP A 450 -13.30 -57.10 -4.06
C ASP A 450 -13.28 -55.87 -3.15
N ARG A 451 -12.55 -55.93 -2.04
CA ARG A 451 -12.43 -54.81 -1.12
C ARG A 451 -11.61 -53.78 -1.81
N HIS A 452 -10.46 -54.19 -2.35
CA HIS A 452 -9.63 -53.24 -3.09
C HIS A 452 -10.46 -52.53 -4.18
N THR A 453 -11.25 -53.27 -4.94
CA THR A 453 -12.04 -52.62 -5.95
C THR A 453 -12.91 -51.54 -5.30
N ASN A 454 -13.59 -51.93 -4.22
CA ASN A 454 -14.45 -51.02 -3.50
C ASN A 454 -13.74 -49.72 -3.12
N ILE A 455 -12.59 -49.83 -2.48
CA ILE A 455 -11.87 -48.63 -2.10
C ILE A 455 -11.46 -47.81 -3.30
N GLN A 456 -11.27 -48.45 -4.45
CA GLN A 456 -10.93 -47.67 -5.63
C GLN A 456 -12.13 -46.86 -6.05
N ARG A 457 -13.30 -47.50 -6.02
CA ARG A 457 -14.55 -46.82 -6.32
C ARG A 457 -14.76 -45.59 -5.38
N ILE A 458 -14.45 -45.72 -4.09
CA ILE A 458 -14.57 -44.57 -3.22
C ILE A 458 -13.61 -43.49 -3.73
N ALA A 459 -12.37 -43.86 -4.01
CA ALA A 459 -11.41 -42.89 -4.49
C ALA A 459 -11.80 -42.18 -5.81
N PHE A 460 -12.43 -42.90 -6.71
CA PHE A 460 -12.82 -42.27 -7.96
C PHE A 460 -13.81 -41.16 -7.63
N VAL A 461 -14.83 -41.47 -6.81
CA VAL A 461 -15.85 -40.50 -6.49
C VAL A 461 -15.36 -39.35 -5.66
N ALA A 462 -14.49 -39.68 -4.70
CA ALA A 462 -13.90 -38.70 -3.81
C ALA A 462 -13.05 -37.69 -4.59
N THR A 463 -12.31 -38.18 -5.58
CA THR A 463 -11.46 -37.28 -6.38
C THR A 463 -12.31 -36.29 -7.17
N GLU A 464 -13.34 -36.75 -7.87
CA GLU A 464 -14.20 -35.81 -8.59
C GLU A 464 -14.84 -34.80 -7.63
N LEU A 465 -15.30 -35.21 -6.45
CA LEU A 465 -15.91 -34.24 -5.52
C LEU A 465 -14.84 -33.29 -5.01
N THR A 466 -13.64 -33.81 -4.76
CA THR A 466 -12.58 -32.94 -4.26
C THR A 466 -12.22 -31.84 -5.28
N ARG A 467 -12.22 -32.26 -6.53
CA ARG A 467 -11.91 -31.41 -7.64
C ARG A 467 -12.94 -30.32 -7.75
N ALA A 468 -14.17 -30.61 -7.35
CA ALA A 468 -15.23 -29.59 -7.40
C ALA A 468 -15.31 -28.73 -6.12
N GLY A 469 -14.33 -28.94 -5.24
CA GLY A 469 -14.18 -28.18 -4.00
C GLY A 469 -15.06 -28.61 -2.86
N ALA A 470 -15.46 -29.87 -2.86
CA ALA A 470 -16.32 -30.31 -1.81
C ALA A 470 -15.45 -30.84 -0.68
N ALA A 471 -16.08 -31.11 0.46
CA ALA A 471 -15.42 -31.73 1.60
C ALA A 471 -16.05 -33.14 1.53
N VAL A 472 -15.21 -34.12 1.29
CA VAL A 472 -15.67 -35.48 1.22
C VAL A 472 -15.24 -36.19 2.46
N ILE A 473 -16.19 -36.91 3.08
CA ILE A 473 -15.92 -37.69 4.30
C ILE A 473 -16.29 -39.13 3.98
N ALA A 474 -15.30 -40.03 3.99
CA ALA A 474 -15.54 -41.44 3.68
C ALA A 474 -15.10 -42.29 4.86
N ALA A 475 -15.84 -43.35 5.18
CA ALA A 475 -15.45 -44.16 6.31
C ALA A 475 -15.75 -45.60 6.06
N PRO A 476 -14.92 -46.22 5.23
CA PRO A 476 -15.11 -47.63 4.95
C PRO A 476 -14.16 -48.33 5.93
N ILE A 477 -14.16 -49.64 5.96
CA ILE A 477 -13.21 -50.32 6.86
C ILE A 477 -11.77 -50.08 6.32
N ALA A 478 -11.55 -50.41 5.03
CA ALA A 478 -10.28 -50.22 4.34
C ALA A 478 -9.18 -50.97 5.08
N PRO A 479 -9.24 -52.29 5.05
CA PRO A 479 -8.29 -53.16 5.72
C PRO A 479 -6.89 -53.20 5.11
N TYR A 480 -6.79 -53.04 3.79
CA TYR A 480 -5.48 -53.13 3.19
C TYR A 480 -4.76 -51.82 2.82
N GLU A 481 -3.52 -51.68 3.28
CA GLU A 481 -2.72 -50.49 2.98
C GLU A 481 -2.66 -50.22 1.49
N GLU A 482 -2.73 -51.27 0.67
CA GLU A 482 -2.65 -51.04 -0.77
C GLU A 482 -3.79 -50.15 -1.26
N SER A 483 -5.02 -50.48 -0.87
CA SER A 483 -6.17 -49.71 -1.30
C SER A 483 -6.07 -48.27 -0.76
N ARG A 484 -5.67 -48.14 0.50
CA ARG A 484 -5.57 -46.82 1.09
C ARG A 484 -4.56 -45.93 0.38
N LYS A 485 -3.41 -46.48 0.02
CA LYS A 485 -2.44 -45.66 -0.69
C LYS A 485 -3.00 -45.34 -2.07
N PHE A 486 -3.72 -46.27 -2.69
CA PHE A 486 -4.32 -46.01 -4.00
C PHE A 486 -5.24 -44.79 -3.87
N ALA A 487 -6.13 -44.84 -2.85
CA ALA A 487 -7.10 -43.77 -2.52
C ALA A 487 -6.37 -42.45 -2.41
N ARG A 488 -5.38 -42.42 -1.52
CA ARG A 488 -4.59 -41.21 -1.32
C ARG A 488 -3.93 -40.68 -2.63
N ASP A 489 -3.46 -41.56 -3.50
CA ASP A 489 -2.83 -41.06 -4.69
C ASP A 489 -3.82 -40.43 -5.63
N ALA A 490 -4.98 -41.04 -5.75
CA ALA A 490 -5.98 -40.48 -6.63
C ALA A 490 -6.49 -39.08 -6.16
N VAL A 491 -6.88 -38.99 -4.89
CA VAL A 491 -7.41 -37.74 -4.38
C VAL A 491 -6.34 -36.65 -4.45
N SER A 492 -5.10 -37.04 -4.15
CA SER A 492 -4.00 -36.08 -4.18
C SER A 492 -3.81 -35.38 -5.53
N GLN A 493 -4.36 -35.99 -6.57
CA GLN A 493 -4.31 -35.43 -7.88
C GLN A 493 -5.20 -34.20 -7.91
N ALA A 494 -6.23 -34.18 -7.08
CA ALA A 494 -7.17 -33.08 -7.11
C ALA A 494 -7.16 -32.15 -5.89
N GLY A 495 -6.65 -32.64 -4.76
CA GLY A 495 -6.60 -31.83 -3.55
C GLY A 495 -6.05 -32.60 -2.34
N SER A 496 -6.21 -32.04 -1.15
CA SER A 496 -5.69 -32.73 0.03
C SER A 496 -6.47 -33.95 0.49
N PHE A 497 -5.73 -34.95 0.95
CA PHE A 497 -6.28 -36.21 1.41
C PHE A 497 -5.74 -36.40 2.81
N PHE A 498 -6.60 -36.68 3.78
CA PHE A 498 -6.14 -36.89 5.16
C PHE A 498 -6.60 -38.28 5.60
N LEU A 499 -5.68 -39.10 6.14
CA LEU A 499 -6.07 -40.42 6.60
C LEU A 499 -6.19 -40.38 8.10
N VAL A 500 -7.41 -40.64 8.62
CA VAL A 500 -7.64 -40.67 10.06
C VAL A 500 -7.89 -42.11 10.38
N HIS A 501 -7.01 -42.68 11.21
CA HIS A 501 -7.10 -44.09 11.67
C HIS A 501 -7.84 -44.14 12.99
N VAL A 502 -9.06 -44.69 12.97
CA VAL A 502 -9.87 -44.83 14.17
C VAL A 502 -9.38 -46.15 14.69
N ALA A 503 -8.34 -46.06 15.50
CA ALA A 503 -7.66 -47.22 16.08
C ALA A 503 -8.35 -47.86 17.31
N THR A 504 -9.67 -47.70 17.40
CA THR A 504 -10.41 -48.31 18.48
C THR A 504 -10.10 -49.82 18.43
N PRO A 505 -9.68 -50.42 19.54
CA PRO A 505 -9.33 -51.84 19.71
C PRO A 505 -10.46 -52.79 19.43
N LEU A 506 -10.13 -53.87 18.73
CA LEU A 506 -11.09 -54.88 18.33
C LEU A 506 -12.05 -55.37 19.43
N GLU A 507 -11.53 -55.53 20.65
CA GLU A 507 -12.33 -56.03 21.77
C GLU A 507 -13.47 -55.05 21.99
N HIS A 508 -13.11 -53.79 22.12
CA HIS A 508 -14.10 -52.74 22.34
C HIS A 508 -15.19 -52.76 21.25
N CYS A 509 -14.76 -52.80 19.99
CA CYS A 509 -15.70 -52.81 18.87
C CYS A 509 -16.60 -53.99 18.97
N GLU A 510 -16.03 -55.16 19.20
CA GLU A 510 -16.81 -56.39 19.26
C GLU A 510 -17.77 -56.39 20.43
N GLN A 511 -17.28 -55.95 21.57
CA GLN A 511 -18.14 -55.94 22.74
C GLN A 511 -19.30 -54.96 22.64
N SER A 512 -19.25 -53.96 21.78
CA SER A 512 -20.35 -53.00 21.74
C SER A 512 -21.21 -53.10 20.51
N ASP A 513 -20.97 -54.08 19.69
CA ASP A 513 -21.77 -54.32 18.52
C ASP A 513 -23.23 -54.65 18.87
N LYS A 514 -24.12 -53.69 18.60
CA LYS A 514 -25.55 -53.87 18.88
C LYS A 514 -26.29 -54.58 17.78
N ARG A 515 -25.57 -54.96 16.74
CA ARG A 515 -26.23 -55.63 15.63
C ARG A 515 -25.89 -57.09 15.51
N GLY A 516 -25.21 -57.64 16.51
CA GLY A 516 -24.86 -59.04 16.48
C GLY A 516 -24.21 -59.49 15.16
N ILE A 517 -23.38 -58.62 14.59
CA ILE A 517 -22.70 -59.02 13.36
C ILE A 517 -21.43 -59.73 13.80
N TYR A 518 -20.69 -59.15 14.75
CA TYR A 518 -19.49 -59.82 15.23
C TYR A 518 -19.95 -61.17 15.77
N ALA A 519 -21.14 -61.20 16.35
CA ALA A 519 -21.67 -62.45 16.87
C ALA A 519 -21.77 -63.51 15.76
N ALA A 520 -22.46 -63.19 14.67
CA ALA A 520 -22.60 -64.15 13.59
C ALA A 520 -21.23 -64.55 12.99
N ALA A 521 -20.26 -63.65 13.06
CA ALA A 521 -18.96 -63.97 12.52
C ALA A 521 -18.38 -65.07 13.41
N ARG A 522 -18.47 -64.81 14.72
CA ARG A 522 -17.98 -65.70 15.76
C ARG A 522 -18.64 -67.07 15.68
N ARG A 523 -19.85 -67.13 15.22
CA ARG A 523 -20.36 -68.44 15.08
C ARG A 523 -20.34 -68.87 13.62
N GLY A 524 -19.32 -68.41 12.91
CA GLY A 524 -19.13 -68.78 11.53
C GLY A 524 -20.24 -68.56 10.52
N GLU A 525 -21.26 -67.77 10.83
CA GLU A 525 -22.34 -67.52 9.88
C GLU A 525 -21.86 -66.54 8.79
N ILE A 526 -20.82 -65.77 9.08
CA ILE A 526 -20.25 -64.80 8.15
C ILE A 526 -18.75 -65.11 7.99
N LYS A 527 -18.42 -65.67 6.83
CA LYS A 527 -17.04 -66.05 6.56
C LYS A 527 -16.17 -64.84 6.27
N GLY A 528 -14.89 -64.96 6.57
CA GLY A 528 -13.93 -63.89 6.31
C GLY A 528 -14.19 -62.48 6.81
N PHE A 529 -14.83 -62.36 7.97
CA PHE A 529 -15.11 -61.05 8.54
C PHE A 529 -13.86 -60.35 9.13
N THR A 530 -13.59 -59.14 8.68
CA THR A 530 -12.42 -58.41 9.18
C THR A 530 -12.30 -58.50 10.67
N GLY A 531 -11.10 -58.79 11.17
CA GLY A 531 -10.93 -58.89 12.61
C GLY A 531 -11.15 -60.28 13.22
N VAL A 532 -12.04 -61.07 12.61
CA VAL A 532 -12.34 -62.44 13.04
C VAL A 532 -11.60 -63.42 12.10
N ASP A 533 -11.70 -63.22 10.78
CA ASP A 533 -11.00 -64.04 9.77
C ASP A 533 -10.11 -63.14 8.97
N ASP A 534 -10.68 -62.33 8.08
CA ASP A 534 -9.88 -61.42 7.24
C ASP A 534 -8.98 -60.55 8.13
N PRO A 535 -7.87 -60.11 7.57
CA PRO A 535 -6.94 -59.26 8.34
C PRO A 535 -7.30 -57.76 8.33
N TYR A 536 -6.55 -56.96 9.07
CA TYR A 536 -6.73 -55.52 9.05
C TYR A 536 -5.30 -54.97 9.09
N GLU A 537 -4.77 -54.56 7.94
CA GLU A 537 -3.42 -54.03 7.93
C GLU A 537 -3.41 -52.69 8.63
N THR A 538 -2.82 -52.64 9.81
CA THR A 538 -2.76 -51.39 10.53
C THR A 538 -2.04 -50.27 9.78
N PRO A 539 -2.64 -49.08 9.72
CA PRO A 539 -2.01 -47.94 9.03
C PRO A 539 -0.71 -47.59 9.67
N GLU A 540 0.33 -47.39 8.85
CA GLU A 540 1.63 -47.04 9.38
C GLU A 540 1.80 -45.53 9.59
N LYS A 541 1.53 -44.72 8.56
CA LYS A 541 1.68 -43.27 8.70
C LYS A 541 0.40 -42.48 8.37
N ALA A 542 -0.55 -42.51 9.30
CA ALA A 542 -1.80 -41.80 9.13
C ALA A 542 -1.57 -40.36 9.54
N ASP A 543 -2.46 -39.45 9.15
CA ASP A 543 -2.31 -38.05 9.50
C ASP A 543 -2.77 -37.83 10.92
N LEU A 544 -3.61 -38.75 11.38
CA LEU A 544 -4.19 -38.62 12.70
C LEU A 544 -4.69 -39.98 13.15
N VAL A 545 -4.40 -40.31 14.42
CA VAL A 545 -4.81 -41.56 15.04
C VAL A 545 -5.65 -41.20 16.26
N VAL A 546 -6.85 -41.80 16.32
CA VAL A 546 -7.80 -41.56 17.41
C VAL A 546 -8.36 -42.92 17.92
N ASP A 547 -9.02 -42.87 19.07
CA ASP A 547 -9.53 -44.06 19.70
C ASP A 547 -10.84 -43.75 20.43
N PHE A 548 -11.93 -44.36 19.94
CA PHE A 548 -13.23 -44.15 20.51
C PHE A 548 -13.30 -44.77 21.90
N SER A 549 -12.24 -45.45 22.30
CA SER A 549 -12.14 -46.09 23.61
C SER A 549 -11.69 -45.07 24.61
N LYS A 550 -10.78 -44.21 24.18
CA LYS A 550 -10.23 -43.18 25.03
C LYS A 550 -10.75 -41.74 24.79
N GLN A 551 -11.19 -41.45 23.56
CA GLN A 551 -11.71 -40.11 23.24
C GLN A 551 -13.15 -40.19 22.82
N SER A 552 -13.85 -39.05 22.85
CA SER A 552 -15.25 -39.04 22.44
C SER A 552 -15.39 -38.52 21.03
N VAL A 553 -16.49 -38.88 20.39
CA VAL A 553 -16.76 -38.44 19.05
C VAL A 553 -16.49 -36.93 19.01
N ARG A 554 -17.07 -36.22 19.97
CA ARG A 554 -16.90 -34.79 19.98
C ARG A 554 -15.44 -34.34 19.95
N SER A 555 -14.57 -34.96 20.69
CA SER A 555 -13.20 -34.42 20.63
C SER A 555 -12.38 -34.99 19.47
N ILE A 556 -12.79 -36.14 18.95
CA ILE A 556 -12.07 -36.70 17.82
C ILE A 556 -12.38 -35.69 16.72
N VAL A 557 -13.65 -35.30 16.62
CA VAL A 557 -14.06 -34.32 15.64
C VAL A 557 -13.28 -33.04 15.85
N HIS A 558 -13.09 -32.65 17.09
CA HIS A 558 -12.36 -31.43 17.37
C HIS A 558 -10.93 -31.55 16.95
N GLU A 559 -10.37 -32.76 17.01
CA GLU A 559 -8.98 -32.91 16.62
C GLU A 559 -8.81 -32.81 15.11
N ILE A 560 -9.73 -33.42 14.37
CA ILE A 560 -9.70 -33.36 12.92
C ILE A 560 -9.83 -31.86 12.52
N ILE A 561 -10.85 -31.18 13.04
CA ILE A 561 -11.06 -29.79 12.71
C ILE A 561 -9.79 -28.99 12.93
N LEU A 562 -9.11 -29.22 14.06
CA LEU A 562 -7.88 -28.47 14.29
C LEU A 562 -6.79 -28.66 13.20
N VAL A 563 -6.77 -29.83 12.57
CA VAL A 563 -5.80 -30.13 11.54
C VAL A 563 -6.19 -29.35 10.30
N LEU A 564 -7.47 -29.42 9.93
CA LEU A 564 -7.92 -28.66 8.77
C LEU A 564 -7.61 -27.19 8.99
N GLU A 565 -7.80 -26.73 10.23
CA GLU A 565 -7.56 -25.33 10.52
C GLU A 565 -6.11 -24.93 10.35
N SER A 566 -5.19 -25.71 10.92
CA SER A 566 -3.76 -25.39 10.82
C SER A 566 -3.31 -25.30 9.36
N GLN A 567 -3.96 -26.06 8.48
CA GLN A 567 -3.59 -25.99 7.08
C GLN A 567 -4.32 -24.97 6.22
N GLY A 568 -5.11 -24.13 6.86
CA GLY A 568 -5.81 -23.06 6.16
C GLY A 568 -7.14 -23.33 5.47
N PHE A 569 -7.66 -24.54 5.63
CA PHE A 569 -8.92 -24.83 4.99
C PHE A 569 -10.11 -24.13 5.60
N LEU A 570 -10.03 -23.68 6.84
CA LEU A 570 -11.17 -23.07 7.48
C LEU A 570 -11.12 -21.60 7.53
N GLU A 571 -10.11 -21.02 6.91
CA GLU A 571 -9.94 -19.55 6.80
C GLU A 571 -11.17 -18.97 6.13
N ARG A 572 -11.31 -17.65 6.08
CA ARG A 572 -12.48 -17.09 5.41
C ARG A 572 -12.26 -16.82 3.89
N GLN A 573 -13.28 -17.14 3.10
CA GLN A 573 -13.22 -17.01 1.66
C GLN A 573 -13.57 -15.63 1.12
N ALA B 2 1.43 45.76 9.57
CA ALA B 2 2.35 46.20 8.49
C ALA B 2 3.72 46.69 8.98
N ASN B 3 4.47 47.34 8.07
CA ASN B 3 5.82 47.81 8.32
C ASN B 3 6.03 48.99 7.36
N ALA B 4 6.99 49.87 7.64
CA ALA B 4 7.22 51.04 6.79
C ALA B 4 7.97 50.71 5.52
N PRO B 5 7.60 51.41 4.43
CA PRO B 5 8.17 51.29 3.08
C PRO B 5 9.69 51.39 3.14
N HIS B 6 10.38 50.91 2.12
CA HIS B 6 11.82 50.98 2.11
C HIS B 6 12.15 52.40 1.73
N GLY B 7 12.96 53.09 2.53
CA GLY B 7 13.28 54.47 2.21
C GLY B 7 12.31 55.45 2.88
N GLY B 8 11.32 54.92 3.59
CA GLY B 8 10.39 55.78 4.31
C GLY B 8 9.13 56.26 3.62
N VAL B 9 9.16 56.34 2.29
CA VAL B 9 7.98 56.78 1.55
C VAL B 9 7.60 55.73 0.54
N LEU B 10 6.33 55.32 0.57
CA LEU B 10 5.83 54.34 -0.40
C LEU B 10 5.59 55.09 -1.69
N LYS B 11 6.34 54.75 -2.74
CA LYS B 11 6.25 55.41 -4.06
C LYS B 11 5.00 55.07 -4.90
N ASP B 12 3.83 55.13 -4.30
CA ASP B 12 2.59 54.82 -5.01
C ASP B 12 2.25 55.88 -6.10
N LEU B 13 3.04 55.86 -7.18
CA LEU B 13 2.84 56.76 -8.31
C LEU B 13 1.37 56.80 -8.74
N LEU B 14 0.68 55.67 -8.76
CA LEU B 14 -0.73 55.68 -9.16
C LEU B 14 -1.59 56.47 -8.19
N ALA B 15 -1.31 56.40 -6.90
CA ALA B 15 -2.10 57.16 -5.94
C ALA B 15 -1.74 58.65 -6.03
N ARG B 16 -0.46 58.91 -6.27
CA ARG B 16 0.06 60.27 -6.41
C ARG B 16 -0.57 61.07 -7.53
N ASP B 17 -0.55 60.50 -8.73
CA ASP B 17 -1.08 61.16 -9.90
C ASP B 17 -2.55 60.93 -10.16
N ALA B 18 -3.28 60.37 -9.21
CA ALA B 18 -4.70 60.08 -9.44
C ALA B 18 -5.55 61.31 -9.76
N PRO B 19 -5.22 62.45 -9.14
CA PRO B 19 -5.98 63.68 -9.39
C PRO B 19 -5.73 64.26 -10.79
N ARG B 20 -4.56 63.98 -11.34
CA ARG B 20 -4.18 64.46 -12.68
C ARG B 20 -4.42 63.42 -13.80
N GLN B 21 -5.20 62.40 -13.50
CA GLN B 21 -5.46 61.34 -14.48
C GLN B 21 -5.92 61.85 -15.86
N ALA B 22 -7.04 62.56 -15.88
CA ALA B 22 -7.60 63.10 -17.12
C ALA B 22 -6.57 63.86 -17.95
N GLU B 23 -5.83 64.73 -17.29
CA GLU B 23 -4.81 65.54 -17.97
C GLU B 23 -3.68 64.72 -18.52
N LEU B 24 -3.15 63.85 -17.67
CA LEU B 24 -2.03 63.01 -18.04
C LEU B 24 -2.42 62.10 -19.19
N ALA B 25 -3.67 61.66 -19.14
CA ALA B 25 -4.22 60.79 -20.17
C ALA B 25 -4.14 61.53 -21.51
N ALA B 26 -4.74 62.73 -21.51
CA ALA B 26 -4.77 63.60 -22.69
C ALA B 26 -3.34 63.85 -23.22
N GLU B 27 -2.44 64.26 -22.34
CA GLU B 27 -1.05 64.51 -22.76
C GLU B 27 -0.38 63.27 -23.33
N ALA B 28 -0.78 62.10 -22.82
CA ALA B 28 -0.19 60.84 -23.27
C ALA B 28 -0.55 60.51 -24.73
N GLU B 29 -1.73 60.99 -25.17
CA GLU B 29 -2.22 60.74 -26.52
C GLU B 29 -1.30 61.45 -27.51
N SER B 30 -0.55 62.42 -27.01
CA SER B 30 0.28 63.21 -27.89
C SER B 30 1.75 62.91 -28.01
N LEU B 31 2.33 62.24 -27.03
CA LEU B 31 3.76 62.00 -27.13
C LEU B 31 4.08 60.73 -27.89
N PRO B 32 5.33 60.62 -28.36
CA PRO B 32 5.73 59.41 -29.10
C PRO B 32 5.65 58.27 -28.02
N ALA B 33 4.97 57.18 -28.36
CA ALA B 33 4.80 56.09 -27.38
C ALA B 33 5.78 54.96 -27.62
N VAL B 34 6.16 54.30 -26.53
CA VAL B 34 7.04 53.14 -26.65
C VAL B 34 6.21 51.96 -26.09
N THR B 35 6.19 50.84 -26.82
CA THR B 35 5.43 49.67 -26.35
C THR B 35 6.28 48.68 -25.57
N LEU B 36 5.83 48.41 -24.36
CA LEU B 36 6.54 47.55 -23.45
C LEU B 36 6.49 46.06 -23.71
N THR B 37 7.60 45.40 -23.36
CA THR B 37 7.75 43.96 -23.45
C THR B 37 7.06 43.44 -22.19
N GLU B 38 6.89 42.13 -22.09
CA GLU B 38 6.22 41.59 -20.91
C GLU B 38 7.01 41.84 -19.61
N ARG B 39 8.35 41.71 -19.70
CA ARG B 39 9.19 41.93 -18.52
C ARG B 39 9.19 43.36 -18.05
N GLN B 40 9.18 44.30 -19.00
CA GLN B 40 9.13 45.73 -18.71
C GLN B 40 7.77 46.06 -18.12
N LEU B 41 6.76 45.34 -18.55
CA LEU B 41 5.43 45.58 -18.00
C LEU B 41 5.36 45.10 -16.55
N CYS B 42 6.25 44.15 -16.16
CA CYS B 42 6.22 43.66 -14.78
C CYS B 42 6.86 44.70 -13.91
N ASP B 43 7.99 45.16 -14.44
CA ASP B 43 8.74 46.17 -13.80
C ASP B 43 7.89 47.44 -13.68
N LEU B 44 7.22 47.82 -14.77
CA LEU B 44 6.43 49.03 -14.69
C LEU B 44 5.33 48.89 -13.68
N GLU B 45 4.76 47.70 -13.54
CA GLU B 45 3.66 47.60 -12.61
C GLU B 45 4.07 47.83 -11.18
N LEU B 46 5.23 47.28 -10.84
CA LEU B 46 5.79 47.35 -9.50
C LEU B 46 6.38 48.75 -9.22
N ILE B 47 6.83 49.43 -10.27
CA ILE B 47 7.31 50.79 -10.06
C ILE B 47 6.05 51.60 -9.69
N MET B 48 5.17 51.79 -10.64
CA MET B 48 3.97 52.58 -10.38
C MET B 48 3.19 52.31 -9.13
N ASN B 49 3.27 51.12 -8.54
CA ASN B 49 2.44 50.90 -7.34
C ASN B 49 3.19 50.97 -6.01
N GLY B 50 4.50 51.20 -6.10
CA GLY B 50 5.33 51.35 -4.93
C GLY B 50 6.14 50.14 -4.53
N GLY B 51 5.88 49.03 -5.21
CA GLY B 51 6.59 47.80 -4.92
C GLY B 51 8.11 47.89 -4.97
N PHE B 52 8.61 48.82 -5.77
CA PHE B 52 10.03 49.00 -5.87
C PHE B 52 10.54 50.22 -5.08
N SER B 53 9.66 50.83 -4.27
CA SER B 53 10.05 51.98 -3.45
C SER B 53 11.44 51.72 -2.90
N PRO B 54 12.29 52.74 -2.83
CA PRO B 54 12.09 54.14 -3.19
C PRO B 54 12.05 54.40 -4.69
N LEU B 55 12.61 53.49 -5.49
CA LEU B 55 12.65 53.65 -6.95
C LEU B 55 11.32 54.25 -7.45
N GLU B 56 11.35 55.09 -8.49
CA GLU B 56 10.10 55.66 -9.02
C GLU B 56 10.12 55.97 -10.50
N GLY B 57 10.85 55.13 -11.24
CA GLY B 57 10.96 55.24 -12.67
C GLY B 57 12.00 54.22 -13.04
N PHE B 58 12.26 54.01 -14.34
CA PHE B 58 13.29 53.06 -14.77
C PHE B 58 14.62 53.73 -14.46
N MET B 59 15.56 52.94 -13.95
CA MET B 59 16.85 53.44 -13.54
C MET B 59 17.67 54.20 -14.57
N ASN B 60 18.19 55.37 -14.13
CA ASN B 60 19.09 56.18 -14.96
C ASN B 60 20.46 55.70 -14.57
N GLN B 61 21.45 56.01 -15.38
CA GLN B 61 22.79 55.53 -15.12
C GLN B 61 23.44 55.77 -13.75
N ALA B 62 23.03 56.83 -13.07
CA ALA B 62 23.60 57.13 -11.77
C ALA B 62 23.12 56.02 -10.84
N ASP B 63 21.79 55.83 -10.81
CA ASP B 63 21.18 54.78 -9.99
C ASP B 63 21.69 53.41 -10.44
N TYR B 64 21.62 53.18 -11.75
CA TYR B 64 22.04 51.94 -12.35
C TYR B 64 23.41 51.50 -11.93
N ASP B 65 24.41 52.33 -12.23
CA ASP B 65 25.80 51.99 -11.88
C ASP B 65 26.05 51.69 -10.39
N ARG B 66 25.42 52.45 -9.50
CA ARG B 66 25.58 52.19 -8.08
C ARG B 66 24.96 50.83 -7.70
N VAL B 67 24.12 50.27 -8.59
CA VAL B 67 23.59 48.96 -8.32
C VAL B 67 24.49 47.94 -9.08
N CYS B 68 24.69 48.13 -10.39
CA CYS B 68 25.59 47.23 -11.21
C CYS B 68 26.77 46.82 -10.32
N GLU B 69 27.16 47.67 -9.36
CA GLU B 69 28.31 47.36 -8.51
C GLU B 69 28.30 47.63 -7.02
N ASP B 70 27.36 48.41 -6.51
CA ASP B 70 27.41 48.58 -5.07
C ASP B 70 26.11 48.22 -4.36
N ASN B 71 25.13 47.63 -5.06
CA ASN B 71 23.85 47.23 -4.44
C ASN B 71 23.16 48.39 -3.72
N ARG B 72 23.37 49.58 -4.25
CA ARG B 72 22.76 50.77 -3.67
C ARG B 72 22.34 51.72 -4.77
N LEU B 73 21.33 52.51 -4.45
CA LEU B 73 20.83 53.51 -5.38
C LEU B 73 21.64 54.75 -5.07
N ALA B 74 21.76 55.65 -6.04
CA ALA B 74 22.52 56.86 -5.80
C ALA B 74 22.19 57.48 -4.43
N ASP B 75 20.91 57.48 -4.03
CA ASP B 75 20.50 58.04 -2.75
C ASP B 75 20.97 57.27 -1.51
N GLY B 76 21.78 56.23 -1.75
CA GLY B 76 22.32 55.42 -0.66
C GLY B 76 21.60 54.14 -0.27
N ASN B 77 20.25 54.15 -0.40
CA ASN B 77 19.38 53.01 -0.08
C ASN B 77 19.83 51.72 -0.78
N VAL B 78 19.67 50.59 -0.08
CA VAL B 78 20.03 49.31 -0.69
C VAL B 78 19.01 48.91 -1.75
N PHE B 79 19.53 48.37 -2.85
CA PHE B 79 18.75 47.91 -3.99
C PHE B 79 19.69 47.07 -4.87
N SER B 80 19.50 45.75 -4.87
CA SER B 80 20.38 44.82 -5.58
C SER B 80 20.08 44.39 -7.01
N MET B 81 19.05 44.95 -7.63
CA MET B 81 18.66 44.49 -8.96
C MET B 81 18.42 45.63 -9.94
N PRO B 82 19.12 45.57 -11.05
CA PRO B 82 18.96 46.61 -12.09
C PRO B 82 17.57 46.54 -12.73
N ILE B 83 16.83 47.65 -12.66
CA ILE B 83 15.51 47.72 -13.26
C ILE B 83 15.54 48.78 -14.35
N THR B 84 15.79 48.38 -15.58
CA THR B 84 15.87 49.36 -16.66
C THR B 84 14.94 49.15 -17.85
N LEU B 85 14.77 50.19 -18.67
CA LEU B 85 13.93 50.15 -19.85
C LEU B 85 14.82 50.20 -21.10
N ASP B 86 15.04 49.08 -21.77
CA ASP B 86 15.90 49.04 -22.98
C ASP B 86 15.21 49.30 -24.34
N ALA B 87 15.99 49.92 -25.23
CA ALA B 87 15.53 50.26 -26.55
C ALA B 87 16.69 50.15 -27.53
N SER B 88 16.35 50.01 -28.79
CA SER B 88 17.34 49.89 -29.85
C SER B 88 17.60 51.25 -30.48
N GLN B 89 18.73 51.36 -31.15
CA GLN B 89 19.09 52.59 -31.81
C GLN B 89 17.95 53.09 -32.72
N GLU B 90 17.40 52.17 -33.52
CA GLU B 90 16.33 52.53 -34.46
C GLU B 90 15.14 53.18 -33.80
N VAL B 91 14.79 52.75 -32.60
CA VAL B 91 13.64 53.33 -31.92
C VAL B 91 14.00 54.70 -31.35
N ILE B 92 15.21 54.78 -30.80
CA ILE B 92 15.70 56.02 -30.23
C ILE B 92 15.70 57.10 -31.30
N ASP B 93 16.07 56.73 -32.53
CA ASP B 93 16.08 57.68 -33.64
C ASP B 93 14.68 57.97 -34.15
N GLU B 94 14.03 56.93 -34.64
CA GLU B 94 12.69 57.04 -35.19
C GLU B 94 11.76 57.85 -34.32
N LYS B 95 11.93 57.77 -33.02
CA LYS B 95 11.06 58.47 -32.11
C LYS B 95 11.68 59.79 -31.68
N LYS B 96 12.97 59.96 -32.02
CA LYS B 96 13.73 61.16 -31.68
C LYS B 96 13.82 61.30 -30.16
N LEU B 97 14.25 60.23 -29.51
CA LEU B 97 14.35 60.26 -28.07
C LEU B 97 15.68 60.88 -27.66
N GLN B 98 15.60 61.76 -26.66
CA GLN B 98 16.78 62.45 -26.13
C GLN B 98 16.42 62.96 -24.75
N ALA B 99 17.44 63.33 -23.98
CA ALA B 99 17.21 63.83 -22.63
C ALA B 99 16.05 64.84 -22.59
N GLY B 100 15.30 64.84 -21.49
CA GLY B 100 14.21 65.77 -21.36
C GLY B 100 12.96 65.37 -22.10
N SER B 101 13.06 64.41 -23.04
CA SER B 101 11.89 63.92 -23.80
C SER B 101 10.81 63.27 -22.90
N ARG B 102 9.57 63.31 -23.36
CA ARG B 102 8.47 62.68 -22.62
C ARG B 102 7.82 61.60 -23.51
N ILE B 103 8.07 60.34 -23.17
CA ILE B 103 7.51 59.23 -23.92
C ILE B 103 6.34 58.63 -23.21
N THR B 104 5.45 58.01 -23.96
CA THR B 104 4.31 57.31 -23.34
C THR B 104 4.69 55.82 -23.34
N LEU B 105 4.40 55.13 -22.22
CA LEU B 105 4.65 53.68 -22.14
C LEU B 105 3.28 52.98 -22.34
N ARG B 106 3.22 52.13 -23.37
CA ARG B 106 1.98 51.42 -23.74
C ARG B 106 1.99 49.91 -23.54
N ASP B 107 0.86 49.41 -23.04
CA ASP B 107 0.56 47.97 -22.78
C ASP B 107 0.30 47.22 -24.10
N PHE B 108 1.21 46.36 -24.53
CA PHE B 108 1.03 45.62 -25.79
C PHE B 108 -0.20 44.72 -25.74
N ARG B 109 -0.69 44.40 -24.56
CA ARG B 109 -1.85 43.54 -24.46
C ARG B 109 -3.14 44.24 -24.90
N ASP B 110 -3.45 45.39 -24.34
CA ASP B 110 -4.67 46.08 -24.73
C ASP B 110 -4.46 47.47 -25.27
N ASP B 111 -3.24 47.75 -25.68
CA ASP B 111 -2.86 49.05 -26.26
C ASP B 111 -3.05 50.27 -25.34
N ARG B 112 -3.41 50.08 -24.08
CA ARG B 112 -3.62 51.20 -23.18
C ARG B 112 -2.33 51.97 -22.84
N ASN B 113 -2.50 53.29 -22.59
CA ASN B 113 -1.40 54.20 -22.25
C ASN B 113 -1.27 54.14 -20.74
N LEU B 114 -0.16 53.59 -20.26
CA LEU B 114 -0.01 53.39 -18.81
C LEU B 114 0.66 54.47 -18.02
N ALA B 115 1.79 54.92 -18.53
CA ALA B 115 2.58 55.93 -17.88
C ALA B 115 3.31 56.81 -18.87
N ILE B 116 3.80 57.93 -18.34
CA ILE B 116 4.60 58.89 -19.10
C ILE B 116 5.96 58.90 -18.38
N LEU B 117 7.03 58.60 -19.11
CA LEU B 117 8.37 58.61 -18.55
C LEU B 117 9.06 59.84 -19.10
N THR B 118 9.85 60.50 -18.23
CA THR B 118 10.62 61.69 -18.61
C THR B 118 12.10 61.32 -18.61
N ILE B 119 12.66 61.18 -19.80
CA ILE B 119 14.05 60.75 -19.97
C ILE B 119 15.12 61.57 -19.28
N ASP B 120 15.92 60.90 -18.45
CA ASP B 120 17.03 61.54 -17.78
C ASP B 120 18.18 61.36 -18.74
N ASP B 121 18.54 60.13 -19.00
CA ASP B 121 19.64 59.86 -19.90
C ASP B 121 19.23 58.74 -20.83
N ILE B 122 20.17 58.33 -21.68
CA ILE B 122 19.95 57.27 -22.65
C ILE B 122 21.32 56.69 -22.85
N TYR B 123 21.70 55.79 -21.96
CA TYR B 123 23.03 55.15 -22.04
C TYR B 123 23.15 53.75 -22.63
N ARG B 124 24.36 53.41 -23.04
CA ARG B 124 24.65 52.08 -23.60
C ARG B 124 25.47 51.32 -22.54
N PRO B 125 24.83 50.39 -21.80
CA PRO B 125 25.44 49.58 -20.73
C PRO B 125 26.38 48.48 -21.18
N ASP B 126 27.33 48.15 -20.30
CA ASP B 126 28.33 47.08 -20.54
C ASP B 126 27.70 45.76 -20.16
N LYS B 127 27.02 45.12 -21.12
CA LYS B 127 26.33 43.90 -20.80
C LYS B 127 27.19 42.82 -20.18
N THR B 128 28.50 42.88 -20.35
CA THR B 128 29.33 41.86 -19.76
C THR B 128 29.53 42.11 -18.25
N LYS B 129 29.63 43.38 -17.86
CA LYS B 129 29.80 43.73 -16.42
C LYS B 129 28.49 43.47 -15.66
N GLU B 130 27.36 43.69 -16.34
CA GLU B 130 26.05 43.44 -15.72
C GLU B 130 25.99 41.95 -15.48
N ALA B 131 26.19 41.23 -16.59
CA ALA B 131 26.18 39.78 -16.58
C ALA B 131 26.96 39.25 -15.41
N LYS B 132 28.21 39.72 -15.29
CA LYS B 132 29.12 39.29 -14.23
C LYS B 132 28.90 39.88 -12.84
N LEU B 133 28.65 41.17 -12.73
CA LEU B 133 28.48 41.71 -11.40
C LEU B 133 27.14 41.45 -10.72
N VAL B 134 26.08 41.30 -11.53
CA VAL B 134 24.74 41.07 -10.97
C VAL B 134 24.32 39.59 -10.94
N PHE B 135 24.46 38.90 -12.07
CA PHE B 135 24.02 37.52 -12.16
C PHE B 135 25.17 36.53 -12.24
N GLY B 136 26.17 36.69 -11.38
CA GLY B 136 27.32 35.79 -11.44
C GLY B 136 27.83 36.02 -12.85
N GLY B 137 28.37 35.04 -13.55
CA GLY B 137 28.80 35.37 -14.89
C GLY B 137 28.44 34.33 -15.95
N ASP B 138 27.92 33.19 -15.50
CA ASP B 138 27.57 32.10 -16.40
C ASP B 138 26.62 32.46 -17.54
N PRO B 139 27.04 32.20 -18.77
CA PRO B 139 26.30 32.46 -20.02
C PRO B 139 25.04 31.61 -20.13
N GLU B 140 24.95 30.58 -19.32
CA GLU B 140 23.79 29.70 -19.33
C GLU B 140 22.73 30.24 -18.37
N HIS B 141 23.10 31.15 -17.47
CA HIS B 141 22.16 31.75 -16.53
C HIS B 141 21.02 32.41 -17.31
N PRO B 142 19.76 32.17 -16.91
CA PRO B 142 18.58 32.73 -17.55
C PRO B 142 18.62 34.23 -17.80
N ALA B 143 18.90 34.99 -16.75
CA ALA B 143 18.97 36.46 -16.80
C ALA B 143 20.01 36.93 -17.81
N ILE B 144 21.13 36.24 -17.85
CA ILE B 144 22.20 36.59 -18.77
C ILE B 144 21.76 36.30 -20.20
N VAL B 145 21.22 35.12 -20.42
CA VAL B 145 20.73 34.75 -21.73
C VAL B 145 19.70 35.77 -22.22
N TYR B 146 18.89 36.30 -21.30
CA TYR B 146 17.90 37.29 -21.66
C TYR B 146 18.63 38.59 -21.98
N LEU B 147 19.57 38.96 -21.11
CA LEU B 147 20.38 40.17 -21.26
C LEU B 147 20.96 40.30 -22.66
N ASN B 148 21.48 39.21 -23.19
CA ASN B 148 22.08 39.23 -24.52
C ASN B 148 21.17 38.99 -25.71
N ASN B 149 20.13 38.18 -25.53
CA ASN B 149 19.25 37.88 -26.64
C ASN B 149 17.97 38.70 -26.73
N THR B 150 17.49 39.19 -25.61
CA THR B 150 16.25 39.95 -25.66
C THR B 150 16.39 41.41 -25.31
N VAL B 151 17.21 41.73 -24.29
CA VAL B 151 17.45 43.11 -23.89
C VAL B 151 18.08 43.80 -25.07
N LYS B 152 17.63 45.02 -25.38
CA LYS B 152 18.17 45.79 -26.52
C LYS B 152 19.55 46.36 -26.20
N GLU B 153 20.02 47.31 -27.00
CA GLU B 153 21.36 47.89 -26.78
C GLU B 153 21.49 49.02 -25.75
N PHE B 154 20.47 49.87 -25.62
CA PHE B 154 20.53 50.98 -24.70
C PHE B 154 19.50 50.94 -23.60
N TYR B 155 19.81 51.60 -22.49
CA TYR B 155 18.88 51.70 -21.37
C TYR B 155 18.39 53.16 -21.35
N ILE B 156 17.11 53.38 -21.08
CA ILE B 156 16.58 54.73 -21.07
C ILE B 156 16.10 55.05 -19.67
N GLY B 157 16.91 55.79 -18.88
CA GLY B 157 16.54 56.16 -17.51
C GLY B 157 15.51 57.32 -17.35
N GLY B 158 14.74 57.35 -16.27
CA GLY B 158 13.77 58.43 -16.14
C GLY B 158 12.66 58.23 -15.10
N LYS B 159 12.16 59.32 -14.54
CA LYS B 159 11.10 59.16 -13.56
C LYS B 159 9.80 58.91 -14.29
N ILE B 160 8.81 58.39 -13.57
CA ILE B 160 7.53 58.04 -14.15
C ILE B 160 6.34 58.78 -13.54
N GLU B 161 5.34 59.06 -14.37
CA GLU B 161 4.09 59.65 -13.89
C GLU B 161 3.03 58.67 -14.35
N ALA B 162 2.07 58.38 -13.49
CA ALA B 162 1.06 57.38 -13.81
C ALA B 162 -0.25 57.80 -14.50
N VAL B 163 -0.50 57.15 -15.65
CA VAL B 163 -1.71 57.36 -16.42
C VAL B 163 -2.79 56.31 -16.09
N ASN B 164 -2.43 55.01 -16.14
CA ASN B 164 -3.39 53.93 -15.80
C ASN B 164 -2.75 52.73 -15.12
N LYS B 165 -3.52 52.02 -14.29
CA LYS B 165 -2.97 50.80 -13.69
C LYS B 165 -3.18 49.66 -14.70
N LEU B 166 -2.19 48.80 -14.90
CA LEU B 166 -2.32 47.68 -15.85
C LEU B 166 -3.65 46.99 -15.62
N ASN B 167 -4.17 46.40 -16.68
CA ASN B 167 -5.39 45.64 -16.55
C ASN B 167 -4.98 44.15 -16.49
N HIS B 168 -5.68 43.38 -15.63
CA HIS B 168 -5.44 41.94 -15.55
C HIS B 168 -6.77 41.19 -15.55
N TYR B 169 -6.90 40.14 -16.34
CA TYR B 169 -8.19 39.49 -16.24
C TYR B 169 -8.18 38.21 -15.42
N ASP B 170 -7.00 37.84 -14.93
CA ASP B 170 -6.88 36.64 -14.12
C ASP B 170 -6.65 36.91 -12.65
N TYR B 171 -7.50 36.32 -11.84
CA TYR B 171 -7.40 36.43 -10.39
C TYR B 171 -7.36 37.87 -9.86
N VAL B 172 -8.25 38.73 -10.31
CA VAL B 172 -8.19 40.11 -9.83
C VAL B 172 -8.38 40.22 -8.34
N ALA B 173 -9.21 39.38 -7.74
CA ALA B 173 -9.40 39.48 -6.29
C ALA B 173 -8.22 38.99 -5.44
N LEU B 174 -7.25 38.32 -6.05
CA LEU B 174 -6.10 37.81 -5.31
C LEU B 174 -4.85 38.64 -5.61
N ARG B 175 -4.98 39.60 -6.54
CA ARG B 175 -3.89 40.47 -6.88
C ARG B 175 -3.98 41.63 -5.89
N TYR B 176 -2.84 42.17 -5.48
CA TYR B 176 -2.82 43.29 -4.52
C TYR B 176 -1.66 44.28 -4.75
N THR B 177 -1.98 45.54 -4.53
CA THR B 177 -0.94 46.59 -4.60
C THR B 177 -0.49 46.77 -3.17
N PRO B 178 0.76 47.24 -2.99
CA PRO B 178 1.27 47.46 -1.63
C PRO B 178 0.16 48.17 -0.82
N ALA B 179 -0.43 49.21 -1.40
CA ALA B 179 -1.48 49.87 -0.66
C ALA B 179 -2.66 48.97 -0.29
N GLU B 180 -3.16 48.18 -1.24
CA GLU B 180 -4.31 47.32 -0.94
C GLU B 180 -3.98 46.29 0.12
N LEU B 181 -2.81 45.67 -0.05
CA LEU B 181 -2.39 44.64 0.87
C LEU B 181 -2.40 45.24 2.26
N ARG B 182 -1.72 46.37 2.41
CA ARG B 182 -1.65 47.06 3.71
C ARG B 182 -3.06 47.28 4.31
N VAL B 183 -3.94 47.84 3.52
CA VAL B 183 -5.26 48.04 4.02
C VAL B 183 -5.91 46.73 4.44
N HIS B 184 -5.50 45.65 3.76
CA HIS B 184 -6.04 44.34 4.06
C HIS B 184 -5.48 43.78 5.39
N PHE B 185 -4.17 43.92 5.58
CA PHE B 185 -3.56 43.45 6.81
C PHE B 185 -4.28 44.17 7.94
N ASP B 186 -4.63 45.41 7.67
CA ASP B 186 -5.34 46.19 8.65
C ASP B 186 -6.73 45.61 8.90
N LYS B 187 -7.52 45.51 7.85
CA LYS B 187 -8.86 44.98 8.00
C LYS B 187 -8.87 43.70 8.81
N LEU B 188 -7.86 42.85 8.59
CA LEU B 188 -7.79 41.57 9.27
C LEU B 188 -7.29 41.71 10.69
N GLY B 189 -6.74 42.87 11.00
CA GLY B 189 -6.25 43.05 12.34
C GLY B 189 -4.89 42.41 12.57
N TRP B 190 -4.08 42.32 11.53
CA TRP B 190 -2.77 41.72 11.65
C TRP B 190 -1.70 42.73 11.93
N SER B 191 -0.61 42.33 12.58
CA SER B 191 0.49 43.24 12.86
C SER B 191 1.86 42.67 12.57
N ARG B 192 1.99 41.35 12.58
CA ARG B 192 3.27 40.73 12.26
C ARG B 192 2.89 39.80 11.10
N VAL B 193 3.63 39.90 10.00
CA VAL B 193 3.30 39.12 8.83
C VAL B 193 4.54 38.53 8.18
N VAL B 194 4.63 37.20 8.12
CA VAL B 194 5.75 36.52 7.45
C VAL B 194 5.31 36.31 5.98
N ALA B 195 6.13 36.70 5.03
CA ALA B 195 5.78 36.55 3.65
C ALA B 195 6.59 35.41 3.15
N PHE B 196 5.96 34.60 2.27
CA PHE B 196 6.59 33.43 1.65
C PHE B 196 6.70 33.62 0.13
N GLN B 197 7.92 33.64 -0.38
CA GLN B 197 8.12 33.83 -1.81
C GLN B 197 8.06 32.48 -2.47
N THR B 198 7.64 32.41 -3.73
CA THR B 198 7.63 31.12 -4.43
C THR B 198 7.25 31.17 -5.88
N ARG B 199 7.78 30.22 -6.64
CA ARG B 199 7.46 30.14 -8.05
C ARG B 199 7.13 28.69 -8.42
N ASN B 200 6.76 27.92 -7.41
CA ASN B 200 6.43 26.51 -7.57
C ASN B 200 5.25 26.07 -6.79
N PRO B 201 4.73 24.89 -7.10
CA PRO B 201 3.58 24.47 -6.32
C PRO B 201 4.09 24.25 -4.92
N MET B 202 3.24 24.43 -3.92
CA MET B 202 3.67 24.25 -2.56
C MET B 202 3.39 22.87 -2.08
N HIS B 203 4.42 22.17 -1.62
CA HIS B 203 4.20 20.84 -1.10
C HIS B 203 4.17 20.81 0.43
N ARG B 204 4.15 19.63 0.99
CA ARG B 204 4.06 19.48 2.43
C ARG B 204 5.16 20.24 3.14
N ALA B 205 6.38 20.09 2.62
CA ALA B 205 7.50 20.77 3.21
C ALA B 205 7.22 22.24 3.37
N HIS B 206 6.77 22.89 2.31
CA HIS B 206 6.51 24.31 2.40
C HIS B 206 5.39 24.75 3.33
N ARG B 207 4.41 23.88 3.52
CA ARG B 207 3.33 24.24 4.40
C ARG B 207 3.98 24.26 5.76
N GLU B 208 4.92 23.34 5.99
CA GLU B 208 5.60 23.31 7.28
C GLU B 208 6.49 24.52 7.57
N LEU B 209 7.31 24.96 6.60
CA LEU B 209 8.16 26.15 6.81
C LEU B 209 7.27 27.25 7.32
N THR B 210 6.24 27.53 6.52
CA THR B 210 5.34 28.61 6.84
C THR B 210 4.66 28.51 8.18
N VAL B 211 4.23 27.34 8.59
CA VAL B 211 3.59 27.30 9.89
C VAL B 211 4.65 27.43 10.99
N ARG B 212 5.87 26.98 10.69
CA ARG B 212 6.96 27.10 11.66
C ARG B 212 7.33 28.56 11.86
N ALA B 213 7.49 29.29 10.76
CA ALA B 213 7.85 30.69 10.86
C ALA B 213 6.75 31.40 11.58
N ALA B 214 5.51 31.02 11.32
CA ALA B 214 4.38 31.71 11.94
C ALA B 214 4.37 31.49 13.45
N ARG B 215 4.67 30.27 13.86
CA ARG B 215 4.67 29.94 15.28
C ARG B 215 5.86 30.62 15.95
N SER B 216 7.05 30.52 15.35
CA SER B 216 8.24 31.15 15.90
C SER B 216 8.13 32.70 15.95
N ARG B 217 7.95 33.37 14.82
CA ARG B 217 7.84 34.80 14.92
C ARG B 217 6.47 35.24 15.39
N GLN B 218 5.63 34.34 15.87
CA GLN B 218 4.31 34.80 16.31
C GLN B 218 3.65 35.72 15.28
N ALA B 219 3.61 35.23 14.03
CA ALA B 219 3.07 35.99 12.90
C ALA B 219 1.98 35.28 12.12
N ASN B 220 1.33 36.05 11.26
CA ASN B 220 0.33 35.54 10.35
C ASN B 220 1.06 35.22 9.03
N VAL B 221 0.47 34.38 8.19
CA VAL B 221 1.13 34.03 6.95
C VAL B 221 0.62 34.71 5.68
N LEU B 222 1.54 35.19 4.88
CA LEU B 222 1.20 35.77 3.60
C LEU B 222 1.86 34.87 2.56
N ILE B 223 1.07 34.07 1.85
CA ILE B 223 1.63 33.23 0.78
C ILE B 223 1.59 34.22 -0.36
N HIS B 224 2.79 34.63 -0.79
CA HIS B 224 2.96 35.68 -1.80
C HIS B 224 3.71 35.15 -3.06
N PRO B 225 3.04 34.33 -3.90
CA PRO B 225 3.69 33.77 -5.10
C PRO B 225 3.88 34.66 -6.31
N VAL B 226 4.88 34.38 -7.10
CA VAL B 226 5.12 35.19 -8.29
C VAL B 226 4.24 34.72 -9.42
N VAL B 227 3.65 35.67 -10.08
CA VAL B 227 2.69 35.36 -11.12
C VAL B 227 3.02 36.10 -12.45
N GLY B 228 4.12 36.88 -12.42
CA GLY B 228 4.57 37.63 -13.58
C GLY B 228 5.47 36.86 -14.52
N LEU B 229 6.77 36.72 -14.24
CA LEU B 229 7.69 35.91 -15.06
C LEU B 229 8.49 35.16 -14.05
N THR B 230 8.91 33.95 -14.39
CA THR B 230 9.58 33.05 -13.45
C THR B 230 10.68 32.32 -14.21
N LYS B 231 11.18 31.20 -13.70
CA LYS B 231 12.23 30.47 -14.43
C LYS B 231 11.72 29.91 -15.76
N PRO B 232 12.56 29.86 -16.79
CA PRO B 232 12.03 29.33 -18.06
C PRO B 232 11.05 28.17 -18.15
N GLY B 233 11.27 27.03 -17.52
CA GLY B 233 10.21 26.03 -17.71
C GLY B 233 9.32 25.67 -16.52
N ASP B 234 8.91 26.59 -15.64
CA ASP B 234 8.14 26.11 -14.51
C ASP B 234 6.71 26.02 -14.82
N ILE B 235 6.01 25.41 -13.89
CA ILE B 235 4.60 25.25 -14.03
C ILE B 235 3.94 26.60 -14.15
N ASP B 236 3.10 26.76 -15.17
CA ASP B 236 2.37 27.99 -15.45
C ASP B 236 1.71 28.50 -14.13
N HIS B 237 1.51 29.81 -14.05
CA HIS B 237 0.92 30.36 -12.85
C HIS B 237 -0.55 30.02 -12.61
N PHE B 238 -1.33 29.75 -13.65
CA PHE B 238 -2.74 29.41 -13.35
C PHE B 238 -2.78 28.08 -12.60
N THR B 239 -1.94 27.12 -13.03
CA THR B 239 -1.90 25.83 -12.32
C THR B 239 -1.36 26.03 -10.88
N ARG B 240 -0.32 26.87 -10.74
CA ARG B 240 0.20 27.12 -9.41
C ARG B 240 -0.81 27.80 -8.48
N VAL B 241 -1.54 28.79 -9.02
CA VAL B 241 -2.50 29.49 -8.13
C VAL B 241 -3.57 28.52 -7.68
N ARG B 242 -3.94 27.67 -8.62
CA ARG B 242 -4.95 26.67 -8.37
C ARG B 242 -4.41 25.75 -7.26
N ALA B 243 -3.12 25.41 -7.34
CA ALA B 243 -2.48 24.59 -6.32
C ALA B 243 -2.36 25.33 -4.95
N TYR B 244 -1.99 26.63 -4.96
CA TYR B 244 -1.92 27.39 -3.68
C TYR B 244 -3.34 27.38 -3.07
N GLN B 245 -4.35 27.64 -3.89
CA GLN B 245 -5.70 27.65 -3.36
C GLN B 245 -6.13 26.31 -2.76
N ALA B 246 -5.61 25.18 -3.31
CA ALA B 246 -5.94 23.83 -2.79
C ALA B 246 -5.34 23.59 -1.44
N LEU B 247 -4.28 24.34 -1.14
CA LEU B 247 -3.51 24.23 0.08
C LEU B 247 -4.06 25.02 1.24
N LEU B 248 -4.62 26.19 0.96
CA LEU B 248 -5.13 27.03 2.04
C LEU B 248 -5.83 26.30 3.19
N PRO B 249 -6.83 25.45 2.89
CA PRO B 249 -7.57 24.72 3.95
C PRO B 249 -6.66 23.90 4.90
N ARG B 250 -5.38 23.75 4.56
CA ARG B 250 -4.48 23.02 5.43
C ARG B 250 -3.91 23.92 6.55
N TYR B 251 -4.29 25.20 6.62
CA TYR B 251 -3.81 26.06 7.69
C TYR B 251 -4.98 26.25 8.60
N PRO B 252 -4.73 26.57 9.87
CA PRO B 252 -5.91 26.77 10.74
C PRO B 252 -6.68 27.99 10.26
N ASN B 253 -8.00 27.94 10.37
CA ASN B 253 -8.84 29.07 9.91
C ASN B 253 -8.22 30.46 10.18
N GLY B 254 -8.28 31.32 9.15
CA GLY B 254 -7.73 32.67 9.26
C GLY B 254 -6.27 32.87 9.64
N MET B 255 -5.40 31.99 9.21
CA MET B 255 -4.04 32.16 9.60
C MET B 255 -3.21 32.59 8.42
N ALA B 256 -3.62 32.18 7.23
CA ALA B 256 -2.87 32.53 6.05
C ALA B 256 -3.75 33.28 5.04
N VAL B 257 -3.09 34.10 4.23
CA VAL B 257 -3.76 34.85 3.18
C VAL B 257 -2.91 34.64 1.93
N LEU B 258 -3.59 34.47 0.80
CA LEU B 258 -2.87 34.28 -0.45
C LEU B 258 -2.98 35.61 -1.22
N GLY B 259 -1.85 36.09 -1.73
CA GLY B 259 -1.89 37.32 -2.51
C GLY B 259 -0.86 37.17 -3.58
N LEU B 260 -1.21 37.58 -4.79
CA LEU B 260 -0.29 37.41 -5.90
C LEU B 260 0.62 38.61 -6.23
N LEU B 261 1.84 38.32 -6.64
CA LEU B 261 2.76 39.37 -6.94
C LEU B 261 3.15 39.35 -8.38
N GLY B 262 2.94 40.49 -9.04
CA GLY B 262 3.28 40.66 -10.44
C GLY B 262 4.75 40.77 -10.80
N LEU B 263 5.62 40.12 -10.04
CA LEU B 263 7.03 40.24 -10.29
C LEU B 263 7.66 39.52 -11.48
N ALA B 264 8.71 40.10 -12.07
CA ALA B 264 9.38 39.39 -13.14
C ALA B 264 10.72 38.93 -12.59
N MET B 265 10.77 37.76 -11.98
CA MET B 265 12.03 37.22 -11.41
C MET B 265 13.16 37.21 -12.40
N ARG B 266 14.38 37.19 -11.88
CA ARG B 266 15.53 37.17 -12.76
C ARG B 266 16.28 35.91 -12.47
N MET B 267 15.99 35.35 -11.30
CA MET B 267 16.63 34.13 -10.78
C MET B 267 18.02 34.56 -10.42
N GLY B 268 18.11 35.70 -9.71
CA GLY B 268 19.39 36.26 -9.32
C GLY B 268 19.89 35.83 -7.96
N GLY B 269 19.42 34.67 -7.53
CA GLY B 269 19.82 34.17 -6.25
C GLY B 269 19.97 35.25 -5.20
N PRO B 270 21.18 35.36 -4.61
CA PRO B 270 21.49 36.34 -3.56
C PRO B 270 21.00 37.77 -3.80
N ARG B 271 21.27 38.33 -4.97
CA ARG B 271 20.79 39.69 -5.17
C ARG B 271 19.25 39.70 -5.20
N GLU B 272 18.69 38.74 -5.94
CA GLU B 272 17.24 38.67 -6.02
C GLU B 272 16.65 38.55 -4.61
N ALA B 273 17.38 37.89 -3.73
CA ALA B 273 16.89 37.73 -2.37
C ALA B 273 16.75 39.08 -1.65
N ILE B 274 17.80 39.91 -1.79
CA ILE B 274 17.79 41.23 -1.15
C ILE B 274 16.59 41.97 -1.69
N TRP B 275 16.54 41.99 -3.02
CA TRP B 275 15.47 42.60 -3.77
C TRP B 275 14.08 42.15 -3.24
N HIS B 276 13.90 40.83 -3.05
CA HIS B 276 12.60 40.31 -2.57
C HIS B 276 12.22 40.84 -1.21
N ALA B 277 13.23 40.96 -0.34
CA ALA B 277 13.04 41.48 1.03
C ALA B 277 12.50 42.93 0.97
N ILE B 278 13.09 43.68 0.04
CA ILE B 278 12.68 45.05 -0.16
C ILE B 278 11.21 45.09 -0.61
N ILE B 279 10.92 44.26 -1.61
CA ILE B 279 9.60 44.23 -2.18
C ILE B 279 8.57 43.84 -1.17
N ARG B 280 8.87 42.80 -0.40
CA ARG B 280 7.91 42.36 0.61
C ARG B 280 7.72 43.42 1.68
N LYS B 281 8.80 44.17 1.95
CA LYS B 281 8.74 45.22 2.94
C LYS B 281 7.77 46.28 2.43
N ASN B 282 7.94 46.66 1.16
CA ASN B 282 7.05 47.66 0.57
C ASN B 282 5.60 47.22 0.63
N HIS B 283 5.37 45.90 0.47
CA HIS B 283 4.01 45.36 0.53
C HIS B 283 3.49 45.26 1.97
N GLY B 284 4.35 45.59 2.95
CA GLY B 284 3.90 45.57 4.33
C GLY B 284 4.19 44.38 5.18
N ALA B 285 5.05 43.49 4.71
CA ALA B 285 5.35 42.30 5.50
C ALA B 285 6.42 42.65 6.55
N THR B 286 6.22 42.17 7.78
CA THR B 286 7.19 42.40 8.87
C THR B 286 8.35 41.40 8.84
N HIS B 287 8.11 40.21 8.27
CA HIS B 287 9.16 39.18 8.12
C HIS B 287 9.10 38.53 6.73
N PHE B 288 10.22 37.92 6.31
CA PHE B 288 10.33 37.32 5.01
C PHE B 288 11.25 36.10 5.02
N ILE B 289 10.71 34.96 4.60
CA ILE B 289 11.44 33.72 4.58
C ILE B 289 12.47 33.57 3.48
N VAL B 290 13.65 33.09 3.82
CA VAL B 290 14.67 32.84 2.80
C VAL B 290 15.15 31.47 3.24
N GLY B 291 15.09 30.51 2.30
CA GLY B 291 15.45 29.14 2.58
C GLY B 291 16.57 28.73 1.71
N ARG B 292 16.65 27.43 1.43
CA ARG B 292 17.71 26.90 0.59
C ARG B 292 17.51 27.30 -0.83
N ASP B 293 18.58 27.72 -1.45
CA ASP B 293 18.56 28.09 -2.85
C ASP B 293 17.57 29.14 -3.30
N HIS B 294 17.22 30.06 -2.40
CA HIS B 294 16.27 31.12 -2.74
C HIS B 294 16.60 31.79 -4.05
N ALA B 295 15.57 31.98 -4.87
CA ALA B 295 15.70 32.56 -6.21
C ALA B 295 16.82 31.98 -7.09
N GLY B 296 17.27 30.76 -6.82
CA GLY B 296 18.33 30.19 -7.64
C GLY B 296 17.89 29.40 -8.86
N PRO B 297 18.60 29.49 -10.00
CA PRO B 297 18.10 28.70 -11.11
C PRO B 297 18.75 27.34 -11.28
N GLY B 298 19.19 26.77 -10.17
CA GLY B 298 19.83 25.46 -10.23
C GLY B 298 21.29 25.37 -10.63
N SER B 299 21.57 24.55 -11.64
CA SER B 299 22.93 24.32 -12.11
C SER B 299 23.06 24.43 -13.63
N ASN B 300 24.26 24.77 -14.11
CA ASN B 300 24.45 24.90 -15.55
C ASN B 300 24.58 23.53 -16.20
N SER B 301 25.00 23.56 -17.47
CA SER B 301 25.16 22.37 -18.28
C SER B 301 26.33 21.50 -17.81
N LYS B 302 27.44 22.14 -17.47
CA LYS B 302 28.61 21.41 -16.96
C LYS B 302 28.30 20.95 -15.51
N GLY B 303 27.03 20.94 -15.14
CA GLY B 303 26.61 20.50 -13.81
C GLY B 303 26.97 21.35 -12.60
N GLU B 304 27.63 22.49 -12.85
CA GLU B 304 28.02 23.38 -11.76
C GLU B 304 26.84 24.32 -11.42
N ASP B 305 26.43 24.39 -10.16
CA ASP B 305 25.32 25.26 -9.86
C ASP B 305 25.62 26.75 -9.55
N PHE B 306 24.95 27.62 -10.29
CA PHE B 306 25.10 29.06 -10.22
C PHE B 306 25.37 29.69 -8.89
N TYR B 307 24.61 29.33 -7.87
CA TYR B 307 24.88 29.91 -6.56
C TYR B 307 24.90 28.72 -5.60
N GLY B 308 25.42 28.91 -4.39
CA GLY B 308 25.45 27.80 -3.47
C GLY B 308 24.20 27.86 -2.61
N PRO B 309 23.84 26.75 -1.98
CA PRO B 309 22.64 26.79 -1.14
C PRO B 309 22.94 27.82 -0.08
N TYR B 310 21.93 28.35 0.57
CA TYR B 310 22.20 29.33 1.63
C TYR B 310 23.06 30.62 1.35
N ASP B 311 23.69 30.76 0.19
CA ASP B 311 24.41 32.03 -0.10
C ASP B 311 23.46 33.22 0.01
N ALA B 312 22.28 33.08 -0.57
CA ALA B 312 21.32 34.15 -0.51
C ALA B 312 21.03 34.49 0.96
N GLN B 313 21.11 33.52 1.86
CA GLN B 313 20.83 33.83 3.29
C GLN B 313 21.92 34.77 3.85
N HIS B 314 23.14 34.55 3.36
CA HIS B 314 24.32 35.32 3.75
C HIS B 314 24.20 36.72 3.25
N ALA B 315 23.95 36.85 1.94
CA ALA B 315 23.79 38.15 1.33
C ALA B 315 22.68 38.96 2.05
N VAL B 316 21.50 38.38 2.23
CA VAL B 316 20.46 39.16 2.88
C VAL B 316 20.91 39.53 4.29
N GLU B 317 21.86 38.75 4.81
CA GLU B 317 22.41 38.97 6.16
C GLU B 317 23.33 40.19 6.13
N LYS B 318 24.19 40.25 5.11
CA LYS B 318 25.13 41.36 4.91
C LYS B 318 24.45 42.71 5.15
N TYR B 319 23.14 42.80 4.92
CA TYR B 319 22.42 44.05 5.15
C TYR B 319 21.38 43.97 6.23
N LYS B 320 21.55 43.06 7.17
CA LYS B 320 20.56 42.91 8.25
C LYS B 320 20.11 44.25 8.81
N ASP B 321 21.08 45.16 8.94
CA ASP B 321 20.88 46.49 9.50
C ASP B 321 20.22 47.52 8.61
N GLU B 322 20.27 47.29 7.31
CA GLU B 322 19.67 48.21 6.33
C GLU B 322 18.33 47.77 5.72
N LEU B 323 18.05 46.46 5.73
CA LEU B 323 16.79 45.96 5.19
C LEU B 323 15.85 46.02 6.38
N GLY B 324 14.84 46.86 6.30
CA GLY B 324 13.91 47.01 7.42
C GLY B 324 12.83 45.95 7.55
N ILE B 325 13.23 44.68 7.49
CA ILE B 325 12.30 43.57 7.55
C ILE B 325 13.08 42.36 8.04
N GLU B 326 12.49 41.64 8.98
CA GLU B 326 13.18 40.49 9.56
C GLU B 326 13.19 39.20 8.71
N VAL B 327 14.38 38.77 8.26
CA VAL B 327 14.50 37.54 7.52
C VAL B 327 14.35 36.33 8.47
N VAL B 328 13.63 35.30 7.99
CA VAL B 328 13.43 34.06 8.74
C VAL B 328 14.13 33.03 7.87
N GLU B 329 15.19 32.44 8.39
CA GLU B 329 15.98 31.48 7.63
C GLU B 329 15.51 30.04 7.84
N PHE B 330 15.84 29.17 6.90
CA PHE B 330 15.49 27.78 7.05
C PHE B 330 16.51 27.01 6.28
N GLN B 331 16.81 25.82 6.76
CA GLN B 331 17.74 24.96 6.08
C GLN B 331 16.79 24.02 5.41
N MET B 332 17.25 23.38 4.34
CA MET B 332 16.46 22.40 3.65
C MET B 332 15.54 21.68 4.64
N VAL B 333 14.24 21.66 4.38
CA VAL B 333 13.37 20.92 5.28
C VAL B 333 13.09 19.51 4.69
N THR B 334 13.04 18.45 5.53
CA THR B 334 12.78 17.09 5.05
C THR B 334 11.83 16.35 5.90
N TYR B 335 11.54 15.15 5.39
CA TYR B 335 10.60 14.26 6.00
C TYR B 335 11.29 13.13 6.75
N LEU B 336 10.91 12.99 8.01
CA LEU B 336 11.46 11.91 8.83
C LEU B 336 10.36 10.88 8.93
N PRO B 337 10.46 9.80 8.12
CA PRO B 337 9.50 8.69 8.05
C PRO B 337 9.12 8.04 9.38
N ASP B 338 10.12 7.65 10.15
CA ASP B 338 9.89 6.98 11.43
C ASP B 338 9.09 7.77 12.43
N THR B 339 9.22 9.09 12.40
CA THR B 339 8.46 9.94 13.30
C THR B 339 7.29 10.61 12.62
N ASP B 340 7.33 10.62 11.29
CA ASP B 340 6.31 11.25 10.47
C ASP B 340 6.32 12.69 10.90
N GLU B 341 7.37 13.38 10.49
CA GLU B 341 7.51 14.81 10.80
C GLU B 341 8.56 15.44 9.92
N TYR B 342 8.50 16.77 9.82
CA TYR B 342 9.45 17.47 8.98
C TYR B 342 10.25 18.36 9.84
N ARG B 343 11.49 18.58 9.44
CA ARG B 343 12.32 19.51 10.16
C ARG B 343 13.51 19.85 9.29
N PRO B 344 14.22 20.94 9.63
CA PRO B 344 15.39 21.33 8.83
C PRO B 344 16.46 20.27 9.04
N VAL B 345 17.29 20.05 8.04
CA VAL B 345 18.30 19.01 8.16
C VAL B 345 19.27 19.16 9.33
N ASP B 346 19.84 20.35 9.44
CA ASP B 346 20.79 20.54 10.49
C ASP B 346 20.23 20.18 11.86
N GLN B 347 18.97 19.76 11.92
CA GLN B 347 18.36 19.34 13.18
C GLN B 347 18.13 17.84 13.13
N VAL B 348 18.74 17.21 12.14
CA VAL B 348 18.63 15.77 11.98
C VAL B 348 19.98 15.06 12.27
N PRO B 349 20.00 14.18 13.29
CA PRO B 349 21.13 13.38 13.75
C PRO B 349 21.66 12.57 12.58
N ALA B 350 22.96 12.28 12.57
CA ALA B 350 23.49 11.49 11.48
C ALA B 350 22.88 10.08 11.60
N GLY B 351 22.30 9.75 12.74
CA GLY B 351 21.69 8.42 12.79
C GLY B 351 20.50 8.14 11.85
N VAL B 352 19.59 9.10 11.82
CA VAL B 352 18.31 9.09 11.10
C VAL B 352 18.17 9.08 9.58
N LYS B 353 17.11 8.39 9.13
CA LYS B 353 16.73 8.25 7.73
C LYS B 353 15.79 9.39 7.30
N THR B 354 16.07 9.94 6.12
CA THR B 354 15.28 11.04 5.53
C THR B 354 14.66 10.72 4.15
N LEU B 355 13.34 10.97 4.01
CA LEU B 355 12.70 10.74 2.71
C LEU B 355 12.53 12.03 1.98
N ASN B 356 12.80 11.97 0.70
CA ASN B 356 12.66 13.15 -0.12
C ASN B 356 12.41 12.86 -1.60
N ILE B 357 11.49 13.58 -2.22
CA ILE B 357 11.22 13.38 -3.64
C ILE B 357 11.77 14.57 -4.39
N SER B 358 12.74 14.33 -5.26
CA SER B 358 13.35 15.42 -6.01
C SER B 358 12.49 15.95 -7.16
N GLY B 359 12.95 17.06 -7.77
CA GLY B 359 12.25 17.66 -8.89
C GLY B 359 12.14 16.63 -9.99
N THR B 360 13.23 15.91 -10.23
CA THR B 360 13.30 14.87 -11.26
C THR B 360 12.42 13.68 -10.96
N GLU B 361 12.42 13.23 -9.71
CA GLU B 361 11.59 12.08 -9.35
C GLU B 361 10.11 12.43 -9.59
N LEU B 362 9.76 13.68 -9.28
CA LEU B 362 8.40 14.14 -9.43
C LEU B 362 8.02 14.15 -10.89
N ARG B 363 8.82 14.78 -11.74
CA ARG B 363 8.52 14.80 -13.17
C ARG B 363 8.50 13.37 -13.75
N ARG B 364 9.27 12.48 -13.14
CA ARG B 364 9.31 11.12 -13.63
C ARG B 364 7.97 10.48 -13.35
N ARG B 365 7.46 10.70 -12.14
CA ARG B 365 6.19 10.11 -11.76
C ARG B 365 5.03 10.76 -12.47
N LEU B 366 5.10 12.06 -12.68
CA LEU B 366 4.01 12.72 -13.37
C LEU B 366 3.92 12.20 -14.80
N ARG B 367 5.08 12.09 -15.44
CA ARG B 367 5.18 11.61 -16.79
C ARG B 367 4.73 10.14 -16.96
N SER B 368 4.90 9.34 -15.91
CA SER B 368 4.55 7.91 -15.96
C SER B 368 3.23 7.57 -15.27
N GLY B 369 2.64 8.53 -14.58
CA GLY B 369 1.39 8.27 -13.92
C GLY B 369 1.56 7.62 -12.57
N ALA B 370 2.81 7.36 -12.22
CA ALA B 370 3.13 6.75 -10.92
C ALA B 370 2.64 7.54 -9.68
N HIS B 371 2.36 6.81 -8.60
CA HIS B 371 1.88 7.37 -7.35
C HIS B 371 2.91 8.31 -6.71
N ILE B 372 2.38 9.36 -6.07
CA ILE B 372 3.14 10.40 -5.41
C ILE B 372 2.58 10.49 -3.99
N PRO B 373 3.35 9.98 -3.01
CA PRO B 373 3.16 9.85 -1.57
C PRO B 373 2.52 11.02 -0.91
N GLU B 374 1.59 10.74 -0.01
CA GLU B 374 0.91 11.85 0.66
C GLU B 374 1.80 12.58 1.65
N TRP B 375 2.90 11.93 2.09
CA TRP B 375 3.77 12.61 3.07
C TRP B 375 4.53 13.68 2.30
N PHE B 376 4.58 13.51 1.00
CA PHE B 376 5.26 14.47 0.19
C PHE B 376 4.43 15.72 -0.21
N SER B 377 3.18 15.53 -0.63
CA SER B 377 2.32 16.62 -1.09
C SER B 377 0.90 16.25 -0.91
N TYR B 378 0.03 17.17 -0.59
CA TYR B 378 -1.39 16.83 -0.40
C TYR B 378 -2.05 16.40 -1.69
N PRO B 379 -3.01 15.48 -1.59
CA PRO B 379 -3.80 14.87 -2.66
C PRO B 379 -4.41 15.88 -3.63
N GLU B 380 -5.02 16.95 -3.09
CA GLU B 380 -5.61 17.90 -4.02
C GLU B 380 -4.55 18.63 -4.85
N VAL B 381 -3.39 18.83 -4.27
CA VAL B 381 -2.36 19.48 -5.01
C VAL B 381 -1.83 18.61 -6.14
N VAL B 382 -1.61 17.35 -5.82
CA VAL B 382 -1.08 16.42 -6.78
C VAL B 382 -2.08 16.31 -7.92
N LYS B 383 -3.37 16.25 -7.56
CA LYS B 383 -4.36 16.15 -8.61
C LYS B 383 -4.17 17.27 -9.64
N ILE B 384 -4.11 18.50 -9.16
CA ILE B 384 -3.90 19.63 -10.02
C ILE B 384 -2.60 19.53 -10.84
N LEU B 385 -1.55 19.01 -10.23
CA LEU B 385 -0.31 18.92 -10.97
C LEU B 385 -0.45 17.92 -12.11
N ARG B 386 -1.15 16.81 -11.88
CA ARG B 386 -1.34 15.84 -12.97
C ARG B 386 -2.23 16.41 -14.11
N GLU B 387 -3.20 17.27 -13.76
CA GLU B 387 -4.00 17.82 -14.81
C GLU B 387 -3.14 18.67 -15.76
N SER B 388 -2.09 19.27 -15.23
CA SER B 388 -1.24 20.12 -16.05
C SER B 388 -0.08 19.44 -16.72
N ASN B 389 0.39 18.36 -16.12
CA ASN B 389 1.53 17.66 -16.67
C ASN B 389 1.08 16.23 -16.66
N PRO B 390 0.35 15.84 -17.71
CA PRO B 390 -0.20 14.51 -17.93
C PRO B 390 0.85 13.49 -18.27
N PRO B 391 0.50 12.25 -18.14
CA PRO B 391 1.45 11.17 -18.46
C PRO B 391 1.66 11.08 -20.00
N ARG B 392 2.74 10.43 -20.42
CA ARG B 392 2.98 10.30 -21.84
C ARG B 392 1.75 9.66 -22.49
N ALA B 393 1.03 8.84 -21.72
CA ALA B 393 -0.19 8.20 -22.25
C ALA B 393 -1.19 9.20 -22.84
N THR B 394 -1.28 10.44 -22.33
CA THR B 394 -2.20 11.38 -22.95
C THR B 394 -1.58 12.65 -23.56
N GLN B 395 -0.26 12.74 -23.53
CA GLN B 395 0.42 13.89 -24.13
C GLN B 395 0.28 13.89 -25.65
N GLY B 396 0.27 15.04 -26.29
CA GLY B 396 0.25 14.99 -27.73
C GLY B 396 1.71 14.79 -28.23
N PHE B 397 1.89 14.69 -29.54
CA PHE B 397 3.22 14.55 -30.10
C PHE B 397 3.16 14.84 -31.57
N THR B 398 4.31 15.08 -32.17
CA THR B 398 4.29 15.32 -33.60
C THR B 398 5.22 14.32 -34.31
N ILE B 399 4.76 13.77 -35.44
CA ILE B 399 5.63 12.88 -36.20
C ILE B 399 5.89 13.71 -37.43
N PHE B 400 7.14 14.07 -37.63
CA PHE B 400 7.54 14.90 -38.76
C PHE B 400 8.26 14.03 -39.78
N LEU B 401 7.71 13.92 -40.97
CA LEU B 401 8.32 13.13 -42.03
C LEU B 401 8.97 14.02 -43.07
N THR B 402 10.18 13.65 -43.48
CA THR B 402 10.90 14.38 -44.51
C THR B 402 11.57 13.42 -45.45
N GLY B 403 11.48 13.71 -46.75
CA GLY B 403 12.10 12.90 -47.79
C GLY B 403 11.80 13.47 -49.17
N TYR B 404 12.29 12.88 -50.26
CA TYR B 404 11.99 13.47 -51.57
C TYR B 404 10.57 13.36 -51.95
N MET B 405 10.16 14.19 -52.89
CA MET B 405 8.81 14.13 -53.37
C MET B 405 8.71 12.71 -53.88
N ASN B 406 7.59 12.06 -53.61
CA ASN B 406 7.32 10.67 -54.00
C ASN B 406 8.24 9.59 -53.43
N SER B 407 8.76 9.80 -52.22
CA SER B 407 9.59 8.81 -51.54
C SER B 407 8.75 7.80 -50.70
N GLY B 408 7.42 8.02 -50.69
CA GLY B 408 6.50 7.18 -49.93
C GLY B 408 6.07 7.79 -48.62
N LYS B 409 6.65 8.94 -48.31
CA LYS B 409 6.34 9.62 -47.08
C LYS B 409 4.84 9.91 -47.01
N ASP B 410 4.22 10.17 -48.14
CA ASP B 410 2.82 10.48 -48.06
C ASP B 410 1.95 9.27 -47.72
N ALA B 411 2.31 8.12 -48.26
CA ALA B 411 1.54 6.92 -47.98
C ALA B 411 1.87 6.46 -46.56
N ILE B 412 3.13 6.56 -46.15
CA ILE B 412 3.46 6.20 -44.78
C ILE B 412 2.57 7.03 -43.80
N ALA B 413 2.46 8.34 -44.07
CA ALA B 413 1.71 9.27 -43.25
C ALA B 413 0.28 8.84 -43.07
N ARG B 414 -0.44 8.63 -44.18
CA ARG B 414 -1.86 8.16 -44.11
C ARG B 414 -2.03 6.82 -43.38
N ALA B 415 -1.08 5.90 -43.54
CA ALA B 415 -1.20 4.65 -42.88
C ALA B 415 -1.02 4.87 -41.37
N LEU B 416 -0.03 5.68 -41.01
CA LEU B 416 0.23 5.97 -39.61
C LEU B 416 -1.04 6.59 -39.00
N GLN B 417 -1.69 7.44 -39.77
CA GLN B 417 -2.89 8.05 -39.28
C GLN B 417 -3.97 6.99 -38.96
N VAL B 418 -4.26 6.13 -39.93
CA VAL B 418 -5.24 5.10 -39.68
C VAL B 418 -4.79 4.24 -38.51
N THR B 419 -3.50 3.88 -38.47
CA THR B 419 -3.01 3.09 -37.38
C THR B 419 -3.24 3.71 -36.02
N LEU B 420 -2.90 4.98 -35.85
CA LEU B 420 -3.12 5.65 -34.57
C LEU B 420 -4.64 5.77 -34.28
N ASN B 421 -5.46 5.94 -35.32
CA ASN B 421 -6.89 5.98 -35.04
C ASN B 421 -7.34 4.63 -34.51
N GLN B 422 -6.74 3.55 -35.02
CA GLN B 422 -7.06 2.22 -34.51
C GLN B 422 -6.63 2.14 -33.03
N GLN B 423 -5.36 2.50 -32.81
CA GLN B 423 -4.74 2.55 -31.49
C GLN B 423 -5.63 3.25 -30.45
N GLY B 424 -6.26 4.38 -30.84
CA GLY B 424 -7.21 5.02 -29.97
C GLY B 424 -7.01 6.18 -28.98
N GLY B 425 -5.85 6.30 -28.39
CA GLY B 425 -5.86 7.41 -27.43
C GLY B 425 -6.21 8.88 -27.71
N ARG B 426 -5.86 9.44 -28.86
CA ARG B 426 -6.14 10.84 -29.13
C ARG B 426 -6.66 11.21 -30.49
N SER B 427 -6.94 12.50 -30.68
CA SER B 427 -7.38 13.05 -31.98
C SER B 427 -6.14 13.06 -32.92
N VAL B 428 -6.31 12.62 -34.18
CA VAL B 428 -5.17 12.58 -35.09
C VAL B 428 -5.32 13.58 -36.19
N SER B 429 -4.33 14.48 -36.34
CA SER B 429 -4.39 15.48 -37.41
C SER B 429 -3.32 15.16 -38.45
N LEU B 430 -3.76 14.99 -39.69
CA LEU B 430 -2.84 14.64 -40.74
C LEU B 430 -2.59 15.84 -41.63
N LEU B 431 -1.32 16.18 -41.75
CA LEU B 431 -0.86 17.33 -42.55
C LEU B 431 0.11 16.78 -43.60
N LEU B 432 -0.45 16.37 -44.74
CA LEU B 432 0.35 15.84 -45.83
C LEU B 432 0.90 17.04 -46.54
N GLY B 433 2.08 16.88 -47.14
CA GLY B 433 2.72 17.96 -47.86
C GLY B 433 1.79 18.75 -48.75
N ASP B 434 1.09 18.04 -49.61
CA ASP B 434 0.17 18.69 -50.51
C ASP B 434 -1.02 19.31 -49.80
N THR B 435 -1.44 18.74 -48.68
CA THR B 435 -2.56 19.34 -47.98
C THR B 435 -2.14 20.65 -47.33
N VAL B 436 -0.98 20.66 -46.71
CA VAL B 436 -0.44 21.85 -46.12
C VAL B 436 -0.33 22.91 -47.24
N ARG B 437 0.30 22.54 -48.35
CA ARG B 437 0.42 23.49 -49.45
C ARG B 437 -0.91 24.03 -49.89
N HIS B 438 -1.91 23.20 -50.02
CA HIS B 438 -3.17 23.76 -50.43
C HIS B 438 -3.88 24.54 -49.31
N GLU B 439 -3.97 23.99 -48.11
CA GLU B 439 -4.71 24.62 -47.01
C GLU B 439 -4.06 25.78 -46.27
N LEU B 440 -2.72 25.75 -46.16
CA LEU B 440 -2.00 26.77 -45.41
C LEU B 440 -1.01 27.63 -46.23
N SER B 441 -0.41 27.09 -47.28
CA SER B 441 0.57 27.82 -48.06
C SER B 441 0.21 27.88 -49.57
N SER B 442 -1.06 28.11 -49.88
CA SER B 442 -1.48 28.11 -51.27
C SER B 442 -0.75 29.11 -52.15
N GLU B 443 -0.17 30.13 -51.51
CA GLU B 443 0.52 31.18 -52.24
C GLU B 443 2.03 31.24 -52.15
N LEU B 444 2.65 30.35 -51.39
CA LEU B 444 4.10 30.39 -51.32
C LEU B 444 4.69 29.73 -52.57
N GLY B 445 5.98 29.89 -52.76
CA GLY B 445 6.66 29.33 -53.92
C GLY B 445 7.68 28.32 -53.46
N PHE B 446 8.75 28.15 -54.22
CA PHE B 446 9.73 27.15 -53.82
C PHE B 446 11.16 27.64 -53.61
N THR B 447 11.23 28.90 -53.25
CA THR B 447 12.47 29.57 -52.98
C THR B 447 12.90 29.16 -51.56
N ARG B 448 14.18 28.97 -51.32
CA ARG B 448 14.66 28.64 -49.98
C ARG B 448 13.83 29.35 -48.89
N GLU B 449 13.62 30.67 -49.03
CA GLU B 449 12.85 31.46 -48.05
C GLU B 449 11.38 31.03 -47.95
N ASP B 450 10.77 30.83 -49.11
CA ASP B 450 9.40 30.40 -49.17
C ASP B 450 9.15 29.01 -48.55
N ARG B 451 10.08 28.06 -48.76
CA ARG B 451 9.94 26.73 -48.20
C ARG B 451 10.12 26.90 -46.72
N HIS B 452 11.19 27.55 -46.30
CA HIS B 452 11.39 27.77 -44.88
C HIS B 452 10.13 28.38 -44.25
N THR B 453 9.47 29.31 -44.95
CA THR B 453 8.28 29.92 -44.37
C THR B 453 7.21 28.85 -44.13
N ASN B 454 7.00 28.04 -45.18
CA ASN B 454 6.06 26.96 -45.20
C ASN B 454 6.30 26.01 -44.00
N ILE B 455 7.52 25.51 -43.81
CA ILE B 455 7.79 24.63 -42.68
C ILE B 455 7.50 25.34 -41.39
N GLN B 456 7.68 26.64 -41.31
CA GLN B 456 7.39 27.29 -40.02
C GLN B 456 5.92 27.24 -39.77
N ARG B 457 5.15 27.45 -40.85
CA ARG B 457 3.70 27.40 -40.79
C ARG B 457 3.23 26.01 -40.30
N ILE B 458 3.88 24.94 -40.77
CA ILE B 458 3.52 23.63 -40.28
C ILE B 458 3.83 23.62 -38.77
N ALA B 459 5.03 23.99 -38.39
CA ALA B 459 5.37 24.00 -36.99
C ALA B 459 4.41 24.82 -36.09
N PHE B 460 3.88 25.93 -36.59
CA PHE B 460 3.00 26.76 -35.77
C PHE B 460 1.75 25.98 -35.44
N VAL B 461 1.17 25.35 -36.46
CA VAL B 461 -0.06 24.57 -36.33
C VAL B 461 0.20 23.31 -35.53
N ALA B 462 1.32 22.62 -35.80
CA ALA B 462 1.68 21.41 -35.07
C ALA B 462 1.80 21.67 -33.57
N THR B 463 2.47 22.77 -33.21
CA THR B 463 2.66 23.10 -31.81
C THR B 463 1.31 23.30 -31.10
N GLU B 464 0.44 24.09 -31.69
CA GLU B 464 -0.85 24.29 -31.07
C GLU B 464 -1.61 22.96 -30.89
N LEU B 465 -1.58 22.07 -31.91
CA LEU B 465 -2.27 20.76 -31.81
C LEU B 465 -1.56 19.90 -30.75
N THR B 466 -0.22 19.86 -30.80
CA THR B 466 0.48 19.07 -29.80
C THR B 466 0.12 19.47 -28.35
N ARG B 467 0.03 20.76 -28.14
CA ARG B 467 -0.29 21.34 -26.86
C ARG B 467 -1.71 20.91 -26.45
N ALA B 468 -2.59 20.64 -27.41
CA ALA B 468 -3.94 20.20 -27.05
C ALA B 468 -4.06 18.63 -26.93
N GLY B 469 -2.92 17.96 -26.99
CA GLY B 469 -2.86 16.51 -26.85
C GLY B 469 -3.14 15.72 -28.10
N ALA B 470 -3.00 16.33 -29.26
CA ALA B 470 -3.26 15.60 -30.49
C ALA B 470 -2.05 14.85 -30.94
N ALA B 471 -2.20 14.01 -31.96
CA ALA B 471 -1.07 13.28 -32.53
C ALA B 471 -1.08 13.94 -33.86
N VAL B 472 -0.01 14.65 -34.16
CA VAL B 472 0.07 15.35 -35.41
C VAL B 472 1.07 14.61 -36.27
N ILE B 473 0.67 14.40 -37.53
CA ILE B 473 1.49 13.74 -38.52
C ILE B 473 1.62 14.69 -39.71
N ALA B 474 2.86 15.12 -39.98
CA ALA B 474 3.12 16.06 -41.08
C ALA B 474 4.13 15.44 -42.01
N ALA B 475 3.93 15.62 -43.32
CA ALA B 475 4.87 15.03 -44.28
C ALA B 475 5.10 15.93 -45.46
N PRO B 476 5.90 16.97 -45.27
CA PRO B 476 6.22 17.91 -46.33
C PRO B 476 7.58 17.43 -46.78
N ILE B 477 8.14 18.02 -47.83
CA ILE B 477 9.47 17.59 -48.28
C ILE B 477 10.53 17.97 -47.24
N ALA B 478 10.46 19.23 -46.78
CA ALA B 478 11.37 19.84 -45.77
C ALA B 478 12.85 19.58 -46.12
N PRO B 479 13.32 20.14 -47.25
CA PRO B 479 14.68 20.00 -47.78
C PRO B 479 15.78 20.59 -46.95
N TYR B 480 15.51 21.66 -46.20
CA TYR B 480 16.58 22.29 -45.43
C TYR B 480 16.60 22.03 -43.91
N GLU B 481 17.75 21.59 -43.41
CA GLU B 481 17.90 21.36 -41.99
C GLU B 481 17.50 22.56 -41.16
N GLU B 482 17.62 23.76 -41.70
CA GLU B 482 17.28 24.91 -40.87
C GLU B 482 15.82 24.89 -40.47
N SER B 483 14.95 24.69 -41.48
CA SER B 483 13.52 24.64 -41.28
C SER B 483 13.14 23.52 -40.32
N ARG B 484 13.77 22.36 -40.50
CA ARG B 484 13.44 21.22 -39.66
C ARG B 484 13.75 21.49 -38.20
N LYS B 485 14.92 22.06 -37.93
CA LYS B 485 15.31 22.31 -36.55
C LYS B 485 14.35 23.34 -35.98
N PHE B 486 13.90 24.26 -36.84
CA PHE B 486 12.95 25.29 -36.38
C PHE B 486 11.70 24.57 -35.88
N ALA B 487 11.17 23.67 -36.72
CA ALA B 487 10.00 22.87 -36.43
C ALA B 487 10.19 22.12 -35.12
N ARG B 488 11.28 21.37 -35.04
CA ARG B 488 11.55 20.66 -33.80
C ARG B 488 11.60 21.59 -32.56
N ASP B 489 12.18 22.77 -32.68
CA ASP B 489 12.23 23.60 -31.49
C ASP B 489 10.86 24.09 -31.05
N ALA B 490 10.01 24.46 -32.04
CA ALA B 490 8.68 24.96 -31.72
C ALA B 490 7.79 23.90 -31.06
N VAL B 491 7.73 22.71 -31.67
CA VAL B 491 6.91 21.66 -31.12
C VAL B 491 7.38 21.27 -29.73
N SER B 492 8.70 21.14 -29.58
CA SER B 492 9.28 20.75 -28.30
C SER B 492 8.81 21.63 -27.15
N GLN B 493 8.36 22.84 -27.45
CA GLN B 493 7.89 23.74 -26.41
C GLN B 493 6.61 23.16 -25.85
N ALA B 494 5.91 22.37 -26.65
CA ALA B 494 4.65 21.85 -26.23
C ALA B 494 4.60 20.36 -26.00
N GLY B 495 5.53 19.60 -26.58
CA GLY B 495 5.50 18.15 -26.40
C GLY B 495 6.56 17.49 -27.26
N SER B 496 6.51 16.17 -27.42
CA SER B 496 7.53 15.52 -28.18
C SER B 496 7.42 15.63 -29.67
N PHE B 497 8.58 15.72 -30.31
CA PHE B 497 8.73 15.88 -31.75
C PHE B 497 9.59 14.70 -32.19
N PHE B 498 9.23 14.04 -33.30
CA PHE B 498 9.99 12.90 -33.81
C PHE B 498 10.28 13.15 -35.27
N LEU B 499 11.54 13.04 -35.65
CA LEU B 499 11.82 13.24 -37.07
C LEU B 499 12.07 11.89 -37.71
N VAL B 500 11.27 11.58 -38.71
CA VAL B 500 11.40 10.33 -39.42
C VAL B 500 11.85 10.68 -40.81
N HIS B 501 13.06 10.28 -41.18
CA HIS B 501 13.60 10.54 -42.51
C HIS B 501 13.28 9.38 -43.46
N VAL B 502 12.40 9.63 -44.42
CA VAL B 502 12.02 8.63 -45.41
C VAL B 502 13.12 8.76 -46.42
N ALA B 503 14.18 8.00 -46.18
CA ALA B 503 15.39 7.99 -47.02
C ALA B 503 15.32 7.26 -48.35
N THR B 504 14.13 7.09 -48.86
CA THR B 504 13.96 6.45 -50.16
C THR B 504 14.79 7.22 -51.21
N PRO B 505 15.71 6.53 -51.93
CA PRO B 505 16.61 7.05 -52.98
C PRO B 505 15.93 7.77 -54.13
N LEU B 506 16.55 8.87 -54.53
CA LEU B 506 15.98 9.68 -55.57
C LEU B 506 15.57 8.91 -56.84
N GLU B 507 16.40 7.94 -57.23
CA GLU B 507 16.15 7.14 -58.44
C GLU B 507 14.81 6.45 -58.32
N HIS B 508 14.66 5.72 -57.21
CA HIS B 508 13.43 5.00 -56.94
C HIS B 508 12.23 5.93 -57.02
N CYS B 509 12.34 7.09 -56.38
CA CYS B 509 11.24 8.06 -56.32
C CYS B 509 10.87 8.49 -57.70
N GLU B 510 11.90 8.84 -58.45
CA GLU B 510 11.71 9.35 -59.80
C GLU B 510 11.12 8.31 -60.73
N GLN B 511 11.65 7.10 -60.64
CA GLN B 511 11.20 6.00 -61.46
C GLN B 511 9.78 5.54 -61.21
N SER B 512 9.24 5.84 -60.03
CA SER B 512 7.88 5.41 -59.77
C SER B 512 6.85 6.52 -59.83
N ASP B 513 7.29 7.72 -60.20
CA ASP B 513 6.37 8.84 -60.27
C ASP B 513 5.30 8.65 -61.37
N LYS B 514 4.07 8.34 -60.98
CA LYS B 514 2.97 8.14 -61.93
C LYS B 514 2.32 9.45 -62.35
N ARG B 515 2.77 10.59 -61.80
CA ARG B 515 2.16 11.91 -62.12
C ARG B 515 3.03 12.70 -63.11
N GLY B 516 4.13 12.10 -63.56
CA GLY B 516 5.02 12.76 -64.48
C GLY B 516 5.48 14.15 -64.03
N ILE B 517 5.67 14.31 -62.73
CA ILE B 517 6.10 15.59 -62.21
C ILE B 517 7.60 15.61 -62.31
N TYR B 518 8.28 14.54 -61.92
CA TYR B 518 9.73 14.51 -62.06
C TYR B 518 10.07 14.62 -63.56
N ALA B 519 9.12 14.17 -64.38
CA ALA B 519 9.27 14.24 -65.83
C ALA B 519 9.34 15.71 -66.28
N ALA B 520 8.31 16.49 -65.96
CA ALA B 520 8.27 17.90 -66.32
C ALA B 520 9.48 18.66 -65.73
N ALA B 521 10.00 18.21 -64.60
CA ALA B 521 11.15 18.88 -64.00
C ALA B 521 12.34 18.61 -64.89
N ARG B 522 12.47 17.35 -65.29
CA ARG B 522 13.54 16.93 -66.16
C ARG B 522 13.55 17.63 -67.52
N ARG B 523 12.38 17.95 -68.06
CA ARG B 523 12.38 18.66 -69.32
C ARG B 523 12.15 20.15 -69.02
N GLY B 524 12.72 20.60 -67.90
CA GLY B 524 12.63 21.99 -67.46
C GLY B 524 11.29 22.73 -67.33
N GLU B 525 10.16 22.05 -67.42
CA GLU B 525 8.89 22.74 -67.29
C GLU B 525 8.64 23.23 -65.86
N ILE B 526 9.40 22.67 -64.92
CA ILE B 526 9.29 23.02 -63.51
C ILE B 526 10.69 23.35 -62.98
N LYS B 527 10.91 24.65 -62.77
CA LYS B 527 12.19 25.15 -62.29
C LYS B 527 12.42 24.84 -60.81
N GLY B 528 13.68 24.66 -60.44
CA GLY B 528 14.06 24.41 -59.06
C GLY B 528 13.39 23.28 -58.27
N PHE B 529 13.01 22.21 -58.96
CA PHE B 529 12.37 21.09 -58.30
C PHE B 529 13.37 20.28 -57.48
N THR B 530 13.06 20.10 -56.19
CA THR B 530 13.93 19.36 -55.29
C THR B 530 14.43 18.09 -55.93
N GLY B 531 15.73 17.88 -55.80
CA GLY B 531 16.35 16.69 -56.35
C GLY B 531 16.84 16.80 -57.78
N VAL B 532 16.17 17.64 -58.58
CA VAL B 532 16.52 17.89 -59.96
C VAL B 532 17.35 19.19 -60.00
N ASP B 533 16.85 20.25 -59.36
CA ASP B 533 17.51 21.56 -59.27
C ASP B 533 17.78 21.89 -57.83
N ASP B 534 16.74 22.28 -57.10
CA ASP B 534 16.89 22.61 -55.68
C ASP B 534 17.55 21.45 -54.93
N PRO B 535 18.23 21.75 -53.83
CA PRO B 535 18.89 20.72 -53.02
C PRO B 535 17.96 19.99 -52.02
N TYR B 536 18.52 19.01 -51.30
CA TYR B 536 17.81 18.29 -50.26
C TYR B 536 18.83 18.02 -49.17
N GLU B 537 18.89 18.88 -48.18
CA GLU B 537 19.87 18.66 -47.15
C GLU B 537 19.51 17.39 -46.38
N THR B 538 20.32 16.36 -46.52
CA THR B 538 20.04 15.12 -45.79
C THR B 538 20.09 15.29 -44.28
N PRO B 539 19.08 14.74 -43.58
CA PRO B 539 19.02 14.84 -42.12
C PRO B 539 20.18 14.10 -41.51
N GLU B 540 20.83 14.74 -40.54
CA GLU B 540 22.00 14.17 -39.86
C GLU B 540 21.64 13.30 -38.64
N LYS B 541 20.77 13.80 -37.75
CA LYS B 541 20.39 13.00 -36.58
C LYS B 541 18.85 12.91 -36.45
N ALA B 542 18.23 12.05 -37.24
CA ALA B 542 16.77 11.88 -37.21
C ALA B 542 16.48 10.82 -36.16
N ASP B 543 15.23 10.72 -35.69
CA ASP B 543 14.86 9.75 -34.67
C ASP B 543 14.69 8.36 -35.31
N LEU B 544 14.45 8.35 -36.61
CA LEU B 544 14.22 7.12 -37.28
C LEU B 544 14.43 7.33 -38.77
N VAL B 545 15.09 6.37 -39.41
CA VAL B 545 15.39 6.44 -40.83
C VAL B 545 14.80 5.19 -41.44
N VAL B 546 14.05 5.36 -42.51
CA VAL B 546 13.36 4.28 -43.18
C VAL B 546 13.53 4.45 -44.68
N ASP B 547 13.20 3.40 -45.44
CA ASP B 547 13.39 3.40 -46.89
C ASP B 547 12.27 2.61 -47.58
N PHE B 548 11.42 3.31 -48.33
CA PHE B 548 10.32 2.66 -48.99
C PHE B 548 10.81 1.73 -50.11
N SER B 549 12.13 1.66 -50.27
CA SER B 549 12.78 0.82 -51.28
C SER B 549 13.05 -0.55 -50.67
N LYS B 550 13.41 -0.55 -49.40
CA LYS B 550 13.72 -1.76 -48.68
C LYS B 550 12.64 -2.25 -47.69
N GLN B 551 11.80 -1.35 -47.16
CA GLN B 551 10.74 -1.73 -46.23
C GLN B 551 9.41 -1.35 -46.82
N SER B 552 8.33 -1.92 -46.28
CA SER B 552 7.00 -1.58 -46.77
C SER B 552 6.34 -0.60 -45.82
N VAL B 553 5.31 0.06 -46.34
CA VAL B 553 4.55 1.03 -45.56
C VAL B 553 4.18 0.39 -44.21
N ARG B 554 3.63 -0.80 -44.30
CA ARG B 554 3.24 -1.44 -43.08
C ARG B 554 4.34 -1.64 -42.05
N SER B 555 5.54 -1.94 -42.46
CA SER B 555 6.53 -2.13 -41.40
C SER B 555 7.20 -0.82 -41.01
N ILE B 556 7.11 0.19 -41.89
CA ILE B 556 7.69 1.48 -41.55
C ILE B 556 6.78 1.98 -40.42
N VAL B 557 5.48 1.91 -40.68
CA VAL B 557 4.55 2.29 -39.67
C VAL B 557 4.82 1.50 -38.37
N HIS B 558 5.15 0.22 -38.50
CA HIS B 558 5.36 -0.58 -37.30
C HIS B 558 6.61 -0.11 -36.58
N GLU B 559 7.58 0.40 -37.33
CA GLU B 559 8.76 0.85 -36.63
C GLU B 559 8.49 2.16 -35.86
N ILE B 560 7.67 3.04 -36.43
CA ILE B 560 7.34 4.29 -35.76
C ILE B 560 6.59 3.97 -34.47
N ILE B 561 5.53 3.14 -34.62
CA ILE B 561 4.69 2.69 -33.49
C ILE B 561 5.56 2.10 -32.35
N LEU B 562 6.53 1.28 -32.69
CA LEU B 562 7.39 0.77 -31.63
C LEU B 562 8.15 1.90 -30.85
N VAL B 563 8.52 2.98 -31.56
CA VAL B 563 9.22 4.10 -30.92
C VAL B 563 8.27 4.80 -29.96
N LEU B 564 7.06 5.10 -30.45
CA LEU B 564 6.07 5.73 -29.57
C LEU B 564 5.80 4.85 -28.35
N GLU B 565 5.78 3.54 -28.55
CA GLU B 565 5.52 2.65 -27.45
C GLU B 565 6.65 2.62 -26.43
N SER B 566 7.88 2.54 -26.88
CA SER B 566 9.00 2.54 -25.92
C SER B 566 9.02 3.77 -25.06
N GLN B 567 8.52 4.90 -25.57
CA GLN B 567 8.55 6.10 -24.76
C GLN B 567 7.33 6.35 -23.91
N GLY B 568 6.38 5.41 -23.93
CA GLY B 568 5.18 5.49 -23.09
C GLY B 568 3.93 6.13 -23.63
N PHE B 569 3.99 6.57 -24.88
CA PHE B 569 2.84 7.22 -25.48
C PHE B 569 1.67 6.33 -25.73
N LEU B 570 1.86 5.01 -25.86
CA LEU B 570 0.72 4.15 -26.15
C LEU B 570 0.18 3.38 -24.94
N GLU B 571 0.73 3.66 -23.78
CA GLU B 571 0.27 3.08 -22.52
C GLU B 571 -1.26 3.33 -22.38
N ARG B 572 -1.88 2.83 -21.33
CA ARG B 572 -3.32 3.10 -21.15
C ARG B 572 -3.61 4.27 -20.21
N GLN B 573 -4.60 5.07 -20.61
CA GLN B 573 -4.96 6.30 -19.89
C GLN B 573 -5.94 6.12 -18.73
N ALA C 2 -14.18 -30.23 32.65
CA ALA C 2 -13.81 -29.47 33.89
C ALA C 2 -12.66 -30.11 34.69
N ASN C 3 -12.46 -29.60 35.91
CA ASN C 3 -11.39 -30.01 36.81
C ASN C 3 -11.86 -29.76 38.25
N ALA C 4 -11.27 -30.42 39.24
CA ALA C 4 -11.68 -30.25 40.64
C ALA C 4 -11.22 -28.93 41.24
N PRO C 5 -12.06 -28.33 42.10
CA PRO C 5 -11.82 -27.06 42.78
C PRO C 5 -10.49 -27.12 43.50
N HIS C 6 -9.90 -25.97 43.81
CA HIS C 6 -8.63 -25.94 44.55
C HIS C 6 -8.96 -26.26 46.00
N GLY C 7 -8.34 -27.29 46.55
CA GLY C 7 -8.63 -27.66 47.92
C GLY C 7 -9.66 -28.75 47.99
N GLY C 8 -10.24 -29.11 46.85
CA GLY C 8 -11.20 -30.20 46.84
C GLY C 8 -12.65 -29.84 47.00
N VAL C 9 -12.95 -28.68 47.57
CA VAL C 9 -14.35 -28.33 47.71
C VAL C 9 -14.58 -26.98 47.14
N LEU C 10 -15.57 -26.86 46.25
CA LEU C 10 -15.87 -25.55 45.67
C LEU C 10 -16.65 -24.80 46.73
N LYS C 11 -16.11 -23.66 47.15
CA LYS C 11 -16.72 -22.83 48.19
C LYS C 11 -17.88 -21.95 47.68
N ASP C 12 -18.90 -22.56 47.09
CA ASP C 12 -20.04 -21.81 46.56
C ASP C 12 -20.97 -21.39 47.70
N LEU C 13 -20.55 -20.36 48.43
CA LEU C 13 -21.31 -19.85 49.55
C LEU C 13 -22.73 -19.53 49.13
N LEU C 14 -22.91 -19.02 47.93
CA LEU C 14 -24.26 -18.70 47.50
C LEU C 14 -25.14 -19.95 47.35
N ALA C 15 -24.54 -21.04 46.91
CA ALA C 15 -25.32 -22.25 46.73
C ALA C 15 -25.58 -22.89 48.08
N ARG C 16 -24.59 -22.77 48.98
CA ARG C 16 -24.66 -23.30 50.35
C ARG C 16 -25.80 -22.68 51.17
N ASP C 17 -25.82 -21.36 51.22
CA ASP C 17 -26.84 -20.66 51.99
C ASP C 17 -28.12 -20.36 51.23
N ALA C 18 -28.35 -20.99 50.10
CA ALA C 18 -29.56 -20.69 49.34
C ALA C 18 -30.85 -21.02 50.09
N PRO C 19 -30.84 -22.10 50.88
CA PRO C 19 -32.04 -22.47 51.63
C PRO C 19 -32.38 -21.53 52.80
N ARG C 20 -31.36 -20.85 53.32
CA ARG C 20 -31.52 -19.90 54.44
C ARG C 20 -31.64 -18.44 54.00
N GLN C 21 -31.84 -18.21 52.70
CA GLN C 21 -31.90 -16.85 52.16
C GLN C 21 -32.82 -15.92 52.95
N ALA C 22 -34.11 -16.26 53.02
CA ALA C 22 -35.09 -15.44 53.73
C ALA C 22 -34.63 -15.01 55.13
N GLU C 23 -34.18 -16.00 55.89
CA GLU C 23 -33.71 -15.78 57.25
C GLU C 23 -32.50 -14.88 57.30
N LEU C 24 -31.50 -15.23 56.51
CA LEU C 24 -30.27 -14.45 56.48
C LEU C 24 -30.54 -13.02 56.10
N ALA C 25 -31.52 -12.85 55.20
CA ALA C 25 -31.93 -11.53 54.71
C ALA C 25 -32.46 -10.72 55.89
N ALA C 26 -33.44 -11.30 56.55
CA ALA C 26 -34.06 -10.71 57.74
C ALA C 26 -32.99 -10.34 58.78
N GLU C 27 -32.13 -11.29 59.14
CA GLU C 27 -31.07 -11.01 60.10
C GLU C 27 -30.11 -9.90 59.65
N ALA C 28 -29.93 -9.76 58.33
CA ALA C 28 -29.03 -8.75 57.77
C ALA C 28 -29.56 -7.32 57.92
N GLU C 29 -30.88 -7.20 57.98
CA GLU C 29 -31.55 -5.91 58.16
C GLU C 29 -31.21 -5.36 59.54
N SER C 30 -30.83 -6.25 60.45
CA SER C 30 -30.58 -5.86 61.81
C SER C 30 -29.17 -5.58 62.26
N LEU C 31 -28.18 -6.11 61.57
CA LEU C 31 -26.83 -5.87 62.04
C LEU C 31 -26.24 -4.57 61.52
N PRO C 32 -25.14 -4.08 62.16
CA PRO C 32 -24.51 -2.85 61.71
C PRO C 32 -23.92 -3.21 60.34
N ALA C 33 -24.26 -2.44 59.31
CA ALA C 33 -23.77 -2.70 57.96
C ALA C 33 -22.51 -1.92 57.56
N VAL C 34 -21.64 -2.55 56.77
CA VAL C 34 -20.43 -1.91 56.28
C VAL C 34 -20.57 -1.87 54.76
N THR C 35 -20.41 -0.69 54.16
CA THR C 35 -20.55 -0.57 52.71
C THR C 35 -19.22 -0.76 51.99
N LEU C 36 -19.24 -1.69 51.05
CA LEU C 36 -18.04 -2.02 50.31
C LEU C 36 -17.60 -1.08 49.22
N THR C 37 -16.28 -1.03 49.05
CA THR C 37 -15.65 -0.23 48.00
C THR C 37 -15.79 -1.10 46.74
N GLU C 38 -15.41 -0.58 45.58
CA GLU C 38 -15.51 -1.39 44.37
C GLU C 38 -14.58 -2.62 44.44
N ARG C 39 -13.33 -2.44 44.89
CA ARG C 39 -12.41 -3.57 44.97
C ARG C 39 -12.85 -4.67 45.94
N GLN C 40 -13.47 -4.28 47.03
CA GLN C 40 -13.93 -5.26 48.01
C GLN C 40 -15.14 -5.96 47.41
N LEU C 41 -15.89 -5.28 46.57
CA LEU C 41 -17.05 -5.91 45.95
C LEU C 41 -16.62 -6.99 44.94
N CYS C 42 -15.43 -6.82 44.34
CA CYS C 42 -14.91 -7.79 43.35
C CYS C 42 -14.48 -9.01 44.14
N ASP C 43 -13.80 -8.74 45.25
CA ASP C 43 -13.33 -9.80 46.10
C ASP C 43 -14.50 -10.55 46.70
N LEU C 44 -15.53 -9.82 47.15
CA LEU C 44 -16.67 -10.48 47.75
C LEU C 44 -17.40 -11.36 46.77
N GLU C 45 -17.50 -10.90 45.52
CA GLU C 45 -18.21 -11.70 44.52
C GLU C 45 -17.53 -13.04 44.27
N LEU C 46 -16.20 -13.01 44.15
CA LEU C 46 -15.41 -14.22 43.92
C LEU C 46 -15.30 -15.12 45.14
N ILE C 47 -15.44 -14.53 46.33
CA ILE C 47 -15.42 -15.32 47.52
C ILE C 47 -16.76 -16.07 47.49
N MET C 48 -17.85 -15.35 47.60
CA MET C 48 -19.16 -15.98 47.63
C MET C 48 -19.52 -17.02 46.57
N ASN C 49 -18.94 -16.92 45.37
CA ASN C 49 -19.29 -17.90 44.32
C ASN C 49 -18.32 -19.09 44.15
N GLY C 50 -17.25 -19.09 44.95
CA GLY C 50 -16.27 -20.17 44.96
C GLY C 50 -15.00 -19.87 44.22
N GLY C 51 -14.95 -18.72 43.56
CA GLY C 51 -13.81 -18.34 42.75
C GLY C 51 -12.48 -18.38 43.45
N PHE C 52 -12.54 -18.09 44.74
CA PHE C 52 -11.35 -18.07 45.57
C PHE C 52 -11.16 -19.34 46.40
N SER C 53 -12.00 -20.36 46.19
CA SER C 53 -11.88 -21.62 46.92
C SER C 53 -10.39 -21.96 47.10
N PRO C 54 -10.01 -22.50 48.27
CA PRO C 54 -10.79 -22.85 49.46
C PRO C 54 -11.31 -21.67 50.28
N LEU C 55 -10.64 -20.52 50.17
CA LEU C 55 -11.02 -19.31 50.90
C LEU C 55 -12.54 -19.16 50.98
N GLU C 56 -13.09 -18.70 52.11
CA GLU C 56 -14.55 -18.53 52.20
C GLU C 56 -15.02 -17.37 53.07
N GLY C 57 -14.22 -16.31 53.03
CA GLY C 57 -14.48 -15.09 53.75
C GLY C 57 -13.24 -14.25 53.57
N PHE C 58 -13.22 -13.01 54.05
CA PHE C 58 -12.03 -12.16 53.94
C PHE C 58 -10.99 -12.71 54.93
N MET C 59 -9.74 -12.78 54.48
CA MET C 59 -8.68 -13.34 55.31
C MET C 59 -8.46 -12.80 56.71
N ASN C 60 -8.35 -13.72 57.67
CA ASN C 60 -8.05 -13.35 59.05
C ASN C 60 -6.53 -13.41 59.10
N GLN C 61 -5.95 -12.87 60.15
CA GLN C 61 -4.50 -12.81 60.27
C GLN C 61 -3.71 -14.10 60.17
N ALA C 62 -4.29 -15.20 60.63
CA ALA C 62 -3.60 -16.46 60.54
C ALA C 62 -3.37 -16.73 59.04
N ASP C 63 -4.47 -16.69 58.29
CA ASP C 63 -4.46 -16.91 56.84
C ASP C 63 -3.60 -15.85 56.17
N TYR C 64 -3.91 -14.60 56.48
CA TYR C 64 -3.20 -13.47 55.92
C TYR C 64 -1.69 -13.60 56.02
N ASP C 65 -1.18 -13.74 57.23
CA ASP C 65 0.26 -13.82 57.41
C ASP C 65 0.93 -14.95 56.63
N ARG C 66 0.31 -16.13 56.61
CA ARG C 66 0.91 -17.24 55.88
C ARG C 66 0.96 -16.93 54.36
N VAL C 67 0.19 -15.95 53.92
CA VAL C 67 0.23 -15.57 52.53
C VAL C 67 1.24 -14.40 52.44
N CYS C 68 1.06 -13.34 53.25
CA CYS C 68 1.98 -12.16 53.27
C CYS C 68 3.42 -12.67 53.11
N GLU C 69 3.69 -13.92 53.52
CA GLU C 69 5.05 -14.45 53.42
C GLU C 69 5.28 -15.89 52.99
N ASP C 70 4.28 -16.76 53.02
CA ASP C 70 4.54 -18.13 52.58
C ASP C 70 3.69 -18.62 51.39
N ASN C 71 2.90 -17.73 50.79
CA ASN C 71 2.09 -18.12 49.65
C ASN C 71 1.21 -19.32 49.98
N ARG C 72 0.79 -19.41 51.23
CA ARG C 72 -0.06 -20.51 51.66
C ARG C 72 -1.09 -20.00 52.64
N LEU C 73 -2.21 -20.72 52.74
CA LEU C 73 -3.24 -20.37 53.69
C LEU C 73 -2.90 -21.24 54.88
N ALA C 74 -3.38 -20.85 56.06
CA ALA C 74 -3.08 -21.59 57.27
C ALA C 74 -3.28 -23.10 57.04
N ASP C 75 -4.33 -23.47 56.28
CA ASP C 75 -4.62 -24.89 55.99
C ASP C 75 -3.61 -25.57 55.04
N GLY C 76 -2.56 -24.83 54.71
CA GLY C 76 -1.53 -25.39 53.86
C GLY C 76 -1.62 -25.14 52.37
N ASN C 77 -2.86 -25.02 51.85
CA ASN C 77 -3.14 -24.77 50.42
C ASN C 77 -2.43 -23.55 49.87
N VAL C 78 -1.95 -23.64 48.63
CA VAL C 78 -1.25 -22.49 48.05
C VAL C 78 -2.28 -21.40 47.76
N PHE C 79 -1.86 -20.14 47.96
CA PHE C 79 -2.71 -18.97 47.72
C PHE C 79 -1.77 -17.77 47.84
N SER C 80 -1.39 -17.17 46.71
CA SER C 80 -0.44 -16.06 46.67
C SER C 80 -0.91 -14.62 46.78
N MET C 81 -2.18 -14.40 47.03
CA MET C 81 -2.67 -13.03 47.09
C MET C 81 -3.55 -12.66 48.30
N PRO C 82 -3.12 -11.65 49.07
CA PRO C 82 -3.91 -11.22 50.24
C PRO C 82 -5.28 -10.68 49.87
N ILE C 83 -6.31 -11.29 50.41
CA ILE C 83 -7.69 -10.86 50.14
C ILE C 83 -8.36 -10.42 51.45
N THR C 84 -8.29 -9.13 51.74
CA THR C 84 -8.82 -8.64 53.00
C THR C 84 -9.83 -7.53 52.92
N LEU C 85 -10.56 -7.33 54.01
CA LEU C 85 -11.56 -6.27 54.10
C LEU C 85 -11.04 -5.20 55.06
N ASP C 86 -10.62 -4.05 54.53
CA ASP C 86 -10.09 -2.97 55.37
C ASP C 86 -11.09 -1.92 55.87
N ALA C 87 -10.84 -1.42 57.09
CA ALA C 87 -11.68 -0.43 57.72
C ALA C 87 -10.82 0.51 58.57
N SER C 88 -11.37 1.70 58.80
CA SER C 88 -10.73 2.73 59.60
C SER C 88 -11.16 2.62 61.06
N GLN C 89 -10.34 3.18 61.94
CA GLN C 89 -10.62 3.19 63.37
C GLN C 89 -12.05 3.73 63.66
N GLU C 90 -12.40 4.84 63.01
CA GLU C 90 -13.70 5.47 63.21
C GLU C 90 -14.89 4.56 62.92
N VAL C 91 -14.77 3.69 61.92
CA VAL C 91 -15.86 2.79 61.58
C VAL C 91 -15.89 1.65 62.59
N ILE C 92 -14.70 1.15 62.92
CA ILE C 92 -14.58 0.07 63.89
C ILE C 92 -15.24 0.49 65.21
N ASP C 93 -15.06 1.75 65.58
CA ASP C 93 -15.64 2.28 66.82
C ASP C 93 -17.13 2.56 66.64
N GLU C 94 -17.42 3.47 65.73
CA GLU C 94 -18.80 3.87 65.45
C GLU C 94 -19.77 2.69 65.33
N LYS C 95 -19.30 1.58 64.77
CA LYS C 95 -20.14 0.41 64.58
C LYS C 95 -19.98 -0.59 65.74
N LYS C 96 -18.95 -0.37 66.56
CA LYS C 96 -18.66 -1.24 67.70
C LYS C 96 -18.28 -2.64 67.20
N LEU C 97 -17.33 -2.69 66.30
CA LEU C 97 -16.89 -3.96 65.75
C LEU C 97 -15.84 -4.59 66.63
N GLN C 98 -16.02 -5.87 66.90
CA GLN C 98 -15.08 -6.61 67.74
C GLN C 98 -15.28 -8.08 67.41
N ALA C 99 -14.30 -8.90 67.78
CA ALA C 99 -14.38 -10.33 67.52
C ALA C 99 -15.78 -10.86 67.79
N GLY C 100 -16.20 -11.86 67.01
CA GLY C 100 -17.51 -12.44 67.19
C GLY C 100 -18.67 -11.61 66.69
N SER C 101 -18.40 -10.37 66.31
CA SER C 101 -19.43 -9.48 65.77
C SER C 101 -19.96 -9.95 64.40
N ARG C 102 -21.22 -9.64 64.10
CA ARG C 102 -21.82 -10.00 62.81
C ARG C 102 -22.22 -8.73 62.05
N ILE C 103 -21.41 -8.38 61.05
CA ILE C 103 -21.66 -7.21 60.21
C ILE C 103 -22.32 -7.61 58.88
N THR C 104 -23.07 -6.69 58.29
CA THR C 104 -23.71 -6.93 56.99
C THR C 104 -22.83 -6.21 55.94
N LEU C 105 -22.59 -6.84 54.79
CA LEU C 105 -21.79 -6.22 53.73
C LEU C 105 -22.78 -5.73 52.67
N ARG C 106 -22.72 -4.43 52.38
CA ARG C 106 -23.64 -3.79 51.45
C ARG C 106 -23.03 -3.27 50.14
N ASP C 107 -23.84 -3.39 49.08
CA ASP C 107 -23.50 -2.96 47.71
C ASP C 107 -23.75 -1.45 47.54
N PHE C 108 -22.67 -0.67 47.45
CA PHE C 108 -22.81 0.78 47.31
C PHE C 108 -23.58 1.17 46.04
N ARG C 109 -23.65 0.26 45.09
CA ARG C 109 -24.32 0.56 43.86
C ARG C 109 -25.83 0.58 44.02
N ASP C 110 -26.41 -0.49 44.54
CA ASP C 110 -27.87 -0.53 44.70
C ASP C 110 -28.35 -0.70 46.14
N ASP C 111 -27.43 -0.45 47.09
CA ASP C 111 -27.73 -0.54 48.52
C ASP C 111 -28.14 -1.94 49.02
N ARG C 112 -28.06 -2.96 48.18
CA ARG C 112 -28.47 -4.28 48.62
C ARG C 112 -27.52 -4.92 49.66
N ASN C 113 -28.10 -5.79 50.49
CA ASN C 113 -27.39 -6.52 51.53
C ASN C 113 -26.92 -7.81 50.85
N LEU C 114 -25.60 -7.94 50.72
CA LEU C 114 -25.03 -9.10 50.05
C LEU C 114 -24.67 -10.28 50.90
N ALA C 115 -23.86 -10.02 51.92
CA ALA C 115 -23.39 -11.07 52.82
C ALA C 115 -23.31 -10.63 54.27
N ILE C 116 -23.19 -11.62 55.17
CA ILE C 116 -23.03 -11.39 56.61
C ILE C 116 -21.68 -11.99 57.00
N LEU C 117 -20.76 -11.16 57.47
CA LEU C 117 -19.44 -11.64 57.83
C LEU C 117 -19.40 -11.76 59.34
N THR C 118 -18.70 -12.78 59.85
CA THR C 118 -18.57 -13.01 61.29
C THR C 118 -17.09 -12.80 61.66
N ILE C 119 -16.80 -11.66 62.26
CA ILE C 119 -15.44 -11.28 62.62
C ILE C 119 -14.65 -12.26 63.46
N ASP C 120 -13.49 -12.62 62.93
CA ASP C 120 -12.57 -13.49 63.62
C ASP C 120 -11.70 -12.53 64.41
N ASP C 121 -10.97 -11.71 63.68
CA ASP C 121 -10.10 -10.73 64.31
C ASP C 121 -10.29 -9.38 63.66
N ILE C 122 -9.49 -8.41 64.08
CA ILE C 122 -9.50 -7.05 63.55
C ILE C 122 -8.07 -6.58 63.79
N TYR C 123 -7.17 -6.91 62.88
CA TYR C 123 -5.76 -6.53 63.02
C TYR C 123 -5.26 -5.33 62.18
N ARG C 124 -4.14 -4.77 62.60
CA ARG C 124 -3.53 -3.65 61.91
C ARG C 124 -2.28 -4.20 61.24
N PRO C 125 -2.32 -4.36 59.91
CA PRO C 125 -1.21 -4.90 59.11
C PRO C 125 -0.05 -3.94 58.81
N ASP C 126 1.13 -4.51 58.64
CA ASP C 126 2.36 -3.76 58.33
C ASP C 126 2.37 -3.50 56.83
N LYS C 127 1.74 -2.40 56.42
CA LYS C 127 1.66 -2.09 55.01
C LYS C 127 2.99 -2.09 54.27
N THR C 128 4.10 -2.00 54.98
CA THR C 128 5.39 -1.99 54.30
C THR C 128 5.84 -3.40 53.95
N LYS C 129 5.50 -4.38 54.79
CA LYS C 129 5.87 -5.79 54.54
C LYS C 129 4.98 -6.36 53.43
N GLU C 130 3.73 -5.92 53.38
CA GLU C 130 2.80 -6.38 52.36
C GLU C 130 3.36 -5.84 51.06
N ALA C 131 3.50 -4.52 51.00
CA ALA C 131 4.05 -3.83 49.84
C ALA C 131 5.26 -4.56 49.29
N LYS C 132 6.21 -4.88 50.17
CA LYS C 132 7.44 -5.56 49.79
C LYS C 132 7.38 -7.08 49.55
N LEU C 133 6.70 -7.81 50.42
CA LEU C 133 6.65 -9.25 50.23
C LEU C 133 5.70 -9.75 49.11
N VAL C 134 4.58 -9.03 48.91
CA VAL C 134 3.59 -9.40 47.90
C VAL C 134 3.76 -8.73 46.53
N PHE C 135 3.82 -7.40 46.51
CA PHE C 135 3.96 -6.70 45.25
C PHE C 135 5.36 -6.12 45.00
N GLY C 136 6.41 -6.90 45.21
CA GLY C 136 7.75 -6.35 45.03
C GLY C 136 7.83 -5.23 46.06
N GLY C 137 8.54 -4.14 45.77
CA GLY C 137 8.59 -3.10 46.78
C GLY C 137 8.37 -1.70 46.26
N ASP C 138 8.46 -1.54 44.94
CA ASP C 138 8.29 -0.24 44.31
C ASP C 138 7.02 0.55 44.65
N PRO C 139 7.19 1.78 45.17
CA PRO C 139 6.12 2.70 45.58
C PRO C 139 5.28 3.18 44.41
N GLU C 140 5.78 2.95 43.20
CA GLU C 140 5.09 3.35 41.99
C GLU C 140 4.13 2.24 41.54
N HIS C 141 4.34 1.03 42.04
CA HIS C 141 3.49 -0.11 41.72
C HIS C 141 2.04 0.24 42.08
N PRO C 142 1.10 -0.02 41.17
CA PRO C 142 -0.32 0.27 41.37
C PRO C 142 -0.93 -0.28 42.65
N ALA C 143 -0.65 -1.56 42.96
CA ALA C 143 -1.16 -2.23 44.15
C ALA C 143 -0.68 -1.55 45.42
N ILE C 144 0.60 -1.18 45.41
CA ILE C 144 1.21 -0.52 46.54
C ILE C 144 0.60 0.86 46.71
N VAL C 145 0.51 1.62 45.62
CA VAL C 145 -0.11 2.94 45.66
C VAL C 145 -1.52 2.84 46.26
N TYR C 146 -2.24 1.78 45.92
CA TYR C 146 -3.60 1.58 46.43
C TYR C 146 -3.51 1.27 47.92
N LEU C 147 -2.58 0.37 48.25
CA LEU C 147 -2.35 -0.07 49.62
C LEU C 147 -2.22 1.08 50.58
N ASN C 148 -1.49 2.11 50.17
CA ASN C 148 -1.25 3.28 50.99
C ASN C 148 -2.28 4.40 50.89
N ASN C 149 -2.82 4.64 49.71
CA ASN C 149 -3.76 5.74 49.54
C ASN C 149 -5.24 5.39 49.67
N THR C 150 -5.62 4.15 49.40
CA THR C 150 -7.02 3.80 49.47
C THR C 150 -7.35 2.79 50.55
N VAL C 151 -6.46 1.82 50.75
CA VAL C 151 -6.65 0.79 51.78
C VAL C 151 -6.63 1.50 53.13
N LYS C 152 -7.61 1.20 53.99
CA LYS C 152 -7.67 1.81 55.32
C LYS C 152 -6.56 1.28 56.23
N GLU C 153 -6.70 1.49 57.53
CA GLU C 153 -5.67 1.08 58.47
C GLU C 153 -5.74 -0.36 59.00
N PHE C 154 -6.96 -0.86 59.20
CA PHE C 154 -7.16 -2.22 59.72
C PHE C 154 -7.83 -3.20 58.78
N TYR C 155 -7.47 -4.47 58.94
CA TYR C 155 -8.04 -5.57 58.16
C TYR C 155 -9.01 -6.34 59.08
N ILE C 156 -10.22 -6.61 58.61
CA ILE C 156 -11.22 -7.32 59.41
C ILE C 156 -11.41 -8.73 58.84
N GLY C 157 -10.76 -9.74 59.43
CA GLY C 157 -10.91 -11.11 58.96
C GLY C 157 -12.20 -11.82 59.36
N GLY C 158 -12.62 -12.84 58.60
CA GLY C 158 -13.85 -13.53 58.96
C GLY C 158 -14.58 -14.33 57.88
N LYS C 159 -15.25 -15.39 58.28
CA LYS C 159 -15.98 -16.19 57.33
C LYS C 159 -17.26 -15.46 56.88
N ILE C 160 -17.74 -15.83 55.69
CA ILE C 160 -18.92 -15.20 55.10
C ILE C 160 -20.11 -16.13 54.91
N GLU C 161 -21.30 -15.57 55.01
CA GLU C 161 -22.53 -16.30 54.77
C GLU C 161 -23.22 -15.46 53.72
N ALA C 162 -23.81 -16.10 52.71
CA ALA C 162 -24.42 -15.35 51.62
C ALA C 162 -25.89 -14.98 51.67
N VAL C 163 -26.14 -13.69 51.46
CA VAL C 163 -27.49 -13.16 51.46
C VAL C 163 -28.01 -12.95 50.03
N ASN C 164 -27.22 -12.31 49.17
CA ASN C 164 -27.59 -12.08 47.77
C ASN C 164 -26.38 -12.06 46.84
N LYS C 165 -26.59 -12.43 45.57
CA LYS C 165 -25.49 -12.40 44.58
C LYS C 165 -25.48 -10.99 43.99
N LEU C 166 -24.31 -10.40 43.79
CA LEU C 166 -24.24 -9.06 43.24
C LEU C 166 -25.11 -8.93 42.01
N ASN C 167 -25.62 -7.72 41.78
CA ASN C 167 -26.43 -7.49 40.59
C ASN C 167 -25.52 -6.83 39.56
N HIS C 168 -25.64 -7.22 38.29
CA HIS C 168 -24.86 -6.58 37.24
C HIS C 168 -25.79 -6.29 36.10
N TYR C 169 -25.66 -5.12 35.47
CA TYR C 169 -26.58 -4.89 34.38
C TYR C 169 -25.94 -5.00 33.01
N ASP C 170 -24.61 -5.11 33.01
CA ASP C 170 -23.83 -5.25 31.77
C ASP C 170 -23.41 -6.71 31.47
N TYR C 171 -23.74 -7.18 30.27
CA TYR C 171 -23.38 -8.52 29.81
C TYR C 171 -23.76 -9.66 30.77
N VAL C 172 -25.00 -9.69 31.24
CA VAL C 172 -25.33 -10.76 32.15
C VAL C 172 -25.16 -12.14 31.56
N ALA C 173 -25.48 -12.31 30.28
CA ALA C 173 -25.35 -13.63 29.65
C ALA C 173 -23.91 -14.08 29.46
N LEU C 174 -22.97 -13.14 29.52
CA LEU C 174 -21.55 -13.48 29.37
C LEU C 174 -20.80 -13.62 30.69
N ARG C 175 -21.49 -13.34 31.79
CA ARG C 175 -20.91 -13.47 33.13
C ARG C 175 -21.21 -14.91 33.61
N TYR C 176 -20.24 -15.52 34.29
CA TYR C 176 -20.42 -16.88 34.80
C TYR C 176 -19.84 -17.13 36.20
N THR C 177 -20.54 -17.94 36.97
CA THR C 177 -20.04 -18.33 38.28
C THR C 177 -19.35 -19.65 38.02
N PRO C 178 -18.36 -20.01 38.86
CA PRO C 178 -17.67 -21.28 38.69
C PRO C 178 -18.71 -22.40 38.50
N ALA C 179 -19.82 -22.32 39.22
CA ALA C 179 -20.83 -23.35 39.06
C ALA C 179 -21.45 -23.33 37.65
N GLU C 180 -21.76 -22.12 37.18
CA GLU C 180 -22.38 -21.93 35.86
C GLU C 180 -21.49 -22.38 34.73
N LEU C 181 -20.26 -21.89 34.78
CA LEU C 181 -19.30 -22.25 33.76
C LEU C 181 -19.19 -23.73 33.66
N ARG C 182 -19.02 -24.40 34.80
CA ARG C 182 -18.89 -25.86 34.84
C ARG C 182 -20.06 -26.54 34.19
N VAL C 183 -21.28 -26.12 34.54
CA VAL C 183 -22.44 -26.73 33.92
C VAL C 183 -22.42 -26.52 32.41
N HIS C 184 -21.83 -25.40 31.99
CA HIS C 184 -21.76 -25.03 30.59
C HIS C 184 -20.76 -25.90 29.88
N PHE C 185 -19.56 -26.04 30.45
CA PHE C 185 -18.54 -26.88 29.84
C PHE C 185 -19.18 -28.24 29.63
N ASP C 186 -20.04 -28.58 30.56
CA ASP C 186 -20.71 -29.82 30.46
C ASP C 186 -21.69 -29.81 29.31
N LYS C 187 -22.56 -28.79 29.28
CA LYS C 187 -23.56 -28.70 28.22
C LYS C 187 -22.88 -28.82 26.86
N LEU C 188 -21.74 -28.15 26.71
CA LEU C 188 -20.97 -28.17 25.46
C LEU C 188 -20.25 -29.46 25.23
N GLY C 189 -20.17 -30.31 26.24
CA GLY C 189 -19.51 -31.60 26.09
C GLY C 189 -18.01 -31.54 26.10
N TRP C 190 -17.46 -30.50 26.71
CA TRP C 190 -16.02 -30.28 26.80
C TRP C 190 -15.39 -31.01 27.97
N SER C 191 -14.10 -31.28 27.87
CA SER C 191 -13.42 -31.97 28.96
C SER C 191 -12.05 -31.42 29.19
N ARG C 192 -11.48 -30.77 28.20
CA ARG C 192 -10.17 -30.16 28.37
C ARG C 192 -10.37 -28.70 27.94
N VAL C 193 -10.12 -27.78 28.88
CA VAL C 193 -10.32 -26.37 28.63
C VAL C 193 -9.13 -25.49 29.01
N VAL C 194 -8.53 -24.80 28.03
CA VAL C 194 -7.39 -23.88 28.24
C VAL C 194 -8.02 -22.54 28.48
N ALA C 195 -7.70 -21.89 29.57
CA ALA C 195 -8.28 -20.57 29.82
C ALA C 195 -7.24 -19.52 29.43
N PHE C 196 -7.70 -18.37 28.95
CA PHE C 196 -6.83 -17.27 28.56
C PHE C 196 -7.21 -16.03 29.39
N GLN C 197 -6.27 -15.54 30.15
CA GLN C 197 -6.51 -14.37 30.98
C GLN C 197 -6.16 -13.16 30.14
N THR C 198 -6.83 -12.03 30.38
CA THR C 198 -6.51 -10.82 29.65
C THR C 198 -7.23 -9.58 30.13
N ARG C 199 -6.54 -8.44 30.00
CA ARG C 199 -7.11 -7.15 30.39
C ARG C 199 -6.93 -6.13 29.26
N ASN C 200 -6.75 -6.66 28.06
CA ASN C 200 -6.58 -5.83 26.88
C ASN C 200 -7.32 -6.36 25.69
N PRO C 201 -7.43 -5.52 24.66
CA PRO C 201 -8.12 -6.06 23.51
C PRO C 201 -7.23 -7.18 22.97
N MET C 202 -7.84 -8.18 22.32
CA MET C 202 -7.07 -9.28 21.76
C MET C 202 -6.72 -9.00 20.32
N HIS C 203 -5.44 -9.08 19.98
CA HIS C 203 -5.02 -8.87 18.62
C HIS C 203 -4.65 -10.20 17.98
N ARG C 204 -4.19 -10.14 16.76
CA ARG C 204 -3.81 -11.34 16.04
C ARG C 204 -2.95 -12.29 16.83
N ALA C 205 -1.88 -11.75 17.39
CA ALA C 205 -0.98 -12.56 18.18
C ALA C 205 -1.74 -13.40 19.23
N HIS C 206 -2.72 -12.80 19.90
CA HIS C 206 -3.40 -13.55 20.94
C HIS C 206 -4.30 -14.61 20.41
N ARG C 207 -4.88 -14.34 19.25
CA ARG C 207 -5.75 -15.33 18.64
C ARG C 207 -4.87 -16.53 18.33
N GLU C 208 -3.61 -16.30 17.97
CA GLU C 208 -2.71 -17.41 17.69
C GLU C 208 -2.27 -18.19 18.91
N LEU C 209 -1.98 -17.53 20.04
CA LEU C 209 -1.57 -18.26 21.26
C LEU C 209 -2.62 -19.27 21.54
N THR C 210 -3.83 -18.75 21.70
CA THR C 210 -4.99 -19.56 22.05
C THR C 210 -5.23 -20.73 21.12
N VAL C 211 -5.12 -20.54 19.81
CA VAL C 211 -5.35 -21.67 18.91
C VAL C 211 -4.20 -22.64 19.04
N ARG C 212 -3.01 -22.13 19.32
CA ARG C 212 -1.84 -22.98 19.47
C ARG C 212 -1.98 -23.84 20.71
N ALA C 213 -2.44 -23.24 21.80
CA ALA C 213 -2.58 -24.00 23.03
C ALA C 213 -3.68 -25.03 22.83
N ALA C 214 -4.76 -24.62 22.17
CA ALA C 214 -5.88 -25.52 21.93
C ALA C 214 -5.40 -26.75 21.14
N ARG C 215 -4.61 -26.51 20.08
CA ARG C 215 -4.08 -27.56 19.22
C ARG C 215 -3.15 -28.47 20.00
N SER C 216 -2.19 -27.86 20.70
CA SER C 216 -1.22 -28.63 21.48
C SER C 216 -1.84 -29.36 22.65
N ARG C 217 -2.62 -28.70 23.51
CA ARG C 217 -3.19 -29.47 24.59
C ARG C 217 -4.49 -30.18 24.17
N GLN C 218 -4.81 -30.19 22.87
CA GLN C 218 -6.07 -30.84 22.44
C GLN C 218 -7.20 -30.39 23.35
N ALA C 219 -7.36 -29.06 23.43
CA ALA C 219 -8.35 -28.46 24.32
C ALA C 219 -9.22 -27.43 23.64
N ASN C 220 -10.34 -27.09 24.31
CA ASN C 220 -11.25 -26.06 23.84
C ASN C 220 -10.77 -24.74 24.44
N VAL C 221 -11.20 -23.62 23.91
CA VAL C 221 -10.72 -22.34 24.42
C VAL C 221 -11.74 -21.55 25.22
N LEU C 222 -11.31 -21.05 26.37
CA LEU C 222 -12.15 -20.22 27.25
C LEU C 222 -11.49 -18.84 27.28
N ILE C 223 -12.01 -17.88 26.51
CA ILE C 223 -11.44 -16.54 26.55
C ILE C 223 -12.11 -16.00 27.82
N HIS C 224 -11.30 -15.83 28.86
CA HIS C 224 -11.78 -15.43 30.18
C HIS C 224 -11.19 -14.09 30.58
N PRO C 225 -11.70 -12.97 30.03
CA PRO C 225 -11.19 -11.64 30.35
C PRO C 225 -11.64 -10.98 31.66
N VAL C 226 -10.80 -10.12 32.23
CA VAL C 226 -11.17 -9.45 33.47
C VAL C 226 -12.08 -8.25 33.20
N VAL C 227 -13.11 -8.14 33.99
CA VAL C 227 -14.12 -7.13 33.81
C VAL C 227 -14.44 -6.33 35.10
N GLY C 228 -13.71 -6.65 36.17
CA GLY C 228 -13.86 -5.97 37.46
C GLY C 228 -12.97 -4.74 37.63
N LEU C 229 -11.68 -4.94 37.91
CA LEU C 229 -10.70 -3.84 38.03
C LEU C 229 -9.42 -4.32 37.36
N THR C 230 -8.77 -3.41 36.65
CA THR C 230 -7.60 -3.74 35.86
C THR C 230 -6.51 -2.70 36.14
N LYS C 231 -5.48 -2.61 35.30
CA LYS C 231 -4.43 -1.61 35.51
C LYS C 231 -5.01 -0.22 35.39
N PRO C 232 -4.44 0.76 36.10
CA PRO C 232 -5.00 2.10 36.01
C PRO C 232 -5.52 2.70 34.68
N GLY C 233 -4.74 2.68 33.61
CA GLY C 233 -5.30 3.30 32.40
C GLY C 233 -5.69 2.45 31.21
N ASP C 234 -6.15 1.21 31.39
CA ASP C 234 -6.50 0.42 30.20
C ASP C 234 -7.88 0.71 29.67
N ILE C 235 -8.07 0.22 28.46
CA ILE C 235 -9.30 0.39 27.78
C ILE C 235 -10.44 -0.17 28.62
N ASP C 236 -11.48 0.64 28.81
CA ASP C 236 -12.65 0.25 29.59
C ASP C 236 -13.11 -1.15 29.18
N HIS C 237 -13.79 -1.84 30.08
CA HIS C 237 -14.22 -3.19 29.74
C HIS C 237 -15.34 -3.29 28.71
N PHE C 238 -16.20 -2.29 28.59
CA PHE C 238 -17.25 -2.38 27.58
C PHE C 238 -16.63 -2.43 26.17
N THR C 239 -15.62 -1.58 25.93
CA THR C 239 -14.94 -1.59 24.64
C THR C 239 -14.21 -2.91 24.41
N ARG C 240 -13.59 -3.43 25.47
CA ARG C 240 -12.87 -4.70 25.39
C ARG C 240 -13.83 -5.86 25.09
N VAL C 241 -14.91 -5.94 25.82
CA VAL C 241 -15.85 -7.02 25.59
C VAL C 241 -16.33 -6.95 24.13
N ARG C 242 -16.56 -5.74 23.68
CA ARG C 242 -17.03 -5.53 22.32
C ARG C 242 -15.95 -6.10 21.37
N ALA C 243 -14.70 -5.84 21.71
CA ALA C 243 -13.57 -6.34 20.91
C ALA C 243 -13.45 -7.86 20.98
N TYR C 244 -13.61 -8.46 22.15
CA TYR C 244 -13.53 -9.90 22.23
C TYR C 244 -14.63 -10.49 21.38
N GLN C 245 -15.82 -9.91 21.46
CA GLN C 245 -16.91 -10.42 20.69
C GLN C 245 -16.63 -10.36 19.18
N ALA C 246 -15.95 -9.29 18.75
CA ALA C 246 -15.65 -9.14 17.32
C ALA C 246 -14.65 -10.19 16.84
N LEU C 247 -13.93 -10.78 17.78
CA LEU C 247 -12.89 -11.76 17.51
C LEU C 247 -13.39 -13.18 17.39
N LEU C 248 -14.40 -13.51 18.18
CA LEU C 248 -14.93 -14.85 18.16
C LEU C 248 -15.05 -15.53 16.79
N PRO C 249 -15.64 -14.85 15.79
CA PRO C 249 -15.79 -15.43 14.45
C PRO C 249 -14.51 -15.85 13.76
N ARG C 250 -13.37 -15.53 14.36
CA ARG C 250 -12.09 -15.90 13.81
C ARG C 250 -11.66 -17.27 14.29
N TYR C 251 -12.44 -17.94 15.14
CA TYR C 251 -12.05 -19.30 15.56
C TYR C 251 -12.97 -20.25 14.83
N PRO C 252 -12.55 -21.50 14.65
CA PRO C 252 -13.49 -22.38 13.95
C PRO C 252 -14.75 -22.53 14.81
N ASN C 253 -15.90 -22.63 14.16
CA ASN C 253 -17.16 -22.78 14.84
C ASN C 253 -17.09 -23.69 16.11
N GLY C 254 -17.66 -23.20 17.21
CA GLY C 254 -17.68 -23.96 18.47
C GLY C 254 -16.36 -24.34 19.10
N MET C 255 -15.36 -23.49 18.96
CA MET C 255 -14.09 -23.88 19.52
C MET C 255 -13.73 -23.05 20.75
N ALA C 256 -14.22 -21.82 20.78
CA ALA C 256 -13.95 -20.94 21.89
C ALA C 256 -15.25 -20.45 22.48
N VAL C 257 -15.20 -20.12 23.76
CA VAL C 257 -16.35 -19.60 24.50
C VAL C 257 -15.81 -18.35 25.21
N LEU C 258 -16.65 -17.32 25.30
CA LEU C 258 -16.25 -16.08 25.97
C LEU C 258 -17.00 -15.98 27.27
N GLY C 259 -16.25 -15.90 28.36
CA GLY C 259 -16.82 -15.77 29.70
C GLY C 259 -16.07 -14.68 30.45
N LEU C 260 -16.84 -13.77 31.08
CA LEU C 260 -16.26 -12.65 31.81
C LEU C 260 -16.02 -12.97 33.31
N LEU C 261 -14.89 -12.50 33.81
CA LEU C 261 -14.51 -12.72 35.20
C LEU C 261 -14.51 -11.41 35.96
N GLY C 262 -15.27 -11.39 37.07
CA GLY C 262 -15.36 -10.18 37.87
C GLY C 262 -14.19 -9.91 38.81
N LEU C 263 -12.99 -10.26 38.39
CA LEU C 263 -11.80 -10.10 39.20
C LEU C 263 -11.29 -8.67 39.37
N ALA C 264 -10.68 -8.38 40.52
CA ALA C 264 -10.08 -7.06 40.70
C ALA C 264 -8.57 -7.32 40.70
N MET C 265 -7.94 -7.20 39.54
CA MET C 265 -6.50 -7.46 39.44
C MET C 265 -5.68 -6.58 40.36
N ARG C 266 -4.47 -7.03 40.67
CA ARG C 266 -3.61 -6.25 41.52
C ARG C 266 -2.39 -5.85 40.71
N MET C 267 -2.17 -6.62 39.66
CA MET C 267 -1.03 -6.45 38.78
C MET C 267 0.15 -6.93 39.60
N GLY C 268 -0.04 -8.08 40.25
CA GLY C 268 1.01 -8.66 41.07
C GLY C 268 1.95 -9.61 40.35
N GLY C 269 2.07 -9.43 39.04
CA GLY C 269 2.96 -10.31 38.31
C GLY C 269 2.92 -11.74 38.79
N PRO C 270 4.08 -12.31 39.13
CA PRO C 270 4.23 -13.70 39.60
C PRO C 270 3.20 -14.20 40.60
N ARG C 271 2.90 -13.42 41.64
CA ARG C 271 1.93 -13.90 42.61
C ARG C 271 0.55 -13.92 42.00
N GLU C 272 0.20 -12.85 41.29
CA GLU C 272 -1.09 -12.78 40.64
C GLU C 272 -1.26 -13.96 39.67
N ALA C 273 -0.15 -14.44 39.11
CA ALA C 273 -0.20 -15.57 38.18
C ALA C 273 -0.62 -16.85 38.89
N ILE C 274 -0.02 -17.11 40.06
CA ILE C 274 -0.38 -18.30 40.83
C ILE C 274 -1.86 -18.19 41.14
N TRP C 275 -2.22 -17.01 41.64
CA TRP C 275 -3.59 -16.66 41.98
C TRP C 275 -4.56 -16.98 40.83
N HIS C 276 -4.21 -16.49 39.63
CA HIS C 276 -5.04 -16.70 38.43
C HIS C 276 -5.23 -18.20 38.15
N ALA C 277 -4.15 -18.98 38.24
CA ALA C 277 -4.24 -20.42 38.01
C ALA C 277 -5.27 -21.05 38.96
N ILE C 278 -5.27 -20.56 40.19
CA ILE C 278 -6.20 -21.06 41.20
C ILE C 278 -7.61 -20.74 40.78
N ILE C 279 -7.83 -19.48 40.46
CA ILE C 279 -9.13 -19.01 40.07
C ILE C 279 -9.68 -19.76 38.85
N ARG C 280 -8.86 -19.94 37.81
CA ARG C 280 -9.30 -20.65 36.61
C ARG C 280 -9.65 -22.09 36.92
N LYS C 281 -8.88 -22.67 37.85
CA LYS C 281 -9.08 -24.05 38.28
C LYS C 281 -10.44 -24.13 38.98
N ASN C 282 -10.75 -23.12 39.79
CA ASN C 282 -12.02 -23.14 40.47
C ASN C 282 -13.15 -23.03 39.46
N HIS C 283 -12.90 -22.26 38.40
CA HIS C 283 -13.89 -22.09 37.37
C HIS C 283 -13.99 -23.32 36.46
N GLY C 284 -13.07 -24.27 36.63
CA GLY C 284 -13.15 -25.50 35.86
C GLY C 284 -12.21 -25.70 34.70
N ALA C 285 -11.25 -24.82 34.52
CA ALA C 285 -10.37 -24.97 33.38
C ALA C 285 -9.30 -25.99 33.71
N THR C 286 -8.97 -26.85 32.74
CA THR C 286 -7.95 -27.89 32.93
C THR C 286 -6.57 -27.36 32.61
N HIS C 287 -6.47 -26.27 31.86
CA HIS C 287 -5.18 -25.66 31.53
C HIS C 287 -5.35 -24.13 31.57
N PHE C 288 -4.23 -23.45 31.78
CA PHE C 288 -4.21 -21.99 31.90
C PHE C 288 -2.93 -21.39 31.28
N ILE C 289 -3.11 -20.47 30.36
CA ILE C 289 -1.99 -19.83 29.68
C ILE C 289 -1.28 -18.73 30.46
N VAL C 290 0.04 -18.82 30.52
CA VAL C 290 0.86 -17.79 31.12
C VAL C 290 1.90 -17.47 30.05
N GLY C 291 1.95 -16.21 29.65
CA GLY C 291 2.89 -15.78 28.64
C GLY C 291 3.88 -14.77 29.16
N ARG C 292 4.34 -13.91 28.26
CA ARG C 292 5.30 -12.90 28.64
C ARG C 292 4.65 -11.81 29.48
N ASP C 293 5.27 -11.51 30.62
CA ASP C 293 4.82 -10.45 31.51
C ASP C 293 3.42 -10.59 32.09
N HIS C 294 3.00 -11.82 32.30
CA HIS C 294 1.68 -12.07 32.82
C HIS C 294 1.42 -11.19 34.02
N ALA C 295 0.26 -10.58 34.04
CA ALA C 295 -0.17 -9.70 35.13
C ALA C 295 0.86 -8.63 35.57
N GLY C 296 1.83 -8.31 34.71
CA GLY C 296 2.83 -7.30 35.05
C GLY C 296 2.41 -5.87 34.71
N PRO C 297 2.69 -4.86 35.56
CA PRO C 297 2.26 -3.50 35.19
C PRO C 297 3.34 -2.67 34.50
N GLY C 298 4.19 -3.34 33.75
CA GLY C 298 5.22 -2.63 33.01
C GLY C 298 6.47 -2.24 33.75
N SER C 299 6.81 -0.95 33.66
CA SER C 299 8.01 -0.40 34.29
C SER C 299 7.71 0.88 35.10
N ASN C 300 8.54 1.17 36.10
CA ASN C 300 8.32 2.38 36.90
C ASN C 300 8.81 3.61 36.14
N SER C 301 8.88 4.73 36.87
CA SER C 301 9.31 6.02 36.32
C SER C 301 10.79 6.06 35.94
N LYS C 302 11.63 5.46 36.78
CA LYS C 302 13.06 5.41 36.51
C LYS C 302 13.31 4.38 35.38
N GLY C 303 12.24 3.99 34.69
CA GLY C 303 12.34 3.05 33.59
C GLY C 303 12.62 1.59 33.93
N GLU C 304 12.73 1.27 35.22
CA GLU C 304 12.99 -0.11 35.64
C GLU C 304 11.65 -0.87 35.70
N ASP C 305 11.55 -2.04 35.07
CA ASP C 305 10.26 -2.74 35.13
C ASP C 305 10.09 -3.68 36.34
N PHE C 306 8.95 -3.51 37.04
CA PHE C 306 8.60 -4.26 38.23
C PHE C 306 8.92 -5.75 38.32
N TYR C 307 8.63 -6.50 37.26
CA TYR C 307 8.96 -7.90 37.26
C TYR C 307 9.63 -8.16 35.90
N GLY C 308 10.36 -9.26 35.79
CA GLY C 308 11.00 -9.54 34.52
C GLY C 308 10.05 -10.33 33.63
N PRO C 309 10.32 -10.41 32.33
CA PRO C 309 9.40 -11.20 31.50
C PRO C 309 9.55 -12.63 32.00
N TYR C 310 8.58 -13.49 31.74
CA TYR C 310 8.70 -14.89 32.17
C TYR C 310 8.93 -15.24 33.66
N ASP C 311 9.04 -14.26 34.56
CA ASP C 311 9.22 -14.56 36.00
C ASP C 311 7.97 -15.25 36.52
N ALA C 312 6.82 -14.76 36.08
CA ALA C 312 5.55 -15.34 36.46
C ALA C 312 5.48 -16.81 36.01
N GLN C 313 6.14 -17.15 34.90
CA GLN C 313 6.12 -18.54 34.43
C GLN C 313 6.90 -19.41 35.39
N HIS C 314 7.96 -18.85 35.98
CA HIS C 314 8.83 -19.53 36.94
C HIS C 314 8.06 -19.74 38.23
N ALA C 315 7.45 -18.67 38.74
CA ALA C 315 6.67 -18.74 39.96
C ALA C 315 5.55 -19.78 39.86
N VAL C 316 4.76 -19.73 38.79
CA VAL C 316 3.70 -20.71 38.67
C VAL C 316 4.32 -22.11 38.57
N GLU C 317 5.58 -22.17 38.13
CA GLU C 317 6.32 -23.44 37.99
C GLU C 317 6.71 -24.00 39.36
N LYS C 318 7.17 -23.10 40.24
CA LYS C 318 7.57 -23.47 41.62
C LYS C 318 6.49 -24.34 42.25
N TYR C 319 5.22 -24.15 41.87
CA TYR C 319 4.18 -24.98 42.45
C TYR C 319 3.52 -25.95 41.48
N LYS C 320 4.23 -26.33 40.41
CA LYS C 320 3.70 -27.25 39.40
C LYS C 320 2.92 -28.41 40.03
N ASP C 321 3.50 -28.96 41.11
CA ASP C 321 2.93 -30.09 41.86
C ASP C 321 1.74 -29.79 42.79
N GLU C 322 1.55 -28.53 43.15
CA GLU C 322 0.45 -28.16 44.03
C GLU C 322 -0.74 -27.45 43.37
N LEU C 323 -0.48 -26.84 42.23
CA LEU C 323 -1.56 -26.18 41.50
C LEU C 323 -2.15 -27.28 40.61
N GLY C 324 -3.40 -27.64 40.86
CA GLY C 324 -4.02 -28.69 40.09
C GLY C 324 -4.56 -28.29 38.71
N ILE C 325 -3.75 -27.58 37.95
CA ILE C 325 -4.15 -27.12 36.64
C ILE C 325 -2.89 -26.95 35.83
N GLU C 326 -2.89 -27.48 34.62
CA GLU C 326 -1.70 -27.44 33.76
C GLU C 326 -1.43 -26.09 33.10
N VAL C 327 -0.28 -25.48 33.40
CA VAL C 327 0.08 -24.20 32.79
C VAL C 327 0.63 -24.41 31.40
N VAL C 328 0.22 -23.55 30.48
CA VAL C 328 0.69 -23.61 29.11
C VAL C 328 1.51 -22.33 28.96
N GLU C 329 2.81 -22.48 28.76
CA GLU C 329 3.69 -21.32 28.62
C GLU C 329 3.89 -20.90 27.18
N PHE C 330 4.22 -19.62 27.02
CA PHE C 330 4.47 -19.06 25.70
C PHE C 330 5.50 -17.99 25.85
N GLN C 331 6.37 -17.88 24.85
CA GLN C 331 7.34 -16.82 24.85
C GLN C 331 6.68 -15.79 23.96
N MET C 332 7.18 -14.57 24.01
CA MET C 332 6.66 -13.50 23.19
C MET C 332 6.30 -14.07 21.82
N VAL C 333 5.09 -13.79 21.36
CA VAL C 333 4.73 -14.27 20.05
C VAL C 333 4.84 -13.10 19.04
N THR C 334 5.45 -13.34 17.87
CA THR C 334 5.58 -12.28 16.86
C THR C 334 5.18 -12.66 15.47
N TYR C 335 5.16 -11.64 14.64
CA TYR C 335 4.77 -11.79 13.25
C TYR C 335 5.98 -11.91 12.30
N LEU C 336 5.99 -12.99 11.53
CA LEU C 336 7.04 -13.20 10.55
C LEU C 336 6.47 -12.75 9.20
N PRO C 337 6.79 -11.52 8.75
CA PRO C 337 6.29 -10.98 7.48
C PRO C 337 6.56 -11.82 6.24
N ASP C 338 7.81 -12.24 6.07
CA ASP C 338 8.17 -13.00 4.86
C ASP C 338 7.34 -14.27 4.69
N THR C 339 6.98 -14.92 5.79
CA THR C 339 6.20 -16.17 5.76
C THR C 339 4.74 -15.93 6.07
N ASP C 340 4.46 -14.76 6.64
CA ASP C 340 3.11 -14.39 7.09
C ASP C 340 2.61 -15.45 8.08
N GLU C 341 3.10 -15.39 9.31
CA GLU C 341 2.75 -16.35 10.33
C GLU C 341 3.25 -15.81 11.65
N TYR C 342 2.76 -16.41 12.73
CA TYR C 342 3.17 -16.01 14.07
C TYR C 342 3.72 -17.19 14.81
N ARG C 343 4.72 -16.94 15.64
CA ARG C 343 5.33 -17.97 16.45
C ARG C 343 6.07 -17.30 17.59
N PRO C 344 6.45 -18.09 18.61
CA PRO C 344 7.18 -17.58 19.76
C PRO C 344 8.58 -17.22 19.28
N VAL C 345 9.18 -16.18 19.84
CA VAL C 345 10.50 -15.79 19.41
C VAL C 345 11.43 -17.02 19.39
N ASP C 346 11.14 -17.99 20.24
CA ASP C 346 11.96 -19.19 20.33
C ASP C 346 11.88 -20.13 19.15
N GLN C 347 11.01 -19.83 18.21
CA GLN C 347 10.92 -20.72 17.07
C GLN C 347 11.29 -20.01 15.82
N VAL C 348 11.45 -18.70 15.86
CA VAL C 348 11.83 -18.01 14.64
C VAL C 348 13.27 -18.33 14.33
N PRO C 349 13.50 -19.00 13.21
CA PRO C 349 14.81 -19.42 12.72
C PRO C 349 15.79 -18.34 12.34
N ALA C 350 17.03 -18.79 12.24
CA ALA C 350 18.16 -17.99 11.82
C ALA C 350 17.82 -16.57 11.42
N GLY C 351 17.98 -16.26 10.14
CA GLY C 351 17.72 -14.91 9.69
C GLY C 351 16.33 -14.64 9.19
N VAL C 352 15.33 -14.84 10.04
CA VAL C 352 13.96 -14.62 9.63
C VAL C 352 13.43 -13.32 10.21
N LYS C 353 12.94 -12.43 9.34
CA LYS C 353 12.43 -11.14 9.83
C LYS C 353 11.21 -11.29 10.77
N THR C 354 10.93 -10.24 11.53
CA THR C 354 9.77 -10.20 12.40
C THR C 354 9.27 -8.76 12.45
N LEU C 355 8.07 -8.57 12.99
CA LEU C 355 7.43 -7.26 13.09
C LEU C 355 6.60 -7.24 14.33
N ASN C 356 6.48 -6.04 14.91
CA ASN C 356 5.71 -5.96 16.12
C ASN C 356 5.29 -4.53 16.36
N ILE C 357 4.05 -4.33 16.81
CA ILE C 357 3.58 -3.00 17.15
C ILE C 357 3.40 -2.92 18.67
N SER C 358 4.19 -2.05 19.32
CA SER C 358 4.16 -1.86 20.78
C SER C 358 2.91 -1.14 21.28
N GLY C 359 2.74 -1.11 22.60
CA GLY C 359 1.60 -0.41 23.16
C GLY C 359 1.66 1.06 22.75
N THR C 360 2.87 1.61 22.78
CA THR C 360 3.12 3.01 22.43
C THR C 360 2.86 3.31 20.98
N GLU C 361 3.33 2.44 20.10
CA GLU C 361 3.12 2.65 18.70
C GLU C 361 1.61 2.62 18.40
N LEU C 362 0.89 1.75 19.07
CA LEU C 362 -0.54 1.65 18.86
C LEU C 362 -1.23 2.94 19.28
N ARG C 363 -0.94 3.40 20.51
CA ARG C 363 -1.55 4.64 21.01
C ARG C 363 -1.17 5.81 20.09
N ARG C 364 0.03 5.76 19.55
CA ARG C 364 0.46 6.83 18.68
C ARG C 364 -0.41 6.89 17.44
N ARG C 365 -0.67 5.71 16.87
CA ARG C 365 -1.48 5.63 15.66
C ARG C 365 -2.93 5.93 15.97
N LEU C 366 -3.43 5.44 17.10
CA LEU C 366 -4.82 5.70 17.43
C LEU C 366 -5.03 7.20 17.59
N ARG C 367 -4.08 7.86 18.23
CA ARG C 367 -4.14 9.28 18.47
C ARG C 367 -3.99 10.11 17.19
N SER C 368 -3.22 9.61 16.24
CA SER C 368 -3.01 10.31 14.98
C SER C 368 -3.91 9.86 13.81
N GLY C 369 -4.69 8.79 14.01
CA GLY C 369 -5.55 8.30 12.94
C GLY C 369 -4.82 7.43 11.93
N ALA C 370 -3.52 7.23 12.15
CA ALA C 370 -2.69 6.41 11.26
C ALA C 370 -3.14 4.95 11.15
N HIS C 371 -2.85 4.35 10.00
CA HIS C 371 -3.22 2.96 9.72
C HIS C 371 -2.57 1.97 10.70
N ILE C 372 -3.32 0.89 10.98
CA ILE C 372 -2.90 -0.15 11.88
C ILE C 372 -3.04 -1.45 11.10
N PRO C 373 -1.91 -2.01 10.63
CA PRO C 373 -1.72 -3.23 9.84
C PRO C 373 -2.64 -4.38 10.20
N GLU C 374 -3.12 -5.09 9.20
CA GLU C 374 -3.99 -6.21 9.49
C GLU C 374 -3.22 -7.41 10.01
N TRP C 375 -1.90 -7.47 9.78
CA TRP C 375 -1.16 -8.63 10.30
C TRP C 375 -1.13 -8.45 11.80
N PHE C 376 -1.34 -7.21 12.25
CA PHE C 376 -1.28 -6.93 13.66
C PHE C 376 -2.57 -7.21 14.45
N SER C 377 -3.69 -6.77 13.91
CA SER C 377 -4.99 -6.92 14.59
C SER C 377 -6.10 -6.93 13.53
N TYR C 378 -7.16 -7.69 13.77
CA TYR C 378 -8.27 -7.75 12.80
C TYR C 378 -9.02 -6.43 12.65
N PRO C 379 -9.43 -6.12 11.42
CA PRO C 379 -10.15 -4.91 11.03
C PRO C 379 -11.26 -4.50 11.96
N GLU C 380 -12.13 -5.44 12.32
CA GLU C 380 -13.28 -5.11 13.18
C GLU C 380 -12.85 -4.73 14.59
N VAL C 381 -11.76 -5.30 15.07
CA VAL C 381 -11.26 -4.96 16.38
C VAL C 381 -10.66 -3.53 16.34
N VAL C 382 -9.84 -3.24 15.33
CA VAL C 382 -9.26 -1.93 15.24
C VAL C 382 -10.37 -0.89 15.14
N LYS C 383 -11.41 -1.20 14.38
CA LYS C 383 -12.49 -0.23 14.26
C LYS C 383 -13.00 0.11 15.63
N ILE C 384 -13.25 -0.90 16.46
CA ILE C 384 -13.76 -0.72 17.82
C ILE C 384 -12.80 0.08 18.71
N LEU C 385 -11.50 -0.15 18.54
CA LEU C 385 -10.56 0.58 19.34
C LEU C 385 -10.56 2.04 18.94
N ARG C 386 -10.73 2.36 17.65
CA ARG C 386 -10.72 3.75 17.26
C ARG C 386 -11.96 4.47 17.75
N GLU C 387 -13.07 3.74 17.91
CA GLU C 387 -14.29 4.38 18.38
C GLU C 387 -14.09 4.85 19.80
N SER C 388 -13.30 4.11 20.56
CA SER C 388 -13.06 4.46 21.96
C SER C 388 -11.92 5.43 22.23
N ASN C 389 -10.91 5.37 21.39
CA ASN C 389 -9.74 6.21 21.53
C ASN C 389 -9.56 6.88 20.19
N PRO C 390 -10.31 8.00 20.01
CA PRO C 390 -10.35 8.82 18.81
C PRO C 390 -9.11 9.62 18.63
N PRO C 391 -8.87 10.05 17.41
CA PRO C 391 -7.68 10.85 17.13
C PRO C 391 -7.83 12.24 17.75
N ARG C 392 -6.72 12.95 17.92
CA ARG C 392 -6.77 14.28 18.51
C ARG C 392 -7.76 15.14 17.75
N ALA C 393 -7.90 14.86 16.46
CA ALA C 393 -8.84 15.61 15.65
C ALA C 393 -10.27 15.59 16.22
N THR C 394 -10.67 14.59 17.00
CA THR C 394 -12.03 14.65 17.52
C THR C 394 -12.14 14.56 19.02
N GLN C 395 -11.00 14.58 19.70
CA GLN C 395 -11.01 14.54 21.17
C GLN C 395 -11.49 15.85 21.73
N GLY C 396 -12.15 15.85 22.87
CA GLY C 396 -12.52 17.12 23.45
C GLY C 396 -11.26 17.68 24.14
N PHE C 397 -11.34 18.90 24.66
CA PHE C 397 -10.23 19.48 25.41
C PHE C 397 -10.76 20.65 26.21
N THR C 398 -9.98 21.09 27.20
CA THR C 398 -10.41 22.24 27.99
C THR C 398 -9.35 23.34 27.94
N ILE C 399 -9.80 24.57 27.71
CA ILE C 399 -8.87 25.70 27.71
C ILE C 399 -9.25 26.41 29.00
N PHE C 400 -8.33 26.41 29.96
CA PHE C 400 -8.53 27.05 31.27
C PHE C 400 -7.79 28.41 31.32
N LEU C 401 -8.56 29.49 31.50
CA LEU C 401 -7.98 30.83 31.59
C LEU C 401 -8.01 31.34 33.02
N THR C 402 -6.88 31.91 33.45
CA THR C 402 -6.76 32.46 34.80
C THR C 402 -5.99 33.77 34.76
N GLY C 403 -6.49 34.77 35.49
CA GLY C 403 -5.85 36.08 35.56
C GLY C 403 -6.68 37.00 36.43
N TYR C 404 -6.23 38.24 36.68
CA TYR C 404 -7.03 39.12 37.53
C TYR C 404 -8.38 39.44 36.94
N MET C 405 -9.30 39.87 37.78
CA MET C 405 -10.60 40.25 37.29
C MET C 405 -10.29 41.40 36.34
N ASN C 406 -10.96 41.42 35.19
CA ASN C 406 -10.77 42.42 34.12
C ASN C 406 -9.37 42.47 33.47
N SER C 407 -8.73 41.31 33.33
CA SER C 407 -7.38 41.22 32.72
C SER C 407 -7.51 40.96 31.21
N GLY C 408 -8.76 40.82 30.74
CA GLY C 408 -9.03 40.58 29.34
C GLY C 408 -9.38 39.12 29.09
N LYS C 409 -9.26 38.30 30.13
CA LYS C 409 -9.53 36.88 30.03
C LYS C 409 -10.95 36.62 29.54
N ASP C 410 -11.91 37.45 29.92
CA ASP C 410 -13.28 37.21 29.46
C ASP C 410 -13.50 37.54 27.98
N ALA C 411 -12.76 38.52 27.46
CA ALA C 411 -12.89 38.85 26.05
C ALA C 411 -12.10 37.80 25.24
N ILE C 412 -10.94 37.40 25.73
CA ILE C 412 -10.18 36.38 25.06
C ILE C 412 -11.05 35.14 24.95
N ALA C 413 -11.69 34.75 26.03
CA ALA C 413 -12.57 33.58 26.04
C ALA C 413 -13.66 33.63 24.95
N ARG C 414 -14.45 34.69 24.90
CA ARG C 414 -15.50 34.81 23.88
C ARG C 414 -14.97 34.76 22.46
N ALA C 415 -13.81 35.39 22.25
CA ALA C 415 -13.18 35.41 20.94
C ALA C 415 -12.74 34.00 20.54
N LEU C 416 -12.10 33.31 21.47
CA LEU C 416 -11.66 31.95 21.23
C LEU C 416 -12.90 31.10 20.91
N GLN C 417 -14.01 31.34 21.59
CA GLN C 417 -15.20 30.56 21.29
C GLN C 417 -15.69 30.77 19.87
N VAL C 418 -15.76 32.01 19.45
CA VAL C 418 -16.19 32.28 18.11
C VAL C 418 -15.19 31.68 17.15
N THR C 419 -13.90 31.87 17.40
CA THR C 419 -12.89 31.29 16.51
C THR C 419 -13.02 29.77 16.32
N LEU C 420 -13.21 29.04 17.42
CA LEU C 420 -13.35 27.60 17.32
C LEU C 420 -14.66 27.26 16.62
N ASN C 421 -15.73 28.04 16.80
CA ASN C 421 -16.94 27.70 16.07
C ASN C 421 -16.71 27.90 14.58
N GLN C 422 -15.81 28.82 14.22
CA GLN C 422 -15.51 29.05 12.82
C GLN C 422 -14.74 27.84 12.34
N GLN C 423 -13.74 27.45 13.13
CA GLN C 423 -12.87 26.27 12.90
C GLN C 423 -13.71 25.01 12.64
N GLY C 424 -14.79 24.84 13.39
CA GLY C 424 -15.70 23.75 13.13
C GLY C 424 -15.74 22.37 13.73
N GLY C 425 -14.60 21.82 14.08
CA GLY C 425 -14.69 20.46 14.59
C GLY C 425 -15.71 20.03 15.65
N ARG C 426 -15.87 20.78 16.73
CA ARG C 426 -16.76 20.34 17.80
C ARG C 426 -17.72 21.33 18.45
N SER C 427 -18.52 20.83 19.42
CA SER C 427 -19.45 21.68 20.17
C SER C 427 -18.59 22.51 21.14
N VAL C 428 -18.80 23.82 21.19
CA VAL C 428 -18.02 24.66 22.09
C VAL C 428 -18.85 25.16 23.25
N SER C 429 -18.38 24.90 24.49
CA SER C 429 -19.07 25.34 25.71
C SER C 429 -18.23 26.42 26.37
N LEU C 430 -18.85 27.58 26.56
CA LEU C 430 -18.17 28.72 27.14
C LEU C 430 -18.64 28.93 28.55
N LEU C 431 -17.65 28.86 29.44
CA LEU C 431 -17.82 29.04 30.88
C LEU C 431 -16.97 30.27 31.33
N LEU C 432 -17.60 31.43 31.25
CA LEU C 432 -16.99 32.69 31.66
C LEU C 432 -17.14 32.77 33.18
N GLY C 433 -16.13 33.33 33.83
CA GLY C 433 -16.17 33.46 35.27
C GLY C 433 -17.55 33.84 35.78
N ASP C 434 -18.09 34.94 35.26
CA ASP C 434 -19.39 35.41 35.70
C ASP C 434 -20.53 34.48 35.40
N THR C 435 -20.44 33.75 34.28
CA THR C 435 -21.52 32.82 33.93
C THR C 435 -21.51 31.63 34.89
N VAL C 436 -20.31 31.12 35.17
CA VAL C 436 -20.16 30.01 36.10
C VAL C 436 -20.79 30.44 37.42
N ARG C 437 -20.34 31.61 37.93
CA ARG C 437 -20.82 32.18 39.19
C ARG C 437 -22.33 32.29 39.20
N HIS C 438 -22.93 32.76 38.12
CA HIS C 438 -24.36 32.87 38.13
C HIS C 438 -25.05 31.50 37.97
N GLU C 439 -24.58 30.70 37.01
CA GLU C 439 -25.20 29.42 36.70
C GLU C 439 -24.91 28.22 37.59
N LEU C 440 -23.70 28.18 38.13
CA LEU C 440 -23.31 27.04 38.95
C LEU C 440 -22.98 27.36 40.43
N SER C 441 -22.43 28.54 40.68
CA SER C 441 -22.03 28.94 42.03
C SER C 441 -22.74 30.22 42.52
N SER C 442 -24.03 30.35 42.24
CA SER C 442 -24.75 31.56 42.63
C SER C 442 -24.71 31.83 44.14
N GLU C 443 -24.48 30.78 44.93
CA GLU C 443 -24.45 30.90 46.40
C GLU C 443 -23.11 30.83 47.10
N LEU C 444 -22.02 30.69 46.36
CA LEU C 444 -20.74 30.64 47.03
C LEU C 444 -20.25 32.06 47.32
N GLY C 445 -19.21 32.16 48.16
CA GLY C 445 -18.67 33.46 48.52
C GLY C 445 -17.26 33.57 47.98
N PHE C 446 -16.37 34.32 48.63
CA PHE C 446 -15.03 34.44 48.09
C PHE C 446 -13.90 34.07 49.03
N THR C 447 -14.27 33.21 49.95
CA THR C 447 -13.37 32.68 50.96
C THR C 447 -12.48 31.66 50.22
N ARG C 448 -11.23 31.50 50.64
CA ARG C 448 -10.34 30.51 50.03
C ARG C 448 -11.06 29.18 49.74
N GLU C 449 -11.81 28.68 50.71
CA GLU C 449 -12.56 27.42 50.58
C GLU C 449 -13.68 27.52 49.53
N ASP C 450 -14.43 28.62 49.56
CA ASP C 450 -15.53 28.86 48.61
C ASP C 450 -15.06 29.00 47.16
N ARG C 451 -13.90 29.62 46.95
CA ARG C 451 -13.34 29.77 45.62
C ARG C 451 -12.92 28.39 45.18
N HIS C 452 -12.14 27.72 46.02
CA HIS C 452 -11.72 26.36 45.70
C HIS C 452 -12.91 25.48 45.32
N THR C 453 -14.02 25.60 46.06
CA THR C 453 -15.19 24.80 45.74
C THR C 453 -15.65 25.15 44.32
N ASN C 454 -15.74 26.45 44.05
CA ASN C 454 -16.15 26.94 42.74
C ASN C 454 -15.32 26.32 41.62
N ILE C 455 -14.00 26.43 41.72
CA ILE C 455 -13.11 25.86 40.69
C ILE C 455 -13.30 24.36 40.53
N GLN C 456 -13.69 23.66 41.59
CA GLN C 456 -13.91 22.23 41.45
C GLN C 456 -15.17 22.05 40.64
N ARG C 457 -16.17 22.88 40.90
CA ARG C 457 -17.42 22.80 40.17
C ARG C 457 -17.20 23.01 38.66
N ILE C 458 -16.28 23.90 38.31
CA ILE C 458 -15.98 24.13 36.91
C ILE C 458 -15.34 22.84 36.40
N ALA C 459 -14.34 22.34 37.11
CA ALA C 459 -13.66 21.09 36.71
C ALA C 459 -14.60 19.88 36.54
N PHE C 460 -15.65 19.79 37.37
CA PHE C 460 -16.57 18.67 37.26
C PHE C 460 -17.30 18.75 35.94
N VAL C 461 -17.80 19.94 35.61
CA VAL C 461 -18.53 20.15 34.36
C VAL C 461 -17.61 20.06 33.15
N ALA C 462 -16.41 20.65 33.26
CA ALA C 462 -15.44 20.63 32.17
C ALA C 462 -15.07 19.21 31.79
N THR C 463 -14.86 18.37 32.81
CA THR C 463 -14.49 16.99 32.57
C THR C 463 -15.60 16.25 31.83
N GLU C 464 -16.84 16.34 32.29
CA GLU C 464 -17.90 15.66 31.56
C GLU C 464 -18.00 16.13 30.10
N LEU C 465 -17.86 17.42 29.86
CA LEU C 465 -17.93 17.93 28.49
C LEU C 465 -16.71 17.43 27.71
N THR C 466 -15.53 17.49 28.31
CA THR C 466 -14.36 17.04 27.58
C THR C 466 -14.48 15.58 27.14
N ARG C 467 -15.04 14.79 28.04
CA ARG C 467 -15.24 13.39 27.81
C ARG C 467 -16.21 13.19 26.66
N ALA C 468 -17.11 14.17 26.43
CA ALA C 468 -18.08 14.07 25.32
C ALA C 468 -17.54 14.69 24.03
N GLY C 469 -16.25 15.05 24.08
CA GLY C 469 -15.53 15.60 22.93
C GLY C 469 -15.77 17.05 22.60
N ALA C 470 -16.20 17.82 23.60
CA ALA C 470 -16.45 19.21 23.33
C ALA C 470 -15.16 19.99 23.54
N ALA C 471 -15.21 21.26 23.18
CA ALA C 471 -14.08 22.16 23.39
C ALA C 471 -14.67 23.04 24.49
N VAL C 472 -14.08 22.96 25.68
CA VAL C 472 -14.53 23.74 26.81
C VAL C 472 -13.57 24.88 27.04
N ILE C 473 -14.16 26.06 27.18
CA ILE C 473 -13.43 27.29 27.44
C ILE C 473 -13.99 27.86 28.74
N ALA C 474 -13.14 27.90 29.78
CA ALA C 474 -13.51 28.44 31.09
C ALA C 474 -12.56 29.59 31.44
N ALA C 475 -13.14 30.66 32.00
CA ALA C 475 -12.33 31.80 32.38
C ALA C 475 -12.75 32.40 33.71
N PRO C 476 -12.36 31.74 34.82
CA PRO C 476 -12.70 32.25 36.14
C PRO C 476 -11.42 32.91 36.61
N ILE C 477 -11.43 33.55 37.78
CA ILE C 477 -10.20 34.17 38.26
C ILE C 477 -9.17 33.08 38.61
N ALA C 478 -9.61 32.09 39.41
CA ALA C 478 -8.78 30.96 39.86
C ALA C 478 -7.47 31.45 40.46
N PRO C 479 -7.56 32.13 41.61
CA PRO C 479 -6.41 32.69 42.34
C PRO C 479 -5.43 31.71 42.96
N TYR C 480 -5.93 30.55 43.40
CA TYR C 480 -5.06 29.56 44.05
C TYR C 480 -4.61 28.38 43.23
N GLU C 481 -3.30 28.16 43.19
CA GLU C 481 -2.69 27.06 42.45
C GLU C 481 -3.32 25.73 42.85
N GLU C 482 -3.81 25.63 44.07
CA GLU C 482 -4.40 24.36 44.50
C GLU C 482 -5.62 24.02 43.65
N SER C 483 -6.55 24.96 43.53
CA SER C 483 -7.76 24.77 42.74
C SER C 483 -7.44 24.47 41.27
N ARG C 484 -6.45 25.17 40.73
CA ARG C 484 -6.05 24.98 39.34
C ARG C 484 -5.51 23.57 39.09
N LYS C 485 -4.60 23.10 39.94
CA LYS C 485 -4.07 21.76 39.76
C LYS C 485 -5.21 20.74 39.92
N PHE C 486 -6.17 21.00 40.81
CA PHE C 486 -7.29 20.09 40.99
C PHE C 486 -7.99 19.98 39.64
N ALA C 487 -8.32 21.14 39.04
CA ALA C 487 -9.01 21.25 37.73
C ALA C 487 -8.23 20.45 36.70
N ARG C 488 -6.94 20.75 36.55
CA ARG C 488 -6.10 20.03 35.59
C ARG C 488 -6.12 18.51 35.80
N ASP C 489 -6.14 18.05 37.04
CA ASP C 489 -6.14 16.61 37.25
C ASP C 489 -7.44 15.98 36.85
N ALA C 490 -8.56 16.61 37.18
CA ALA C 490 -9.87 16.09 36.82
C ALA C 490 -10.11 16.00 35.29
N VAL C 491 -9.81 17.08 34.59
CA VAL C 491 -9.97 17.11 33.16
C VAL C 491 -9.01 16.12 32.49
N SER C 492 -7.77 16.06 32.96
CA SER C 492 -6.82 15.12 32.36
C SER C 492 -7.30 13.68 32.38
N GLN C 493 -8.30 13.39 33.19
CA GLN C 493 -8.86 12.05 33.27
C GLN C 493 -9.63 11.78 31.99
N ALA C 494 -10.18 12.84 31.40
CA ALA C 494 -10.97 12.68 30.20
C ALA C 494 -10.34 13.18 28.91
N GLY C 495 -9.35 14.07 29.00
CA GLY C 495 -8.73 14.62 27.81
C GLY C 495 -7.71 15.71 28.12
N SER C 496 -7.28 16.45 27.12
CA SER C 496 -6.28 17.47 27.36
C SER C 496 -6.78 18.73 28.05
N PHE C 497 -5.90 19.26 28.89
CA PHE C 497 -6.18 20.46 29.68
C PHE C 497 -5.03 21.42 29.38
N PHE C 498 -5.38 22.68 29.08
CA PHE C 498 -4.39 23.71 28.78
C PHE C 498 -4.63 24.90 29.71
N LEU C 499 -3.59 25.33 30.40
CA LEU C 499 -3.75 26.47 31.28
C LEU C 499 -3.14 27.67 30.61
N VAL C 500 -3.97 28.68 30.38
CA VAL C 500 -3.50 29.92 29.76
C VAL C 500 -3.60 30.98 30.81
N HIS C 501 -2.43 31.53 31.18
CA HIS C 501 -2.33 32.58 32.17
C HIS C 501 -2.37 33.96 31.52
N VAL C 502 -3.50 34.65 31.69
CA VAL C 502 -3.68 36.00 31.16
C VAL C 502 -2.98 36.87 32.19
N ALA C 503 -1.66 37.00 32.03
CA ALA C 503 -0.83 37.76 32.96
C ALA C 503 -0.89 39.29 32.87
N THR C 504 -2.05 39.80 32.45
CA THR C 504 -2.26 41.24 32.37
C THR C 504 -2.05 41.84 33.78
N PRO C 505 -1.08 42.78 33.94
CA PRO C 505 -0.74 43.46 35.20
C PRO C 505 -1.91 44.14 35.91
N LEU C 506 -1.98 43.96 37.22
CA LEU C 506 -3.05 44.52 38.05
C LEU C 506 -3.38 45.99 37.82
N GLU C 507 -2.36 46.82 37.58
CA GLU C 507 -2.53 48.26 37.35
C GLU C 507 -3.42 48.46 36.12
N HIS C 508 -3.01 47.85 35.02
CA HIS C 508 -3.76 47.93 33.77
C HIS C 508 -5.22 47.51 33.99
N CYS C 509 -5.43 46.34 34.61
CA CYS C 509 -6.77 45.81 34.87
C CYS C 509 -7.58 46.83 35.62
N GLU C 510 -7.00 47.32 36.72
CA GLU C 510 -7.69 48.27 37.58
C GLU C 510 -8.01 49.57 36.86
N GLN C 511 -7.03 50.10 36.15
CA GLN C 511 -7.21 51.35 35.43
C GLN C 511 -8.23 51.32 34.32
N SER C 512 -8.57 50.14 33.82
CA SER C 512 -9.53 50.07 32.73
C SER C 512 -10.90 49.54 33.14
N ASP C 513 -11.07 49.29 34.42
CA ASP C 513 -12.33 48.78 34.89
C ASP C 513 -13.46 49.78 34.69
N LYS C 514 -14.35 49.51 33.74
CA LYS C 514 -15.47 50.40 33.45
C LYS C 514 -16.68 50.15 34.35
N ARG C 515 -16.56 49.18 35.26
CA ARG C 515 -17.69 48.85 36.13
C ARG C 515 -17.50 49.37 37.56
N GLY C 516 -16.40 50.08 37.80
CA GLY C 516 -16.13 50.60 39.13
C GLY C 516 -16.16 49.53 40.22
N ILE C 517 -15.72 48.32 39.90
CA ILE C 517 -15.70 47.27 40.89
C ILE C 517 -14.38 47.41 41.64
N TYR C 518 -13.27 47.61 40.93
CA TYR C 518 -12.01 47.79 41.62
C TYR C 518 -12.12 49.05 42.46
N ALA C 519 -12.99 49.97 42.04
CA ALA C 519 -13.22 51.22 42.77
C ALA C 519 -13.85 50.91 44.14
N ALA C 520 -14.98 50.19 44.15
CA ALA C 520 -15.66 49.82 45.39
C ALA C 520 -14.76 48.99 46.31
N ALA C 521 -13.85 48.21 45.74
CA ALA C 521 -12.93 47.39 46.55
C ALA C 521 -11.97 48.33 47.25
N ARG C 522 -11.47 49.30 46.48
CA ARG C 522 -10.53 50.30 46.98
C ARG C 522 -11.12 51.18 48.10
N ARG C 523 -12.42 51.46 48.06
CA ARG C 523 -13.00 52.23 49.15
C ARG C 523 -13.74 51.26 50.08
N GLY C 524 -13.16 50.07 50.23
CA GLY C 524 -13.68 49.01 51.10
C GLY C 524 -15.12 48.53 51.03
N GLU C 525 -15.88 48.87 49.99
CA GLU C 525 -17.27 48.41 49.90
C GLU C 525 -17.33 46.92 49.58
N ILE C 526 -16.22 46.38 49.06
CA ILE C 526 -16.09 44.96 48.71
C ILE C 526 -14.84 44.38 49.40
N LYS C 527 -15.10 43.60 50.44
CA LYS C 527 -14.05 42.98 51.23
C LYS C 527 -13.38 41.80 50.49
N GLY C 528 -12.10 41.60 50.78
CA GLY C 528 -11.34 40.50 50.21
C GLY C 528 -11.32 40.33 48.70
N PHE C 529 -11.38 41.43 47.97
CA PHE C 529 -11.35 41.38 46.50
C PHE C 529 -9.97 41.04 45.96
N THR C 530 -9.88 40.00 45.13
CA THR C 530 -8.60 39.58 44.57
C THR C 530 -7.76 40.75 44.07
N GLY C 531 -6.48 40.77 44.44
CA GLY C 531 -5.61 41.85 44.02
C GLY C 531 -5.58 43.08 44.93
N VAL C 532 -6.68 43.33 45.63
CA VAL C 532 -6.81 44.45 46.58
C VAL C 532 -6.60 43.90 48.01
N ASP C 533 -7.31 42.82 48.33
CA ASP C 533 -7.23 42.12 49.63
C ASP C 533 -6.77 40.68 49.41
N ASP C 534 -7.66 39.84 48.90
CA ASP C 534 -7.34 38.43 48.61
C ASP C 534 -6.14 38.34 47.69
N PRO C 535 -5.39 37.24 47.80
CA PRO C 535 -4.19 37.06 46.96
C PRO C 535 -4.50 36.49 45.56
N TYR C 536 -3.45 36.36 44.76
CA TYR C 536 -3.53 35.76 43.43
C TYR C 536 -2.23 34.98 43.27
N GLU C 537 -2.30 33.68 43.51
CA GLU C 537 -1.11 32.86 43.38
C GLU C 537 -0.77 32.77 41.91
N THR C 538 0.31 33.43 41.52
CA THR C 538 0.75 33.41 40.13
C THR C 538 1.08 32.00 39.68
N PRO C 539 0.55 31.59 38.51
CA PRO C 539 0.80 30.26 37.94
C PRO C 539 2.27 30.07 37.67
N GLU C 540 2.81 28.92 38.06
CA GLU C 540 4.23 28.65 37.86
C GLU C 540 4.56 28.03 36.50
N LYS C 541 3.82 26.98 36.12
CA LYS C 541 4.07 26.33 34.83
C LYS C 541 2.78 26.23 33.99
N ALA C 542 2.40 27.33 33.37
CA ALA C 542 1.21 27.33 32.53
C ALA C 542 1.67 26.89 31.14
N ASP C 543 0.70 26.52 30.28
CA ASP C 543 0.99 26.06 28.93
C ASP C 543 1.22 27.29 28.04
N LEU C 544 0.70 28.41 28.47
CA LEU C 544 0.82 29.61 27.68
C LEU C 544 0.55 30.82 28.56
N VAL C 545 1.41 31.84 28.42
CA VAL C 545 1.29 33.09 29.16
C VAL C 545 1.11 34.22 28.14
N VAL C 546 0.07 35.03 28.37
CA VAL C 546 -0.25 36.15 27.49
C VAL C 546 -0.52 37.39 28.32
N ASP C 547 -0.52 38.55 27.66
CA ASP C 547 -0.72 39.83 28.32
C ASP C 547 -1.58 40.78 27.46
N PHE C 548 -2.79 41.09 27.94
CA PHE C 548 -3.69 41.98 27.21
C PHE C 548 -3.13 43.39 27.16
N SER C 549 -1.99 43.58 27.80
CA SER C 549 -1.30 44.87 27.87
C SER C 549 -0.38 45.01 26.67
N LYS C 550 0.24 43.89 26.29
CA LYS C 550 1.17 43.86 25.18
C LYS C 550 0.67 43.18 23.89
N GLN C 551 -0.34 42.32 24.00
CA GLN C 551 -0.90 41.63 22.84
C GLN C 551 -2.38 41.91 22.78
N SER C 552 -2.97 41.70 21.60
CA SER C 552 -4.41 41.94 21.43
C SER C 552 -5.17 40.66 21.52
N VAL C 553 -6.47 40.78 21.77
CA VAL C 553 -7.33 39.60 21.87
C VAL C 553 -7.06 38.72 20.67
N ARG C 554 -7.15 39.33 19.50
CA ARG C 554 -6.93 38.60 18.27
C ARG C 554 -5.65 37.75 18.20
N SER C 555 -4.50 38.28 18.63
CA SER C 555 -3.29 37.47 18.55
C SER C 555 -3.11 36.54 19.73
N ILE C 556 -3.81 36.80 20.82
CA ILE C 556 -3.73 35.90 21.97
C ILE C 556 -4.49 34.66 21.48
N VAL C 557 -5.65 34.91 20.88
CA VAL C 557 -6.44 33.83 20.34
C VAL C 557 -5.62 33.07 19.30
N HIS C 558 -4.85 33.79 18.49
CA HIS C 558 -4.03 33.15 17.48
C HIS C 558 -2.96 32.29 18.12
N GLU C 559 -2.41 32.71 19.26
CA GLU C 559 -1.38 31.91 19.90
C GLU C 559 -1.95 30.61 20.51
N ILE C 560 -3.15 30.70 21.09
CA ILE C 560 -3.81 29.53 21.63
C ILE C 560 -4.06 28.54 20.47
N ILE C 561 -4.69 29.03 19.40
CA ILE C 561 -4.98 28.23 18.21
C ILE C 561 -3.74 27.52 17.73
N LEU C 562 -2.62 28.22 17.62
CA LEU C 562 -1.40 27.56 17.19
C LEU C 562 -0.98 26.37 18.06
N VAL C 563 -1.25 26.45 19.36
CA VAL C 563 -0.91 25.38 20.29
C VAL C 563 -1.82 24.17 20.05
N LEU C 564 -3.13 24.41 19.96
CA LEU C 564 -4.06 23.32 19.67
C LEU C 564 -3.66 22.64 18.34
N GLU C 565 -3.24 23.44 17.36
CA GLU C 565 -2.84 22.94 16.06
C GLU C 565 -1.60 22.07 16.16
N SER C 566 -0.56 22.54 16.83
CA SER C 566 0.67 21.73 16.95
C SER C 566 0.44 20.35 17.58
N GLN C 567 -0.60 20.23 18.39
CA GLN C 567 -0.87 18.95 19.03
C GLN C 567 -1.87 18.07 18.29
N GLY C 568 -2.32 18.53 17.11
CA GLY C 568 -3.23 17.75 16.28
C GLY C 568 -4.73 17.87 16.46
N PHE C 569 -5.16 18.80 17.30
CA PHE C 569 -6.58 18.97 17.56
C PHE C 569 -7.32 19.62 16.42
N LEU C 570 -6.62 20.34 15.56
CA LEU C 570 -7.32 20.99 14.48
C LEU C 570 -7.21 20.29 13.10
N GLU C 571 -6.58 19.12 13.10
CA GLU C 571 -6.48 18.26 11.91
C GLU C 571 -7.90 17.97 11.39
N ARG C 572 -8.02 17.32 10.25
CA ARG C 572 -9.37 17.00 9.73
C ARG C 572 -9.85 15.60 10.13
N GLN C 573 -11.14 15.54 10.49
CA GLN C 573 -11.80 14.32 10.97
C GLN C 573 -12.36 13.39 9.89
SB ADX D . 9.64 -23.35 -21.32
O1B ADX D . 9.65 -24.79 -21.04
O2B ADX D . 10.92 -22.73 -21.58
O3B ADX D . 8.72 -23.00 -22.42
PA ADX D . 8.48 -21.14 -19.89
O1A ADX D . 7.11 -21.20 -20.38
O2A ADX D . 8.64 -20.67 -18.48
O3A ADX D . 9.02 -22.66 -20.01
O5' ADX D . 9.46 -20.40 -20.94
C5' ADX D . 9.29 -19.14 -21.35
C4' ADX D . 10.26 -18.86 -22.45
O4' ADX D . 10.89 -17.66 -22.01
C3' ADX D . 11.50 -19.77 -22.67
O3' ADX D . 12.26 -19.30 -23.85
C2' ADX D . 12.34 -19.40 -21.41
O2' ADX D . 13.69 -19.78 -21.56
C1' ADX D . 12.20 -17.91 -21.34
N9 ADX D . 12.07 -17.29 -20.05
C8 ADX D . 11.18 -17.53 -19.05
N7 ADX D . 11.25 -16.76 -18.01
C5 ADX D . 12.29 -15.94 -18.34
C6 ADX D . 12.85 -14.87 -17.63
N6 ADX D . 12.41 -14.47 -16.43
N1 ADX D . 13.88 -14.27 -18.26
C2 ADX D . 14.30 -14.71 -19.49
N3 ADX D . 13.86 -15.69 -20.27
C4 ADX D . 12.82 -16.27 -19.60
SB ADX E . -14.09 -52.83 3.05
O1B ADX E . -13.36 -51.64 3.54
O2B ADX E . -14.56 -52.83 1.68
O3B ADX E . -13.30 -54.01 3.37
PA ADX E . -16.70 -51.99 3.88
O1A ADX E . -16.31 -50.97 4.85
O2A ADX E . -16.97 -51.64 2.47
O3A ADX E . -15.42 -52.93 3.91
O5' ADX E . -17.94 -52.88 4.39
C5' ADX E . -18.13 -53.44 5.64
C4' ADX E . -19.62 -53.35 5.84
O4' ADX E . -20.16 -54.63 5.32
C3' ADX E . -20.14 -53.28 7.27
O3' ADX E . -21.60 -53.11 7.33
C2' ADX E . -20.00 -54.74 7.65
O2' ADX E . -20.84 -54.99 8.77
C1' ADX E . -20.44 -55.54 6.40
N9 ADX E . -19.72 -56.76 6.12
C8 ADX E . -20.22 -57.87 5.50
N7 ADX E . -19.41 -58.88 5.31
C5 ADX E . -18.24 -58.39 5.86
C6 ADX E . -16.98 -59.00 5.98
N6 ADX E . -16.71 -60.25 5.49
N1 ADX E . -16.03 -58.23 6.61
C2 ADX E . -16.34 -56.98 7.07
N3 ADX E . -17.48 -56.29 7.02
C4 ADX E . -18.41 -57.10 6.38
SB ADX F . 12.26 30.51 -5.40
O1B ADX F . 13.11 30.64 -6.62
O2B ADX F . 12.86 30.70 -4.10
O3B ADX F . 11.03 31.34 -5.44
PA ADX F . 10.84 28.11 -4.66
O1A ADX F . 9.56 28.80 -4.96
O2A ADX F . 11.11 26.74 -5.15
O3A ADX F . 11.95 28.96 -5.44
O5' ADX F . 11.10 28.22 -3.05
C5' ADX F . 10.19 28.80 -2.23
C4' ADX F . 10.79 29.57 -1.07
O4' ADX F . 11.00 28.58 -0.04
C3' ADX F . 12.20 30.23 -1.18
O3' ADX F . 12.57 31.01 0.05
C2' ADX F . 13.05 28.91 -1.15
O2' ADX F . 14.45 29.14 -0.99
C1' ADX F . 12.40 28.12 -0.02
N9 ADX F . 12.46 26.70 -0.10
C8 ADX F . 12.25 25.88 -1.16
N7 ADX F . 12.36 24.60 -0.91
C5 ADX F . 12.65 24.57 0.44
C6 ADX F . 12.89 23.47 1.34
N6 ADX F . 12.84 22.18 1.00
N1 ADX F . 13.16 23.86 2.61
C2 ADX F . 13.22 25.18 2.96
N3 ADX F . 13.02 26.27 2.24
C4 ADX F . 12.73 25.86 0.94
SB ADX G . 8.59 22.05 -48.97
O1B ADX G . 8.40 21.13 -47.84
O2B ADX G . 8.08 23.41 -48.77
O3B ADX G . 9.96 21.99 -49.36
PA ADX G . 6.32 20.84 -50.14
O1A ADX G . 6.58 19.46 -49.59
O2A ADX G . 5.48 21.79 -49.34
O3A ADX G . 7.75 21.50 -50.20
O5' ADX G . 5.80 20.76 -51.68
C5' ADX G . 6.14 19.79 -52.63
C4' ADX G . 4.83 19.48 -53.26
O4' ADX G . 4.67 20.60 -54.21
C3' ADX G . 4.69 18.23 -54.18
O3' ADX G . 3.29 18.03 -54.63
C2' ADX G . 5.42 18.77 -55.48
O2' ADX G . 5.09 18.04 -56.67
C1' ADX G . 5.02 20.23 -55.60
N9 ADX G . 6.10 21.07 -56.09
C8 ADX G . 5.98 22.14 -56.93
N7 ADX G . 7.10 22.76 -57.23
C5 ADX G . 8.05 22.07 -56.56
C6 ADX G . 9.43 22.24 -56.47
N6 ADX G . 10.10 23.21 -57.12
N1 ADX G . 10.08 21.33 -55.67
C2 ADX G . 9.39 20.37 -55.04
N3 ADX G . 8.08 20.10 -55.03
C4 ADX G . 7.46 21.02 -55.83
SB ADX H . -2.38 -9.40 31.57
O1B ADX H . -2.41 -8.32 32.57
O2B ADX H . -1.38 -10.48 31.80
O3B ADX H . -3.74 -9.94 31.35
PA ADX H . -2.35 -8.98 28.69
O1A ADX H . -3.84 -8.94 28.75
O2A ADX H . -1.63 -8.01 27.81
O3A ADX H . -1.87 -8.68 30.21
O5' ADX H . -1.82 -10.46 28.41
C5' ADX H . -2.66 -11.44 28.06
C4' ADX H . -2.17 -12.76 28.50
O4' ADX H . -1.50 -13.19 27.27
C3' ADX H . -1.04 -12.88 29.56
O3' ADX H . -0.81 -14.28 29.93
C2' ADX H . 0.24 -12.45 28.69
O2' ADX H . 1.50 -12.88 29.21
C1' ADX H . -0.02 -13.07 27.33
N9 ADX H . 0.50 -12.35 26.20
C8 ADX H . 0.15 -11.12 25.72
N7 ADX H . 0.77 -10.68 24.62
C5 ADX H . 1.62 -11.73 24.35
C6 ADX H . 2.55 -11.91 23.28
N6 ADX H . 2.77 -11.00 22.29
N1 ADX H . 3.23 -13.10 23.34
C2 ADX H . 2.99 -14.02 24.36
N3 ADX H . 2.12 -13.98 25.42
C4 ADX H . 1.47 -12.78 25.34
SB ADX I . -12.80 32.75 41.44
O1B ADX I . -13.77 31.64 41.31
O2B ADX I . -12.83 33.37 42.75
O3B ADX I . -11.42 32.34 41.08
PA ADX I . -14.83 34.21 39.94
O1A ADX I . -15.01 33.41 38.74
O2A ADX I . -15.71 33.90 41.09
O3A ADX I . -13.29 33.88 40.39
O5' ADX I . -14.86 35.79 39.53
C5' ADX I . -15.31 36.79 40.34
C4' ADX I . -16.49 37.44 39.71
O4' ADX I . -17.23 37.91 40.88
C3' ADX I . -16.24 38.74 38.91
O3' ADX I . -17.46 39.31 38.26
C2' ADX I . -15.90 39.72 40.08
O2' ADX I . -15.99 41.10 39.66
C1' ADX I . -16.91 39.31 41.21
N9 ADX I . -16.36 39.35 42.59
C8 ADX I . -17.09 39.56 43.70
N7 ADX I . -16.46 39.55 44.85
C5 ADX I . -15.17 39.32 44.49
C6 ADX I . -14.02 39.18 45.30
N6 ADX I . -14.05 39.28 46.64
N1 ADX I . -12.86 38.94 44.61
C2 ADX I . -12.87 38.83 43.24
N3 ADX I . -13.88 38.93 42.36
C4 ADX I . -15.05 39.18 43.09
#